data_2EJ0
#
_entry.id   2EJ0
#
_cell.length_a   115.880
_cell.length_b   143.690
_cell.length_c   146.580
_cell.angle_alpha   90.00
_cell.angle_beta   90.00
_cell.angle_gamma   90.00
#
_symmetry.space_group_name_H-M   'P 21 21 21'
#
loop_
_entity.id
_entity.type
_entity.pdbx_description
1 polymer 'Branched-chain amino acid aminotransferase'
2 non-polymer "4'-DEOXY-4'-AMINOPYRIDOXAL-5'-PHOSPHATE"
3 non-polymer (4S)-2-METHYL-2,4-PENTANEDIOL
4 water water
#
_entity_poly.entity_id   1
_entity_poly.type   'polypeptide(L)'
_entity_poly.pdbx_seq_one_letter_code
;MQIKAGLIWMNGAFVPQEEAKTSVLSHALHYGTSVFEGIRAYETAKGPAIFRLKEHVKRFYNSAKVLRMEIPFAPEELEE
AIKEVVRRNGYRSCYIRPLAWMGAKALGVNPLPNNPAEVMVAAWEWGAYLGEEAVRKGARLITSSWARFPANVMPGKAKV
GGNYVNSALAKMEAVAAGADEALLLDEEGYVAEGSGENLFFVRDGVIYALEHSVNLEGITRDSVIRIAKDLGYEVQVVRA
TRDQLYMADEVFMTGTAAEVTPVSMIDWRPIGKGTAGPVALRLREVYLEAVTGRRPEYEGWLTYVNGQ
;
_entity_poly.pdbx_strand_id   A,B,C,D,E,F
#
loop_
_chem_comp.id
_chem_comp.type
_chem_comp.name
_chem_comp.formula
MPD non-polymer (4S)-2-METHYL-2,4-PENTANEDIOL 'C6 H14 O2'
PMP non-polymer 4'-DEOXY-4'-AMINOPYRIDOXAL-5'-PHOSPHATE 'C8 H13 N2 O5 P'
#
# COMPACT_ATOMS: atom_id res chain seq x y z
N GLN A 2 -12.88 33.42 -24.21
CA GLN A 2 -11.45 33.82 -24.07
C GLN A 2 -11.23 34.50 -22.71
N ILE A 3 -9.97 34.57 -22.30
CA ILE A 3 -9.61 35.20 -21.03
C ILE A 3 -9.26 36.66 -21.28
N LYS A 4 -9.87 37.55 -20.51
CA LYS A 4 -9.62 38.98 -20.64
C LYS A 4 -8.48 39.38 -19.69
N ALA A 5 -7.25 39.06 -20.09
CA ALA A 5 -6.08 39.35 -19.27
C ALA A 5 -5.49 40.74 -19.51
N GLY A 6 -5.48 41.16 -20.76
CA GLY A 6 -4.92 42.47 -21.09
C GLY A 6 -3.41 42.42 -21.18
N LEU A 7 -2.74 43.36 -20.51
CA LEU A 7 -1.29 43.42 -20.53
C LEU A 7 -0.68 42.31 -19.69
N ILE A 8 0.21 41.54 -20.30
CA ILE A 8 0.88 40.43 -19.63
C ILE A 8 2.38 40.65 -19.52
N TRP A 9 2.93 40.41 -18.34
CA TRP A 9 4.37 40.57 -18.13
C TRP A 9 5.04 39.33 -18.73
N MET A 10 5.93 39.55 -19.69
CA MET A 10 6.65 38.46 -20.34
C MET A 10 8.15 38.61 -20.18
N ASN A 11 8.76 37.75 -19.38
CA ASN A 11 10.20 37.78 -19.14
C ASN A 11 10.83 39.17 -19.04
N GLY A 12 10.27 40.02 -18.18
CA GLY A 12 10.84 41.34 -18.01
C GLY A 12 10.10 42.54 -18.54
N ALA A 13 9.10 42.33 -19.40
CA ALA A 13 8.36 43.46 -19.95
C ALA A 13 6.92 43.12 -20.29
N PHE A 14 6.04 44.11 -20.18
CA PHE A 14 4.63 43.90 -20.48
C PHE A 14 4.37 43.97 -21.97
N VAL A 15 3.47 43.11 -22.44
CA VAL A 15 3.11 43.06 -23.84
C VAL A 15 1.62 42.75 -23.95
N PRO A 16 1.00 43.09 -25.09
CA PRO A 16 -0.43 42.82 -25.25
C PRO A 16 -0.67 41.32 -25.16
N GLN A 17 -1.84 40.94 -24.66
CA GLN A 17 -2.18 39.53 -24.51
C GLN A 17 -1.87 38.72 -25.77
N GLU A 18 -2.30 39.25 -26.92
CA GLU A 18 -2.08 38.59 -28.20
C GLU A 18 -0.62 38.29 -28.51
N GLU A 19 0.29 39.01 -27.86
CA GLU A 19 1.72 38.80 -28.07
C GLU A 19 2.34 37.86 -27.04
N ALA A 20 1.58 37.51 -26.01
CA ALA A 20 2.07 36.62 -24.97
C ALA A 20 1.92 35.16 -25.41
N LYS A 21 2.80 34.73 -26.30
CA LYS A 21 2.76 33.37 -26.82
C LYS A 21 4.11 32.69 -26.68
N THR A 22 4.11 31.36 -26.80
CA THR A 22 5.34 30.60 -26.69
C THR A 22 5.30 29.44 -27.68
N SER A 23 6.48 28.99 -28.10
CA SER A 23 6.58 27.88 -29.05
C SER A 23 5.82 26.65 -28.62
N VAL A 24 5.21 25.95 -29.59
CA VAL A 24 4.49 24.73 -29.29
C VAL A 24 5.48 23.60 -29.04
N LEU A 25 6.77 23.93 -29.14
CA LEU A 25 7.82 22.95 -28.89
C LEU A 25 8.38 23.15 -27.49
N SER A 26 7.70 24.00 -26.70
CA SER A 26 8.12 24.25 -25.33
C SER A 26 7.99 22.98 -24.49
N HIS A 27 9.06 22.65 -23.78
CA HIS A 27 9.13 21.47 -22.93
C HIS A 27 7.90 21.31 -22.05
N ALA A 28 7.46 22.40 -21.43
CA ALA A 28 6.30 22.37 -20.54
C ALA A 28 4.99 21.99 -21.22
N LEU A 29 4.87 22.27 -22.51
CA LEU A 29 3.64 21.95 -23.23
C LEU A 29 3.56 20.45 -23.51
N HIS A 30 4.71 19.79 -23.48
CA HIS A 30 4.77 18.35 -23.75
C HIS A 30 4.93 17.48 -22.50
N TYR A 31 5.60 18.01 -21.48
CA TYR A 31 5.89 17.23 -20.29
C TYR A 31 5.44 17.77 -18.94
N GLY A 32 4.59 18.80 -18.95
CA GLY A 32 4.06 19.37 -17.71
C GLY A 32 5.05 20.06 -16.81
N THR A 33 6.21 20.41 -17.35
CA THR A 33 7.27 21.04 -16.59
C THR A 33 7.15 22.56 -16.42
N SER A 34 6.13 22.96 -15.68
CA SER A 34 5.90 24.36 -15.39
C SER A 34 5.51 24.47 -13.93
N VAL A 35 5.58 25.68 -13.39
CA VAL A 35 5.17 25.93 -12.00
C VAL A 35 4.36 27.21 -12.06
N PHE A 36 3.37 27.34 -11.18
CA PHE A 36 2.54 28.53 -11.18
C PHE A 36 2.05 28.87 -9.80
N GLU A 37 1.38 30.01 -9.70
CA GLU A 37 0.80 30.43 -8.43
C GLU A 37 -0.58 30.99 -8.69
N GLY A 38 -1.35 31.12 -7.62
CA GLY A 38 -2.69 31.66 -7.70
C GLY A 38 -2.71 32.72 -6.60
N ILE A 39 -2.84 33.98 -6.99
CA ILE A 39 -2.83 35.07 -6.01
C ILE A 39 -4.01 35.99 -6.24
N ARG A 40 -4.57 36.51 -5.16
CA ARG A 40 -5.70 37.41 -5.30
C ARG A 40 -5.45 38.80 -4.77
N ALA A 41 -6.11 39.76 -5.41
CA ALA A 41 -6.06 41.15 -5.01
C ALA A 41 -7.51 41.50 -4.71
N TYR A 42 -7.72 42.20 -3.60
CA TYR A 42 -9.07 42.61 -3.20
C TYR A 42 -9.14 44.12 -3.09
N GLU A 43 -10.34 44.66 -3.26
CA GLU A 43 -10.54 46.10 -3.13
C GLU A 43 -10.61 46.45 -1.65
N THR A 44 -10.00 47.56 -1.27
CA THR A 44 -10.03 48.01 0.12
C THR A 44 -10.22 49.52 0.10
N ALA A 45 -10.41 50.10 1.29
CA ALA A 45 -10.59 51.53 1.42
C ALA A 45 -9.34 52.27 0.98
N LYS A 46 -8.24 51.54 0.85
CA LYS A 46 -6.97 52.14 0.44
C LYS A 46 -6.49 51.59 -0.90
N GLY A 47 -7.43 51.18 -1.74
CA GLY A 47 -7.08 50.64 -3.04
C GLY A 47 -6.85 49.15 -3.04
N PRO A 48 -6.50 48.56 -4.19
CA PRO A 48 -6.26 47.12 -4.31
C PRO A 48 -5.16 46.63 -3.37
N ALA A 49 -5.40 45.47 -2.75
CA ALA A 49 -4.44 44.89 -1.84
C ALA A 49 -4.27 43.42 -2.21
N ILE A 50 -3.02 43.02 -2.46
CA ILE A 50 -2.72 41.64 -2.82
C ILE A 50 -2.56 40.88 -1.50
N PHE A 51 -3.19 39.71 -1.42
CA PHE A 51 -3.15 38.92 -0.19
C PHE A 51 -1.97 37.97 -0.08
N ARG A 52 -1.18 38.17 0.97
CA ARG A 52 -0.01 37.36 1.27
C ARG A 52 0.89 37.11 0.06
N LEU A 53 1.25 38.21 -0.59
CA LEU A 53 2.10 38.19 -1.77
C LEU A 53 3.42 37.46 -1.51
N LYS A 54 4.04 37.80 -0.39
CA LYS A 54 5.31 37.21 0.02
C LYS A 54 5.28 35.68 0.03
N GLU A 55 4.30 35.11 0.71
CA GLU A 55 4.17 33.67 0.80
C GLU A 55 3.96 33.01 -0.55
N HIS A 56 3.16 33.63 -1.41
CA HIS A 56 2.92 33.08 -2.73
C HIS A 56 4.18 33.11 -3.57
N VAL A 57 4.92 34.22 -3.51
CA VAL A 57 6.15 34.30 -4.29
C VAL A 57 7.17 33.29 -3.79
N LYS A 58 7.26 33.14 -2.47
CA LYS A 58 8.19 32.18 -1.90
C LYS A 58 7.85 30.77 -2.39
N ARG A 59 6.56 30.43 -2.39
CA ARG A 59 6.14 29.11 -2.84
C ARG A 59 6.43 28.91 -4.32
N PHE A 60 6.31 29.99 -5.11
CA PHE A 60 6.58 29.93 -6.54
C PHE A 60 8.03 29.47 -6.75
N TYR A 61 8.96 30.10 -6.06
CA TYR A 61 10.36 29.74 -6.19
C TYR A 61 10.62 28.35 -5.59
N ASN A 62 9.87 28.00 -4.55
CA ASN A 62 10.02 26.67 -3.94
C ASN A 62 9.59 25.59 -4.92
N SER A 63 8.50 25.84 -5.64
CA SER A 63 8.01 24.88 -6.62
C SER A 63 9.06 24.70 -7.70
N ALA A 64 9.67 25.80 -8.12
CA ALA A 64 10.70 25.73 -9.14
C ALA A 64 11.87 24.87 -8.68
N LYS A 65 12.25 25.00 -7.42
CA LYS A 65 13.36 24.20 -6.90
C LYS A 65 13.09 22.70 -7.00
N VAL A 66 11.83 22.31 -6.82
CA VAL A 66 11.48 20.90 -6.91
C VAL A 66 11.81 20.32 -8.28
N LEU A 67 11.64 21.13 -9.32
CA LEU A 67 11.93 20.70 -10.69
C LEU A 67 13.35 21.07 -11.10
N ARG A 68 14.11 21.64 -10.16
CA ARG A 68 15.47 22.09 -10.44
C ARG A 68 15.39 23.09 -11.59
N MET A 69 14.31 23.85 -11.57
CA MET A 69 14.04 24.88 -12.56
C MET A 69 14.66 26.19 -12.08
N GLU A 70 15.33 26.90 -12.98
CA GLU A 70 15.97 28.16 -12.65
C GLU A 70 15.09 29.31 -13.11
N ILE A 71 14.70 30.17 -12.17
CA ILE A 71 13.89 31.35 -12.49
C ILE A 71 14.91 32.49 -12.61
N PRO A 72 15.08 33.02 -13.83
CA PRO A 72 16.03 34.11 -14.11
C PRO A 72 15.66 35.50 -13.62
N PHE A 73 14.92 35.57 -12.51
CA PHE A 73 14.53 36.85 -11.93
C PHE A 73 14.57 36.75 -10.41
N ALA A 74 14.89 37.86 -9.76
CA ALA A 74 14.93 37.88 -8.30
C ALA A 74 13.50 37.99 -7.82
N PRO A 75 13.17 37.36 -6.68
CA PRO A 75 11.82 37.41 -6.14
C PRO A 75 11.28 38.85 -6.11
N GLU A 76 12.17 39.78 -5.78
CA GLU A 76 11.79 41.19 -5.72
C GLU A 76 11.29 41.68 -7.07
N GLU A 77 11.88 41.18 -8.15
CA GLU A 77 11.47 41.57 -9.50
C GLU A 77 10.08 41.03 -9.81
N LEU A 78 9.83 39.77 -9.45
CA LEU A 78 8.54 39.16 -9.70
C LEU A 78 7.46 39.85 -8.90
N GLU A 79 7.79 40.23 -7.67
CA GLU A 79 6.83 40.93 -6.81
C GLU A 79 6.42 42.25 -7.46
N GLU A 80 7.39 42.96 -8.01
CA GLU A 80 7.11 44.23 -8.67
C GLU A 80 6.24 43.99 -9.89
N ALA A 81 6.54 42.92 -10.64
CA ALA A 81 5.76 42.59 -11.83
C ALA A 81 4.33 42.27 -11.46
N ILE A 82 4.15 41.56 -10.35
CA ILE A 82 2.81 41.19 -9.88
C ILE A 82 2.01 42.44 -9.51
N LYS A 83 2.66 43.41 -8.88
CA LYS A 83 1.98 44.64 -8.50
C LYS A 83 1.67 45.44 -9.76
N GLU A 84 2.59 45.43 -10.72
CA GLU A 84 2.39 46.17 -11.97
C GLU A 84 1.31 45.58 -12.86
N VAL A 85 1.13 44.27 -12.84
CA VAL A 85 0.10 43.66 -13.69
C VAL A 85 -1.27 44.13 -13.22
N VAL A 86 -1.37 44.48 -11.94
CA VAL A 86 -2.62 44.97 -11.38
C VAL A 86 -2.79 46.44 -11.78
N ARG A 87 -1.76 47.24 -11.53
CA ARG A 87 -1.78 48.67 -11.85
C ARG A 87 -2.01 48.95 -13.32
N ARG A 88 -1.11 48.42 -14.16
CA ARG A 88 -1.18 48.63 -15.60
C ARG A 88 -2.50 48.26 -16.25
N ASN A 89 -3.20 47.28 -15.68
CA ASN A 89 -4.49 46.87 -16.24
C ASN A 89 -5.66 47.53 -15.53
N GLY A 90 -5.36 48.38 -14.55
CA GLY A 90 -6.41 49.06 -13.82
C GLY A 90 -7.33 48.14 -13.05
N TYR A 91 -6.78 47.01 -12.59
CA TYR A 91 -7.55 46.04 -11.84
C TYR A 91 -7.71 46.46 -10.37
N ARG A 92 -8.76 45.97 -9.74
CA ARG A 92 -9.04 46.25 -8.35
C ARG A 92 -9.17 44.89 -7.67
N SER A 93 -10.21 44.15 -8.03
CA SER A 93 -10.42 42.80 -7.50
C SER A 93 -10.06 41.88 -8.66
N CYS A 94 -8.97 41.13 -8.50
CA CYS A 94 -8.54 40.25 -9.58
C CYS A 94 -7.80 39.01 -9.11
N TYR A 95 -7.55 38.11 -10.06
CA TYR A 95 -6.83 36.88 -9.82
C TYR A 95 -5.53 37.04 -10.61
N ILE A 96 -4.42 36.73 -9.96
CA ILE A 96 -3.10 36.86 -10.57
C ILE A 96 -2.48 35.48 -10.75
N ARG A 97 -2.00 35.22 -11.96
CA ARG A 97 -1.41 33.93 -12.29
C ARG A 97 0.03 33.99 -12.81
N PRO A 98 1.01 33.84 -11.92
CA PRO A 98 2.42 33.86 -12.33
C PRO A 98 2.68 32.46 -12.87
N LEU A 99 3.52 32.34 -13.89
CA LEU A 99 3.83 31.04 -14.47
C LEU A 99 5.27 31.00 -14.96
N ALA A 100 5.99 29.94 -14.62
CA ALA A 100 7.36 29.76 -15.08
C ALA A 100 7.33 28.41 -15.80
N TRP A 101 7.85 28.36 -17.01
CA TRP A 101 7.82 27.10 -17.74
C TRP A 101 9.10 26.82 -18.52
N MET A 102 9.37 25.53 -18.73
CA MET A 102 10.54 25.15 -19.49
C MET A 102 10.24 25.38 -20.97
N GLY A 103 11.15 26.10 -21.63
CA GLY A 103 10.99 26.45 -23.04
C GLY A 103 11.32 25.42 -24.10
N ALA A 104 11.53 25.90 -25.32
CA ALA A 104 11.79 25.03 -26.47
C ALA A 104 13.24 24.77 -26.90
N LYS A 105 14.19 24.81 -25.97
CA LYS A 105 15.58 24.56 -26.33
C LYS A 105 15.80 23.12 -26.79
N ALA A 106 15.07 22.19 -26.16
CA ALA A 106 15.18 20.77 -26.49
C ALA A 106 13.96 20.03 -25.98
N LEU A 107 13.75 18.81 -26.46
CA LEU A 107 12.61 18.04 -26.00
C LEU A 107 12.93 16.69 -25.38
N GLY A 108 14.14 16.57 -24.82
CA GLY A 108 14.49 15.35 -24.13
C GLY A 108 13.65 15.50 -22.86
N VAL A 109 13.25 14.41 -22.22
CA VAL A 109 12.42 14.54 -21.02
C VAL A 109 13.11 15.30 -19.89
N ASN A 110 14.44 15.18 -19.81
CA ASN A 110 15.20 15.89 -18.78
C ASN A 110 15.08 17.38 -19.09
N PRO A 111 14.52 18.17 -18.15
CA PRO A 111 14.35 19.61 -18.37
C PRO A 111 15.58 20.49 -18.15
N LEU A 112 16.61 19.95 -17.49
CA LEU A 112 17.80 20.75 -17.20
C LEU A 112 18.41 21.50 -18.37
N PRO A 113 18.52 20.88 -19.56
CA PRO A 113 19.10 21.59 -20.70
C PRO A 113 18.28 22.79 -21.15
N ASN A 114 17.03 22.85 -20.70
CA ASN A 114 16.13 23.93 -21.09
C ASN A 114 16.21 25.17 -20.20
N ASN A 115 16.93 25.08 -19.09
CA ASN A 115 17.06 26.23 -18.19
C ASN A 115 17.79 27.38 -18.88
N PRO A 116 17.49 28.62 -18.48
CA PRO A 116 16.54 29.01 -17.43
C PRO A 116 15.11 28.98 -17.95
N ALA A 117 14.15 28.92 -17.02
CA ALA A 117 12.75 28.89 -17.41
C ALA A 117 12.29 30.24 -17.93
N GLU A 118 11.22 30.23 -18.69
CA GLU A 118 10.63 31.46 -19.19
C GLU A 118 9.60 31.79 -18.13
N VAL A 119 9.28 33.08 -17.98
CA VAL A 119 8.33 33.48 -16.94
C VAL A 119 7.35 34.52 -17.43
N MET A 120 6.12 34.46 -16.92
CA MET A 120 5.11 35.45 -17.28
C MET A 120 4.16 35.64 -16.12
N VAL A 121 3.53 36.81 -16.07
CA VAL A 121 2.55 37.10 -15.03
C VAL A 121 1.34 37.72 -15.70
N ALA A 122 0.19 37.07 -15.52
CA ALA A 122 -1.06 37.55 -16.10
C ALA A 122 -2.09 37.69 -14.99
N ALA A 123 -3.12 38.49 -15.23
CA ALA A 123 -4.18 38.69 -14.25
C ALA A 123 -5.46 39.03 -14.96
N TRP A 124 -6.58 38.80 -14.29
CA TRP A 124 -7.89 39.11 -14.85
C TRP A 124 -8.88 39.43 -13.74
N GLU A 125 -9.85 40.28 -14.06
CA GLU A 125 -10.85 40.69 -13.08
C GLU A 125 -11.59 39.49 -12.50
N TRP A 126 -11.85 39.56 -11.21
CA TRP A 126 -12.56 38.48 -10.52
C TRP A 126 -14.06 38.73 -10.57
N VAL A 135 -23.26 30.27 -0.92
CA VAL A 135 -22.37 30.10 0.26
C VAL A 135 -23.11 29.45 1.43
N ARG A 136 -24.32 29.93 1.70
CA ARG A 136 -25.13 29.39 2.78
C ARG A 136 -25.59 27.98 2.44
N LYS A 137 -25.86 27.73 1.16
CA LYS A 137 -26.30 26.42 0.71
C LYS A 137 -25.15 25.44 0.86
N GLY A 138 -23.92 25.95 0.71
CA GLY A 138 -22.75 25.11 0.83
C GLY A 138 -22.45 24.33 -0.43
N ALA A 139 -21.18 23.93 -0.58
CA ALA A 139 -20.76 23.17 -1.74
C ALA A 139 -21.04 21.68 -1.54
N ARG A 140 -21.30 20.98 -2.64
CA ARG A 140 -21.56 19.55 -2.60
C ARG A 140 -20.33 18.86 -3.19
N LEU A 141 -19.76 17.91 -2.45
CA LEU A 141 -18.59 17.19 -2.94
C LEU A 141 -18.90 15.72 -3.16
N ILE A 142 -18.08 15.08 -3.97
CA ILE A 142 -18.18 13.65 -4.20
C ILE A 142 -16.75 13.16 -4.13
N THR A 143 -16.54 12.02 -3.49
CA THR A 143 -15.21 11.45 -3.38
C THR A 143 -14.79 10.89 -4.74
N SER A 144 -13.60 11.27 -5.17
CA SER A 144 -13.06 10.86 -6.47
C SER A 144 -12.54 9.44 -6.53
N SER A 145 -12.52 8.88 -7.74
CA SER A 145 -12.00 7.55 -7.98
C SER A 145 -10.53 7.68 -8.36
N TRP A 146 -10.05 8.92 -8.37
CA TRP A 146 -8.64 9.21 -8.65
C TRP A 146 -8.02 9.56 -7.30
N ALA A 147 -6.95 8.86 -6.95
CA ALA A 147 -6.26 9.11 -5.69
C ALA A 147 -5.23 10.20 -5.85
N ARG A 148 -5.05 10.99 -4.80
CA ARG A 148 -4.06 12.06 -4.82
C ARG A 148 -2.71 11.36 -4.86
N PHE A 149 -1.80 11.86 -5.68
CA PHE A 149 -0.48 11.24 -5.83
C PHE A 149 0.36 11.09 -4.57
N PRO A 150 1.01 9.92 -4.40
CA PRO A 150 1.86 9.68 -3.24
C PRO A 150 3.00 10.71 -3.31
N ALA A 151 3.63 10.97 -2.16
CA ALA A 151 4.70 11.95 -2.07
C ALA A 151 5.98 11.61 -2.80
N ASN A 152 6.05 10.40 -3.35
CA ASN A 152 7.23 9.98 -4.10
C ASN A 152 6.83 9.68 -5.55
N VAL A 153 5.69 10.22 -5.97
CA VAL A 153 5.19 10.03 -7.33
C VAL A 153 5.14 11.39 -8.03
N MET A 154 4.49 12.36 -7.38
CA MET A 154 4.42 13.73 -7.89
C MET A 154 4.67 14.61 -6.67
N PRO A 155 5.35 15.75 -6.85
CA PRO A 155 5.65 16.68 -5.74
C PRO A 155 4.42 17.48 -5.31
N GLY A 156 3.64 16.91 -4.39
CA GLY A 156 2.41 17.55 -3.93
C GLY A 156 2.52 18.85 -3.17
N LYS A 157 3.73 19.23 -2.75
CA LYS A 157 3.92 20.48 -2.02
C LYS A 157 4.21 21.62 -2.98
N ALA A 158 4.32 21.30 -4.26
CA ALA A 158 4.61 22.30 -5.28
C ALA A 158 3.47 22.39 -6.27
N LYS A 159 3.32 23.57 -6.88
CA LYS A 159 2.28 23.73 -7.88
C LYS A 159 2.93 23.53 -9.23
N VAL A 160 3.26 22.27 -9.52
CA VAL A 160 3.88 21.88 -10.77
C VAL A 160 2.75 21.55 -11.74
N GLY A 161 2.84 22.10 -12.96
CA GLY A 161 1.81 21.89 -13.96
C GLY A 161 1.31 20.47 -14.09
N GLY A 162 2.23 19.52 -14.28
CA GLY A 162 1.84 18.14 -14.43
C GLY A 162 0.96 17.59 -13.34
N ASN A 163 1.16 18.07 -12.11
CA ASN A 163 0.37 17.60 -10.97
C ASN A 163 -1.12 17.77 -11.24
N TYR A 164 -1.48 18.81 -11.96
CA TYR A 164 -2.89 19.09 -12.18
C TYR A 164 -3.68 18.23 -13.14
N VAL A 165 -3.02 17.23 -13.72
CA VAL A 165 -3.73 16.28 -14.57
C VAL A 165 -4.58 15.48 -13.57
N ASN A 166 -3.99 15.21 -12.41
CA ASN A 166 -4.68 14.46 -11.35
C ASN A 166 -5.88 15.28 -10.88
N SER A 167 -5.67 16.58 -10.69
CA SER A 167 -6.75 17.46 -10.25
C SER A 167 -7.82 17.57 -11.33
N ALA A 168 -7.39 17.69 -12.59
CA ALA A 168 -8.33 17.81 -13.70
C ALA A 168 -9.22 16.57 -13.83
N LEU A 169 -8.62 15.39 -13.74
CA LEU A 169 -9.38 14.16 -13.84
C LEU A 169 -10.43 14.09 -12.74
N ALA A 170 -10.03 14.45 -11.52
CA ALA A 170 -10.95 14.41 -10.40
C ALA A 170 -12.06 15.45 -10.52
N LYS A 171 -11.71 16.66 -10.95
CA LYS A 171 -12.72 17.71 -11.08
C LYS A 171 -13.76 17.35 -12.14
N MET A 172 -13.31 16.85 -13.28
CA MET A 172 -14.22 16.45 -14.35
C MET A 172 -15.20 15.40 -13.84
N GLU A 173 -14.66 14.42 -13.11
CA GLU A 173 -15.46 13.34 -12.57
C GLU A 173 -16.55 13.87 -11.62
N ALA A 174 -16.16 14.77 -10.73
CA ALA A 174 -17.11 15.32 -9.76
C ALA A 174 -18.22 16.11 -10.46
N VAL A 175 -17.83 16.95 -11.41
CA VAL A 175 -18.81 17.75 -12.14
C VAL A 175 -19.75 16.86 -12.93
N ALA A 176 -19.21 15.82 -13.56
CA ALA A 176 -20.03 14.89 -14.34
C ALA A 176 -21.03 14.19 -13.44
N ALA A 177 -20.65 13.98 -12.18
CA ALA A 177 -21.50 13.31 -11.21
C ALA A 177 -22.53 14.26 -10.59
N GLY A 178 -22.45 15.53 -10.97
CA GLY A 178 -23.39 16.51 -10.46
C GLY A 178 -22.94 17.31 -9.25
N ALA A 179 -21.69 17.13 -8.83
CA ALA A 179 -21.17 17.84 -7.67
C ALA A 179 -20.46 19.12 -8.05
N ASP A 180 -20.10 19.92 -7.05
CA ASP A 180 -19.41 21.18 -7.25
C ASP A 180 -17.91 20.99 -7.27
N GLU A 181 -17.44 20.03 -6.48
CA GLU A 181 -16.02 19.79 -6.36
C GLU A 181 -15.72 18.34 -6.00
N ALA A 182 -14.50 17.92 -6.27
CA ALA A 182 -14.08 16.56 -5.97
C ALA A 182 -13.29 16.50 -4.68
N LEU A 183 -13.46 15.41 -3.95
CA LEU A 183 -12.72 15.17 -2.72
C LEU A 183 -11.82 13.99 -3.06
N LEU A 184 -10.50 14.18 -3.01
CA LEU A 184 -9.60 13.08 -3.31
C LEU A 184 -9.04 12.43 -2.06
N LEU A 185 -8.92 11.10 -2.11
CA LEU A 185 -8.34 10.33 -1.01
C LEU A 185 -6.91 10.03 -1.42
N ASP A 186 -6.04 9.69 -0.47
CA ASP A 186 -4.70 9.31 -0.85
C ASP A 186 -4.77 7.82 -1.20
N GLU A 187 -3.67 7.23 -1.66
CA GLU A 187 -3.68 5.83 -2.05
C GLU A 187 -4.02 4.87 -0.92
N GLU A 188 -3.78 5.29 0.32
CA GLU A 188 -4.06 4.45 1.49
C GLU A 188 -5.54 4.51 1.89
N GLY A 189 -6.27 5.44 1.29
CA GLY A 189 -7.69 5.56 1.59
C GLY A 189 -8.12 6.69 2.49
N TYR A 190 -7.18 7.50 2.96
CA TYR A 190 -7.53 8.63 3.83
C TYR A 190 -7.84 9.85 2.98
N VAL A 191 -8.57 10.80 3.56
CA VAL A 191 -8.91 12.02 2.85
C VAL A 191 -7.61 12.80 2.61
N ALA A 192 -7.48 13.36 1.41
CA ALA A 192 -6.31 14.15 1.08
C ALA A 192 -6.74 15.62 0.98
N GLU A 193 -7.25 16.02 -0.19
CA GLU A 193 -7.67 17.40 -0.40
C GLU A 193 -8.64 17.46 -1.59
N GLY A 194 -9.18 18.64 -1.86
CA GLY A 194 -10.07 18.81 -2.99
C GLY A 194 -9.18 18.98 -4.22
N SER A 195 -9.75 19.06 -5.41
CA SER A 195 -8.92 19.21 -6.60
C SER A 195 -8.04 20.46 -6.52
N GLY A 196 -8.49 21.44 -5.74
CA GLY A 196 -7.72 22.67 -5.60
C GLY A 196 -7.99 23.37 -4.27
N GLU A 197 -8.36 22.61 -3.25
CA GLU A 197 -8.65 23.20 -1.94
C GLU A 197 -8.22 22.29 -0.80
N ASN A 198 -7.91 22.87 0.35
CA ASN A 198 -7.55 22.08 1.52
C ASN A 198 -8.83 21.87 2.32
N LEU A 199 -8.87 20.80 3.12
CA LEU A 199 -10.06 20.48 3.89
C LEU A 199 -9.96 20.60 5.40
N PHE A 200 -11.11 20.92 6.00
CA PHE A 200 -11.26 21.06 7.44
C PHE A 200 -12.62 20.46 7.81
N PHE A 201 -12.77 20.09 9.07
CA PHE A 201 -14.06 19.62 9.54
C PHE A 201 -14.17 20.05 10.99
N VAL A 202 -15.39 20.15 11.49
CA VAL A 202 -15.63 20.59 12.86
C VAL A 202 -16.48 19.55 13.57
N ARG A 203 -16.10 19.25 14.80
CA ARG A 203 -16.85 18.27 15.58
C ARG A 203 -16.81 18.68 17.05
N ASP A 204 -17.99 18.80 17.65
CA ASP A 204 -18.11 19.18 19.05
C ASP A 204 -17.32 20.43 19.42
N GLY A 205 -17.43 21.47 18.59
CA GLY A 205 -16.75 22.72 18.86
C GLY A 205 -15.27 22.80 18.53
N VAL A 206 -14.67 21.70 18.13
CA VAL A 206 -13.25 21.67 17.80
C VAL A 206 -13.06 21.69 16.29
N ILE A 207 -12.10 22.49 15.82
CA ILE A 207 -11.82 22.59 14.39
C ILE A 207 -10.67 21.65 14.06
N TYR A 208 -10.90 20.77 13.10
CA TYR A 208 -9.89 19.82 12.69
C TYR A 208 -9.37 20.14 11.30
N ALA A 209 -8.10 20.54 11.24
CA ALA A 209 -7.46 20.83 9.97
C ALA A 209 -6.74 19.55 9.58
N LEU A 210 -6.86 19.14 8.33
CA LEU A 210 -6.19 17.93 7.89
C LEU A 210 -4.69 18.13 7.80
N GLU A 211 -3.94 17.09 8.13
CA GLU A 211 -2.48 17.14 8.05
C GLU A 211 -2.09 17.45 6.62
N HIS A 212 -0.86 17.91 6.42
CA HIS A 212 -0.40 18.23 5.07
C HIS A 212 -0.33 17.00 4.15
N SER A 213 -0.04 15.84 4.73
CA SER A 213 0.09 14.59 3.99
C SER A 213 0.66 14.79 2.59
N VAL A 214 -0.11 14.47 1.56
CA VAL A 214 0.36 14.62 0.18
C VAL A 214 -0.21 15.88 -0.47
N ASN A 215 -0.81 16.74 0.34
CA ASN A 215 -1.43 17.96 -0.14
C ASN A 215 -0.53 19.17 -0.23
N LEU A 216 -1.06 20.22 -0.85
CA LEU A 216 -0.32 21.48 -0.96
C LEU A 216 -0.51 22.15 0.40
N GLU A 217 0.52 22.85 0.87
CA GLU A 217 0.42 23.55 2.15
C GLU A 217 -0.28 24.87 1.85
N GLY A 218 -1.61 24.86 1.92
CA GLY A 218 -2.38 26.05 1.60
C GLY A 218 -2.13 27.29 2.44
N ILE A 219 -2.05 28.42 1.75
CA ILE A 219 -1.85 29.70 2.41
C ILE A 219 -3.19 30.14 3.00
N THR A 220 -4.29 29.71 2.38
CA THR A 220 -5.61 30.05 2.91
C THR A 220 -5.83 29.20 4.15
N ARG A 221 -5.40 27.94 4.09
CA ARG A 221 -5.50 27.03 5.22
C ARG A 221 -4.76 27.65 6.40
N ASP A 222 -3.54 28.11 6.15
CA ASP A 222 -2.73 28.73 7.18
C ASP A 222 -3.45 29.93 7.79
N SER A 223 -4.02 30.76 6.93
CA SER A 223 -4.73 31.95 7.38
C SER A 223 -5.94 31.59 8.24
N VAL A 224 -6.71 30.60 7.80
CA VAL A 224 -7.90 30.17 8.52
C VAL A 224 -7.57 29.62 9.90
N ILE A 225 -6.44 28.91 10.01
CA ILE A 225 -6.05 28.36 11.31
C ILE A 225 -5.70 29.49 12.27
N ARG A 226 -5.00 30.50 11.79
CA ARG A 226 -4.64 31.63 12.64
C ARG A 226 -5.91 32.34 13.10
N ILE A 227 -6.82 32.57 12.15
CA ILE A 227 -8.08 33.24 12.46
C ILE A 227 -8.86 32.43 13.48
N ALA A 228 -8.95 31.13 13.26
CA ALA A 228 -9.68 30.25 14.18
C ALA A 228 -9.11 30.37 15.59
N LYS A 229 -7.80 30.28 15.72
CA LYS A 229 -7.18 30.39 17.04
C LYS A 229 -7.44 31.75 17.67
N ASP A 230 -7.39 32.80 16.86
CA ASP A 230 -7.64 34.14 17.38
C ASP A 230 -9.07 34.26 17.88
N LEU A 231 -9.99 33.55 17.24
CA LEU A 231 -11.39 33.56 17.66
C LEU A 231 -11.63 32.68 18.89
N GLY A 232 -10.59 31.97 19.33
CA GLY A 232 -10.72 31.12 20.50
C GLY A 232 -11.05 29.66 20.27
N TYR A 233 -11.14 29.24 19.02
CA TYR A 233 -11.43 27.85 18.71
C TYR A 233 -10.20 26.99 18.89
N GLU A 234 -10.41 25.76 19.37
CA GLU A 234 -9.32 24.82 19.52
C GLU A 234 -9.12 24.24 18.13
N VAL A 235 -7.88 24.16 17.69
CA VAL A 235 -7.57 23.60 16.37
C VAL A 235 -6.63 22.43 16.52
N GLN A 236 -7.04 21.29 15.96
CA GLN A 236 -6.23 20.08 16.00
C GLN A 236 -5.91 19.70 14.55
N VAL A 237 -4.69 19.26 14.32
CA VAL A 237 -4.27 18.84 12.98
C VAL A 237 -4.26 17.32 12.99
N VAL A 238 -5.09 16.72 12.15
CA VAL A 238 -5.21 15.27 12.14
C VAL A 238 -5.35 14.64 10.76
N ARG A 239 -5.27 13.31 10.74
CA ARG A 239 -5.48 12.56 9.52
C ARG A 239 -6.99 12.26 9.62
N ALA A 240 -7.68 12.20 8.48
CA ALA A 240 -9.11 11.96 8.53
C ALA A 240 -9.61 11.00 7.46
N THR A 241 -10.70 10.31 7.78
CA THR A 241 -11.30 9.36 6.87
C THR A 241 -12.59 10.00 6.33
N ARG A 242 -13.09 9.45 5.23
CA ARG A 242 -14.31 9.99 4.63
C ARG A 242 -15.47 9.94 5.60
N ASP A 243 -15.55 8.88 6.42
CA ASP A 243 -16.67 8.81 7.35
C ASP A 243 -16.52 9.70 8.56
N GLN A 244 -15.32 10.22 8.82
CA GLN A 244 -15.19 11.16 9.92
C GLN A 244 -15.81 12.46 9.40
N LEU A 245 -15.71 12.70 8.09
CA LEU A 245 -16.30 13.89 7.50
C LEU A 245 -17.82 13.74 7.46
N TYR A 246 -18.29 12.55 7.10
CA TYR A 246 -19.73 12.28 7.03
C TYR A 246 -20.40 12.57 8.36
N MET A 247 -19.69 12.27 9.45
CA MET A 247 -20.23 12.45 10.79
C MET A 247 -19.89 13.78 11.46
N ALA A 248 -19.16 14.64 10.75
CA ALA A 248 -18.79 15.93 11.32
C ALA A 248 -19.97 16.89 11.43
N ASP A 249 -19.84 17.88 12.31
CA ASP A 249 -20.89 18.87 12.46
C ASP A 249 -20.79 19.82 11.27
N GLU A 250 -19.57 20.04 10.81
CA GLU A 250 -19.31 20.91 9.66
C GLU A 250 -18.09 20.43 8.90
N VAL A 251 -18.02 20.82 7.63
CA VAL A 251 -16.88 20.53 6.78
C VAL A 251 -16.73 21.76 5.90
N PHE A 252 -15.51 22.21 5.69
CA PHE A 252 -15.31 23.36 4.81
C PHE A 252 -13.98 23.25 4.07
N MET A 253 -13.89 23.97 2.97
CA MET A 253 -12.68 23.98 2.13
C MET A 253 -12.06 25.37 2.12
N THR A 254 -10.75 25.40 1.91
CA THR A 254 -10.03 26.67 1.82
C THR A 254 -9.12 26.67 0.59
N GLY A 255 -8.98 27.85 -0.01
CA GLY A 255 -8.15 27.99 -1.18
C GLY A 255 -8.16 29.45 -1.60
N THR A 256 -7.18 29.87 -2.39
CA THR A 256 -7.15 31.26 -2.80
C THR A 256 -8.41 31.63 -3.59
N ALA A 257 -8.84 30.75 -4.47
CA ALA A 257 -10.03 31.01 -5.28
C ALA A 257 -11.29 30.69 -4.48
N ALA A 258 -11.26 29.59 -3.73
CA ALA A 258 -12.41 29.17 -2.95
C ALA A 258 -12.61 29.95 -1.66
N GLU A 259 -11.61 30.72 -1.26
CA GLU A 259 -11.69 31.48 0.00
C GLU A 259 -12.03 30.45 1.06
N VAL A 260 -13.08 30.67 1.86
CA VAL A 260 -13.50 29.67 2.84
C VAL A 260 -14.89 29.26 2.36
N THR A 261 -14.98 28.04 1.84
CA THR A 261 -16.25 27.53 1.31
C THR A 261 -16.84 26.40 2.15
N PRO A 262 -18.02 26.63 2.75
CA PRO A 262 -18.65 25.58 3.55
C PRO A 262 -19.07 24.43 2.65
N VAL A 263 -18.99 23.22 3.18
CA VAL A 263 -19.37 22.00 2.45
C VAL A 263 -20.61 21.45 3.14
N SER A 264 -21.73 21.42 2.43
CA SER A 264 -22.99 20.94 3.01
C SER A 264 -23.32 19.47 2.75
N MET A 265 -22.63 18.86 1.81
CA MET A 265 -22.91 17.47 1.48
C MET A 265 -21.71 16.80 0.81
N ILE A 266 -21.48 15.54 1.16
CA ILE A 266 -20.40 14.77 0.57
C ILE A 266 -20.99 13.40 0.23
N ASP A 267 -20.80 12.98 -1.01
CA ASP A 267 -21.33 11.70 -1.47
C ASP A 267 -22.81 11.54 -1.13
N TRP A 268 -23.56 12.62 -1.42
CA TRP A 268 -25.00 12.66 -1.21
C TRP A 268 -25.45 12.47 0.24
N ARG A 269 -24.50 12.61 1.16
CA ARG A 269 -24.78 12.49 2.58
C ARG A 269 -24.65 13.90 3.16
N PRO A 270 -25.74 14.43 3.72
CA PRO A 270 -25.69 15.78 4.30
C PRO A 270 -24.73 15.88 5.48
N ILE A 271 -24.01 16.99 5.55
CA ILE A 271 -23.08 17.21 6.64
C ILE A 271 -23.81 18.01 7.71
N GLY A 272 -23.95 17.43 8.89
CA GLY A 272 -24.64 18.13 9.96
C GLY A 272 -26.06 18.48 9.56
N LYS A 273 -26.41 19.76 9.62
CA LYS A 273 -27.76 20.20 9.27
C LYS A 273 -28.04 20.24 7.76
N GLY A 274 -27.01 19.99 6.96
CA GLY A 274 -27.20 19.99 5.52
C GLY A 274 -27.04 21.34 4.85
N THR A 275 -26.63 22.33 5.62
CA THR A 275 -26.41 23.68 5.11
C THR A 275 -25.12 24.20 5.74
N ALA A 276 -24.64 25.34 5.27
CA ALA A 276 -23.43 25.93 5.81
C ALA A 276 -23.56 26.08 7.32
N GLY A 277 -22.51 25.69 8.06
CA GLY A 277 -22.53 25.77 9.50
C GLY A 277 -22.00 27.09 10.05
N PRO A 278 -22.23 27.37 11.34
CA PRO A 278 -21.80 28.60 11.99
C PRO A 278 -20.28 28.85 12.04
N VAL A 279 -19.50 27.82 12.32
CA VAL A 279 -18.06 28.00 12.40
C VAL A 279 -17.46 28.39 11.05
N ALA A 280 -17.80 27.65 10.01
CA ALA A 280 -17.28 27.94 8.67
C ALA A 280 -17.67 29.36 8.26
N LEU A 281 -18.89 29.77 8.60
CA LEU A 281 -19.35 31.11 8.24
C LEU A 281 -18.60 32.21 8.98
N ARG A 282 -18.25 31.98 10.24
CA ARG A 282 -17.50 32.97 10.99
C ARG A 282 -16.10 33.10 10.42
N LEU A 283 -15.46 31.97 10.13
CA LEU A 283 -14.12 31.98 9.57
C LEU A 283 -14.12 32.69 8.22
N ARG A 284 -15.14 32.43 7.42
CA ARG A 284 -15.25 33.05 6.11
C ARG A 284 -15.37 34.56 6.27
N GLU A 285 -16.21 35.01 7.18
CA GLU A 285 -16.41 36.43 7.40
C GLU A 285 -15.13 37.14 7.87
N VAL A 286 -14.44 36.57 8.85
CA VAL A 286 -13.21 37.21 9.32
C VAL A 286 -12.17 37.20 8.21
N TYR A 287 -12.13 36.13 7.44
CA TYR A 287 -11.17 36.06 6.34
C TYR A 287 -11.45 37.17 5.32
N LEU A 288 -12.72 37.34 4.96
CA LEU A 288 -13.07 38.38 3.99
C LEU A 288 -12.83 39.78 4.56
N GLU A 289 -12.98 39.94 5.86
CA GLU A 289 -12.73 41.23 6.49
C GLU A 289 -11.22 41.48 6.44
N ALA A 290 -10.44 40.41 6.62
CA ALA A 290 -8.99 40.52 6.60
C ALA A 290 -8.44 40.89 5.22
N VAL A 291 -8.87 40.18 4.19
CA VAL A 291 -8.35 40.45 2.85
C VAL A 291 -8.79 41.80 2.29
N THR A 292 -9.84 42.38 2.85
CA THR A 292 -10.32 43.67 2.36
C THR A 292 -9.84 44.83 3.23
N GLY A 293 -8.83 44.56 4.06
CA GLY A 293 -8.24 45.59 4.90
C GLY A 293 -9.08 46.12 6.04
N ARG A 294 -10.00 45.30 6.55
CA ARG A 294 -10.86 45.72 7.65
C ARG A 294 -10.48 45.12 9.01
N ARG A 295 -9.34 44.44 9.08
CA ARG A 295 -8.87 43.85 10.33
C ARG A 295 -7.44 44.33 10.55
N PRO A 296 -7.26 45.32 11.44
CA PRO A 296 -5.92 45.85 11.72
C PRO A 296 -4.89 44.80 12.11
N GLU A 297 -5.32 43.80 12.86
CA GLU A 297 -4.41 42.75 13.32
C GLU A 297 -3.86 41.88 12.19
N TYR A 298 -4.49 41.93 11.03
CA TYR A 298 -4.04 41.14 9.88
C TYR A 298 -3.50 41.98 8.73
N GLU A 299 -3.28 43.26 8.97
CA GLU A 299 -2.77 44.14 7.94
C GLU A 299 -1.44 43.67 7.36
N GLY A 300 -0.64 42.98 8.17
CA GLY A 300 0.64 42.50 7.72
C GLY A 300 0.53 41.57 6.51
N TRP A 301 -0.64 40.97 6.33
CA TRP A 301 -0.87 40.06 5.21
C TRP A 301 -1.13 40.76 3.89
N LEU A 302 -1.39 42.07 3.94
CA LEU A 302 -1.69 42.80 2.72
C LEU A 302 -0.57 43.65 2.13
N THR A 303 -0.54 43.71 0.81
CA THR A 303 0.43 44.51 0.09
C THR A 303 -0.42 45.44 -0.78
N TYR A 304 -0.47 46.71 -0.40
CA TYR A 304 -1.27 47.67 -1.16
C TYR A 304 -0.53 48.09 -2.41
N VAL A 305 -1.22 48.00 -3.54
CA VAL A 305 -0.67 48.35 -4.84
C VAL A 305 -0.52 49.86 -5.01
N ASN A 306 -1.45 50.62 -4.42
CA ASN A 306 -1.42 52.07 -4.52
C ASN A 306 -0.50 52.67 -3.45
N GLN B 2 -28.71 -19.98 24.59
CA GLN B 2 -29.64 -18.89 24.17
C GLN B 2 -29.40 -17.61 24.95
N ILE B 3 -29.85 -16.49 24.40
CA ILE B 3 -29.69 -15.19 25.05
C ILE B 3 -30.95 -14.86 25.85
N LYS B 4 -30.76 -14.48 27.11
CA LYS B 4 -31.89 -14.13 27.96
C LYS B 4 -32.15 -12.63 27.88
N ALA B 5 -32.81 -12.21 26.81
CA ALA B 5 -33.10 -10.80 26.59
C ALA B 5 -34.42 -10.34 27.18
N GLY B 6 -35.43 -11.18 27.11
CA GLY B 6 -36.73 -10.82 27.64
C GLY B 6 -37.48 -9.90 26.69
N LEU B 7 -38.09 -8.85 27.22
CA LEU B 7 -38.84 -7.91 26.41
C LEU B 7 -37.93 -7.11 25.48
N ILE B 8 -38.24 -7.14 24.19
CA ILE B 8 -37.45 -6.44 23.19
C ILE B 8 -38.29 -5.38 22.47
N TRP B 9 -37.73 -4.19 22.33
CA TRP B 9 -38.40 -3.09 21.65
C TRP B 9 -38.28 -3.34 20.15
N MET B 10 -39.42 -3.55 19.48
CA MET B 10 -39.44 -3.81 18.04
C MET B 10 -40.20 -2.71 17.30
N ASN B 11 -39.46 -1.88 16.57
CA ASN B 11 -40.06 -0.81 15.78
C ASN B 11 -41.21 -0.06 16.44
N GLY B 12 -41.01 0.43 17.65
CA GLY B 12 -42.06 1.19 18.32
C GLY B 12 -42.73 0.57 19.53
N ALA B 13 -42.68 -0.75 19.66
CA ALA B 13 -43.32 -1.40 20.80
C ALA B 13 -42.56 -2.61 21.30
N PHE B 14 -42.68 -2.87 22.60
CA PHE B 14 -42.02 -4.02 23.20
C PHE B 14 -42.81 -5.29 22.97
N VAL B 15 -42.09 -6.38 22.69
CA VAL B 15 -42.71 -7.68 22.46
C VAL B 15 -41.85 -8.76 23.11
N PRO B 16 -42.45 -9.91 23.43
CA PRO B 16 -41.67 -10.98 24.05
C PRO B 16 -40.53 -11.38 23.11
N GLN B 17 -39.43 -11.86 23.67
CA GLN B 17 -38.27 -12.24 22.87
C GLN B 17 -38.64 -13.17 21.71
N GLU B 18 -39.51 -14.13 21.97
CA GLU B 18 -39.95 -15.09 20.96
C GLU B 18 -40.57 -14.43 19.72
N GLU B 19 -41.13 -13.24 19.89
CA GLU B 19 -41.77 -12.54 18.78
C GLU B 19 -40.82 -11.59 18.06
N ALA B 20 -39.63 -11.39 18.63
CA ALA B 20 -38.65 -10.48 18.03
C ALA B 20 -37.91 -11.21 16.91
N LYS B 21 -38.58 -11.38 15.77
CA LYS B 21 -37.98 -12.06 14.64
C LYS B 21 -38.13 -11.24 13.37
N THR B 22 -37.33 -11.58 12.36
CA THR B 22 -37.38 -10.88 11.09
C THR B 22 -37.22 -11.88 9.95
N SER B 23 -37.70 -11.52 8.77
CA SER B 23 -37.61 -12.38 7.60
C SER B 23 -36.18 -12.80 7.27
N VAL B 24 -36.00 -14.04 6.83
CA VAL B 24 -34.68 -14.51 6.45
C VAL B 24 -34.29 -13.91 5.11
N LEU B 25 -35.22 -13.14 4.53
CA LEU B 25 -34.98 -12.48 3.25
C LEU B 25 -34.56 -11.03 3.51
N SER B 26 -34.32 -10.70 4.78
CA SER B 26 -33.90 -9.36 5.15
C SER B 26 -32.54 -9.04 4.54
N HIS B 27 -32.45 -7.88 3.91
CA HIS B 27 -31.23 -7.41 3.25
C HIS B 27 -29.98 -7.56 4.13
N ALA B 28 -30.09 -7.13 5.39
CA ALA B 28 -28.96 -7.20 6.32
C ALA B 28 -28.46 -8.60 6.64
N LEU B 29 -29.32 -9.60 6.48
CA LEU B 29 -28.92 -10.97 6.77
C LEU B 29 -28.09 -11.53 5.62
N HIS B 30 -28.22 -10.93 4.45
CA HIS B 30 -27.49 -11.36 3.27
C HIS B 30 -26.29 -10.48 2.92
N TYR B 31 -26.39 -9.19 3.23
CA TYR B 31 -25.34 -8.25 2.86
C TYR B 31 -24.67 -7.42 3.96
N GLY B 32 -24.91 -7.76 5.22
CA GLY B 32 -24.31 -7.05 6.33
C GLY B 32 -24.71 -5.60 6.52
N THR B 33 -25.82 -5.22 5.91
CA THR B 33 -26.34 -3.87 5.96
C THR B 33 -27.15 -3.52 7.19
N SER B 34 -26.48 -3.51 8.35
CA SER B 34 -27.11 -3.16 9.61
C SER B 34 -26.14 -2.27 10.37
N VAL B 35 -26.64 -1.57 11.38
CA VAL B 35 -25.79 -0.75 12.23
C VAL B 35 -26.25 -1.06 13.64
N PHE B 36 -25.34 -0.97 14.60
CA PHE B 36 -25.71 -1.27 15.97
C PHE B 36 -24.87 -0.51 16.97
N GLU B 37 -25.24 -0.64 18.24
CA GLU B 37 -24.49 0.00 19.30
C GLU B 37 -24.30 -0.97 20.45
N GLY B 38 -23.41 -0.60 21.36
CA GLY B 38 -23.12 -1.40 22.54
C GLY B 38 -23.12 -0.39 23.66
N ILE B 39 -24.07 -0.52 24.58
CA ILE B 39 -24.19 0.42 25.69
C ILE B 39 -24.31 -0.33 27.01
N ARG B 40 -23.67 0.20 28.05
CA ARG B 40 -23.71 -0.43 29.37
C ARG B 40 -24.54 0.38 30.36
N ALA B 41 -25.19 -0.34 31.26
CA ALA B 41 -25.95 0.26 32.35
C ALA B 41 -25.30 -0.35 33.57
N TYR B 42 -24.99 0.48 34.56
CA TYR B 42 -24.36 0.00 35.80
C TYR B 42 -25.26 0.32 36.97
N GLU B 43 -25.17 -0.49 38.02
CA GLU B 43 -25.97 -0.25 39.21
C GLU B 43 -25.28 0.87 40.00
N THR B 44 -26.08 1.77 40.57
CA THR B 44 -25.55 2.86 41.38
C THR B 44 -26.44 2.98 42.60
N ALA B 45 -26.04 3.83 43.53
CA ALA B 45 -26.81 4.04 44.74
C ALA B 45 -28.18 4.61 44.36
N LYS B 46 -28.26 5.24 43.19
CA LYS B 46 -29.51 5.83 42.72
C LYS B 46 -30.18 4.97 41.65
N GLY B 47 -29.85 3.68 41.64
CA GLY B 47 -30.44 2.79 40.66
C GLY B 47 -29.59 2.66 39.41
N PRO B 48 -30.04 1.91 38.40
CA PRO B 48 -29.32 1.71 37.15
C PRO B 48 -29.02 3.01 36.42
N ALA B 49 -27.80 3.15 35.91
CA ALA B 49 -27.40 4.34 35.18
C ALA B 49 -26.76 3.91 33.86
N ILE B 50 -27.27 4.46 32.76
CA ILE B 50 -26.73 4.13 31.45
C ILE B 50 -25.55 5.07 31.21
N PHE B 51 -24.43 4.52 30.74
CA PHE B 51 -23.24 5.32 30.51
C PHE B 51 -23.15 5.98 29.15
N ARG B 52 -23.07 7.30 29.15
CA ARG B 52 -22.96 8.12 27.94
C ARG B 52 -23.93 7.69 26.84
N LEU B 53 -25.20 7.67 27.20
CA LEU B 53 -26.29 7.30 26.30
C LEU B 53 -26.37 8.16 25.04
N LYS B 54 -26.38 9.47 25.21
CA LYS B 54 -26.49 10.35 24.06
C LYS B 54 -25.34 10.21 23.08
N GLU B 55 -24.14 9.94 23.58
CA GLU B 55 -22.99 9.77 22.70
C GLU B 55 -23.16 8.50 21.87
N HIS B 56 -23.70 7.45 22.49
CA HIS B 56 -23.91 6.19 21.80
C HIS B 56 -25.04 6.32 20.78
N VAL B 57 -26.10 7.03 21.14
CA VAL B 57 -27.21 7.21 20.23
C VAL B 57 -26.76 8.06 19.04
N LYS B 58 -25.94 9.07 19.30
CA LYS B 58 -25.44 9.91 18.23
C LYS B 58 -24.65 9.07 17.23
N ARG B 59 -23.80 8.18 17.74
CA ARG B 59 -23.00 7.33 16.87
C ARG B 59 -23.88 6.36 16.09
N PHE B 60 -24.97 5.91 16.72
CA PHE B 60 -25.90 5.00 16.09
C PHE B 60 -26.45 5.67 14.83
N TYR B 61 -26.94 6.89 14.96
CA TYR B 61 -27.46 7.61 13.81
C TYR B 61 -26.37 7.98 12.82
N ASN B 62 -25.17 8.21 13.33
CA ASN B 62 -24.04 8.54 12.47
C ASN B 62 -23.68 7.33 11.61
N SER B 63 -23.71 6.14 12.21
CA SER B 63 -23.41 4.93 11.46
C SER B 63 -24.43 4.74 10.35
N ALA B 64 -25.69 5.02 10.66
CA ALA B 64 -26.76 4.88 9.68
C ALA B 64 -26.49 5.80 8.49
N LYS B 65 -26.08 7.04 8.77
CA LYS B 65 -25.80 8.00 7.70
C LYS B 65 -24.77 7.47 6.72
N VAL B 66 -23.77 6.75 7.22
CA VAL B 66 -22.73 6.20 6.37
C VAL B 66 -23.32 5.26 5.32
N LEU B 67 -24.33 4.48 5.72
CA LEU B 67 -24.98 3.54 4.80
C LEU B 67 -26.16 4.16 4.08
N ARG B 68 -26.39 5.45 4.33
CA ARG B 68 -27.53 6.15 3.74
C ARG B 68 -28.80 5.44 4.18
N MET B 69 -28.75 4.91 5.40
CA MET B 69 -29.84 4.19 6.02
C MET B 69 -30.74 5.18 6.77
N GLU B 70 -32.04 5.07 6.58
CA GLU B 70 -32.98 5.96 7.25
C GLU B 70 -33.57 5.30 8.49
N ILE B 71 -33.36 5.91 9.65
CA ILE B 71 -33.90 5.39 10.91
C ILE B 71 -35.21 6.16 11.12
N PRO B 72 -36.36 5.48 10.96
CA PRO B 72 -37.69 6.07 11.12
C PRO B 72 -38.13 6.46 12.53
N PHE B 73 -37.18 6.83 13.37
CA PHE B 73 -37.47 7.25 14.73
C PHE B 73 -36.55 8.39 15.14
N ALA B 74 -37.05 9.31 15.95
CA ALA B 74 -36.25 10.43 16.41
C ALA B 74 -35.31 9.91 17.49
N PRO B 75 -34.10 10.48 17.60
CA PRO B 75 -33.14 10.05 18.61
C PRO B 75 -33.78 9.99 20.00
N GLU B 76 -34.67 10.94 20.27
CA GLU B 76 -35.37 11.01 21.54
C GLU B 76 -36.20 9.75 21.79
N GLU B 77 -36.80 9.22 20.74
CA GLU B 77 -37.61 8.01 20.87
C GLU B 77 -36.72 6.82 21.19
N LEU B 78 -35.60 6.71 20.50
CA LEU B 78 -34.67 5.61 20.73
C LEU B 78 -34.10 5.66 22.14
N GLU B 79 -33.82 6.87 22.62
CA GLU B 79 -33.27 7.02 23.96
C GLU B 79 -34.29 6.54 24.99
N GLU B 80 -35.56 6.88 24.77
CA GLU B 80 -36.61 6.46 25.69
C GLU B 80 -36.74 4.93 25.65
N ALA B 81 -36.63 4.36 24.45
CA ALA B 81 -36.74 2.91 24.30
C ALA B 81 -35.59 2.22 25.02
N ILE B 82 -34.40 2.83 24.96
CA ILE B 82 -33.23 2.27 25.62
C ILE B 82 -33.42 2.29 27.14
N LYS B 83 -34.02 3.36 27.65
CA LYS B 83 -34.27 3.44 29.08
C LYS B 83 -35.33 2.41 29.45
N GLU B 84 -36.36 2.31 28.61
CA GLU B 84 -37.45 1.36 28.86
C GLU B 84 -37.04 -0.10 28.81
N VAL B 85 -36.08 -0.46 27.96
CA VAL B 85 -35.66 -1.86 27.89
C VAL B 85 -34.99 -2.26 29.19
N VAL B 86 -34.42 -1.29 29.89
CA VAL B 86 -33.78 -1.56 31.17
C VAL B 86 -34.85 -1.69 32.25
N ARG B 87 -35.76 -0.71 32.28
CA ARG B 87 -36.84 -0.69 33.26
C ARG B 87 -37.79 -1.88 33.15
N ARG B 88 -38.37 -2.07 31.96
CA ARG B 88 -39.32 -3.14 31.71
C ARG B 88 -38.82 -4.54 32.02
N ASN B 89 -37.51 -4.76 31.92
CA ASN B 89 -36.95 -6.07 32.20
C ASN B 89 -36.36 -6.17 33.61
N GLY B 90 -36.45 -5.08 34.35
CA GLY B 90 -35.94 -5.07 35.72
C GLY B 90 -34.44 -5.25 35.83
N TYR B 91 -33.70 -4.78 34.83
CA TYR B 91 -32.25 -4.90 34.82
C TYR B 91 -31.55 -3.88 35.71
N ARG B 92 -30.34 -4.21 36.13
CA ARG B 92 -29.52 -3.33 36.94
C ARG B 92 -28.23 -3.18 36.14
N SER B 93 -27.36 -4.19 36.21
CA SER B 93 -26.12 -4.19 35.45
C SER B 93 -26.46 -4.94 34.17
N CYS B 94 -26.45 -4.26 33.03
CA CYS B 94 -26.79 -4.91 31.77
C CYS B 94 -26.09 -4.32 30.55
N TYR B 95 -26.21 -5.05 29.45
CA TYR B 95 -25.63 -4.63 28.17
C TYR B 95 -26.82 -4.37 27.24
N ILE B 96 -26.81 -3.20 26.59
CA ILE B 96 -27.90 -2.81 25.70
C ILE B 96 -27.43 -2.84 24.26
N ARG B 97 -28.21 -3.48 23.39
CA ARG B 97 -27.87 -3.60 21.99
C ARG B 97 -28.92 -3.07 21.02
N PRO B 98 -28.79 -1.80 20.63
CA PRO B 98 -29.73 -1.20 19.67
C PRO B 98 -29.28 -1.72 18.30
N LEU B 99 -30.24 -1.98 17.40
CA LEU B 99 -29.90 -2.48 16.08
C LEU B 99 -30.88 -1.96 15.03
N ALA B 100 -30.33 -1.44 13.93
CA ALA B 100 -31.15 -0.96 12.82
C ALA B 100 -30.67 -1.80 11.64
N TRP B 101 -31.59 -2.41 10.91
CA TRP B 101 -31.19 -3.24 9.79
C TRP B 101 -32.10 -3.09 8.58
N MET B 102 -31.54 -3.31 7.39
CA MET B 102 -32.33 -3.22 6.17
C MET B 102 -33.18 -4.48 6.06
N GLY B 103 -34.47 -4.27 5.84
CA GLY B 103 -35.43 -5.35 5.75
C GLY B 103 -35.53 -6.17 4.47
N ALA B 104 -36.65 -6.88 4.33
CA ALA B 104 -36.86 -7.77 3.20
C ALA B 104 -37.70 -7.25 2.03
N LYS B 105 -37.68 -5.95 1.76
CA LYS B 105 -38.45 -5.41 0.65
C LYS B 105 -37.88 -5.89 -0.68
N ALA B 106 -36.57 -6.07 -0.72
CA ALA B 106 -35.90 -6.53 -1.94
C ALA B 106 -34.50 -7.01 -1.61
N LEU B 107 -33.87 -7.73 -2.54
CA LEU B 107 -32.53 -8.23 -2.30
C LEU B 107 -31.49 -7.80 -3.32
N GLY B 108 -31.67 -6.61 -3.89
CA GLY B 108 -30.68 -6.09 -4.80
C GLY B 108 -29.61 -5.62 -3.83
N VAL B 109 -28.33 -5.62 -4.24
CA VAL B 109 -27.30 -5.21 -3.29
C VAL B 109 -27.47 -3.77 -2.80
N ASN B 110 -28.00 -2.91 -3.66
CA ASN B 110 -28.25 -1.52 -3.29
C ASN B 110 -29.35 -1.56 -2.21
N PRO B 111 -29.07 -1.04 -1.01
CA PRO B 111 -30.06 -1.06 0.08
C PRO B 111 -31.08 0.08 0.09
N LEU B 112 -30.89 1.10 -0.72
CA LEU B 112 -31.81 2.24 -0.73
C LEU B 112 -33.29 1.87 -0.90
N PRO B 113 -33.61 0.95 -1.82
CA PRO B 113 -35.01 0.58 -2.01
C PRO B 113 -35.64 -0.02 -0.75
N ASN B 114 -34.80 -0.49 0.16
CA ASN B 114 -35.28 -1.13 1.40
C ASN B 114 -35.59 -0.17 2.54
N ASN B 115 -35.23 1.11 2.40
CA ASN B 115 -35.49 2.08 3.45
C ASN B 115 -36.99 2.22 3.67
N PRO B 116 -37.41 2.57 4.90
CA PRO B 116 -36.56 2.84 6.05
C PRO B 116 -36.14 1.55 6.76
N ALA B 117 -35.09 1.64 7.57
CA ALA B 117 -34.60 0.48 8.28
C ALA B 117 -35.55 0.06 9.40
N GLU B 118 -35.48 -1.22 9.76
CA GLU B 118 -36.27 -1.74 10.86
C GLU B 118 -35.35 -1.51 12.05
N VAL B 119 -35.93 -1.31 13.23
CA VAL B 119 -35.12 -1.04 14.42
C VAL B 119 -35.61 -1.83 15.62
N MET B 120 -34.68 -2.23 16.48
CA MET B 120 -35.00 -2.96 17.70
C MET B 120 -33.98 -2.63 18.76
N VAL B 121 -34.39 -2.77 20.02
CA VAL B 121 -33.49 -2.53 21.13
C VAL B 121 -33.67 -3.68 22.11
N ALA B 122 -32.58 -4.40 22.37
CA ALA B 122 -32.61 -5.52 23.29
C ALA B 122 -31.51 -5.32 24.33
N ALA B 123 -31.66 -5.98 25.47
CA ALA B 123 -30.68 -5.88 26.54
C ALA B 123 -30.67 -7.18 27.34
N TRP B 124 -29.54 -7.47 27.97
CA TRP B 124 -29.41 -8.66 28.79
C TRP B 124 -28.49 -8.38 29.96
N GLU B 125 -28.64 -9.17 31.02
CA GLU B 125 -27.83 -8.98 32.21
C GLU B 125 -26.33 -9.09 31.95
N TRP B 126 -25.57 -8.28 32.69
CA TRP B 126 -24.12 -8.29 32.58
C TRP B 126 -23.56 -8.60 33.97
N GLY B 127 -22.81 -9.69 34.08
CA GLY B 127 -22.24 -10.07 35.36
C GLY B 127 -21.19 -9.11 35.88
N ALA B 128 -21.41 -8.59 37.09
CA ALA B 128 -20.46 -7.66 37.70
C ALA B 128 -19.20 -8.40 38.14
N TYR B 129 -18.04 -7.79 37.91
CA TYR B 129 -16.76 -8.39 38.28
C TYR B 129 -16.30 -7.91 39.64
N LEU B 130 -16.34 -8.81 40.62
CA LEU B 130 -15.92 -8.49 41.98
C LEU B 130 -14.58 -9.14 42.32
N GLY B 131 -13.95 -9.74 41.31
CA GLY B 131 -12.66 -10.37 41.52
C GLY B 131 -11.51 -9.45 41.15
N GLU B 132 -10.32 -10.02 40.99
CA GLU B 132 -9.15 -9.21 40.65
C GLU B 132 -8.01 -9.98 39.98
N GLU B 133 -7.98 -11.29 40.16
CA GLU B 133 -6.91 -12.10 39.58
C GLU B 133 -6.75 -11.97 38.07
N ALA B 134 -7.84 -12.12 37.32
CA ALA B 134 -7.79 -12.03 35.87
C ALA B 134 -7.31 -10.65 35.40
N VAL B 135 -7.86 -9.61 36.00
CA VAL B 135 -7.49 -8.24 35.63
C VAL B 135 -6.03 -7.93 35.92
N ARG B 136 -5.55 -8.35 37.09
CA ARG B 136 -4.17 -8.08 37.46
C ARG B 136 -3.19 -8.93 36.67
N LYS B 137 -3.64 -10.11 36.23
CA LYS B 137 -2.77 -10.98 35.43
C LYS B 137 -2.61 -10.29 34.08
N GLY B 138 -3.67 -9.62 33.64
CA GLY B 138 -3.64 -8.93 32.37
C GLY B 138 -4.04 -9.81 31.21
N ALA B 139 -4.52 -9.18 30.14
CA ALA B 139 -4.94 -9.91 28.95
C ALA B 139 -3.74 -10.20 28.07
N ARG B 140 -3.82 -11.31 27.34
CA ARG B 140 -2.76 -11.71 26.42
C ARG B 140 -3.29 -11.50 25.00
N LEU B 141 -2.55 -10.74 24.21
CA LEU B 141 -2.96 -10.48 22.84
C LEU B 141 -1.98 -11.11 21.85
N ILE B 142 -2.48 -11.34 20.64
CA ILE B 142 -1.63 -11.84 19.57
C ILE B 142 -2.01 -11.01 18.35
N THR B 143 -1.00 -10.57 17.61
CA THR B 143 -1.24 -9.76 16.43
C THR B 143 -1.87 -10.64 15.36
N SER B 144 -2.94 -10.12 14.75
CA SER B 144 -3.68 -10.85 13.73
C SER B 144 -3.07 -10.84 12.34
N SER B 145 -3.45 -11.83 11.54
CA SER B 145 -3.00 -11.94 10.17
C SER B 145 -4.06 -11.26 9.29
N TRP B 146 -5.11 -10.75 9.94
CA TRP B 146 -6.15 -10.03 9.23
C TRP B 146 -5.94 -8.55 9.52
N ALA B 147 -5.82 -7.75 8.47
CA ALA B 147 -5.60 -6.32 8.64
C ALA B 147 -6.92 -5.56 8.77
N ARG B 148 -6.91 -4.49 9.56
CA ARG B 148 -8.09 -3.67 9.73
C ARG B 148 -8.33 -3.00 8.40
N PHE B 149 -9.59 -2.97 7.96
CA PHE B 149 -9.92 -2.37 6.67
C PHE B 149 -9.51 -0.92 6.42
N PRO B 150 -8.98 -0.65 5.22
CA PRO B 150 -8.58 0.72 4.87
C PRO B 150 -9.85 1.56 4.93
N ALA B 151 -9.69 2.87 5.12
CA ALA B 151 -10.82 3.79 5.23
C ALA B 151 -11.67 3.96 3.97
N ASN B 152 -11.23 3.36 2.86
CA ASN B 152 -11.99 3.45 1.61
C ASN B 152 -12.44 2.05 1.18
N VAL B 153 -12.45 1.12 2.14
CA VAL B 153 -12.87 -0.25 1.88
C VAL B 153 -14.13 -0.56 2.70
N MET B 154 -14.07 -0.26 4.00
CA MET B 154 -15.23 -0.44 4.89
C MET B 154 -15.19 0.78 5.79
N PRO B 155 -16.35 1.28 6.21
CA PRO B 155 -16.43 2.47 7.08
C PRO B 155 -16.09 2.16 8.54
N GLY B 156 -14.81 2.24 8.86
CA GLY B 156 -14.34 1.93 10.21
C GLY B 156 -14.77 2.84 11.34
N LYS B 157 -15.36 3.98 11.03
CA LYS B 157 -15.81 4.91 12.07
C LYS B 157 -17.26 4.59 12.44
N ALA B 158 -17.87 3.66 11.71
CA ALA B 158 -19.24 3.28 11.97
C ALA B 158 -19.32 1.84 12.44
N LYS B 159 -20.38 1.51 13.18
CA LYS B 159 -20.56 0.15 13.63
C LYS B 159 -21.54 -0.50 12.66
N VAL B 160 -21.03 -0.80 11.47
CA VAL B 160 -21.80 -1.43 10.42
C VAL B 160 -21.60 -2.94 10.55
N GLY B 161 -22.70 -3.67 10.56
CA GLY B 161 -22.63 -5.12 10.71
C GLY B 161 -21.54 -5.81 9.91
N GLY B 162 -21.51 -5.58 8.60
CA GLY B 162 -20.53 -6.21 7.74
C GLY B 162 -19.08 -6.02 8.19
N ASN B 163 -18.81 -4.89 8.84
CA ASN B 163 -17.46 -4.59 9.32
C ASN B 163 -16.95 -5.70 10.22
N TYR B 164 -17.85 -6.25 11.04
CA TYR B 164 -17.46 -7.25 12.01
C TYR B 164 -17.05 -8.63 11.53
N VAL B 165 -17.09 -8.83 10.22
CA VAL B 165 -16.62 -10.09 9.66
C VAL B 165 -15.10 -10.04 9.88
N ASN B 166 -14.52 -8.86 9.69
CA ASN B 166 -13.09 -8.65 9.88
C ASN B 166 -12.73 -8.89 11.34
N SER B 167 -13.55 -8.36 12.25
CA SER B 167 -13.33 -8.54 13.69
C SER B 167 -13.49 -10.01 14.09
N ALA B 168 -14.51 -10.65 13.52
CA ALA B 168 -14.78 -12.05 13.82
C ALA B 168 -13.62 -12.96 13.41
N LEU B 169 -13.10 -12.74 12.20
CA LEU B 169 -11.99 -13.53 11.69
C LEU B 169 -10.77 -13.36 12.60
N ALA B 170 -10.50 -12.12 13.00
CA ALA B 170 -9.37 -11.84 13.87
C ALA B 170 -9.55 -12.45 15.26
N LYS B 171 -10.76 -12.32 15.82
CA LYS B 171 -11.02 -12.86 17.14
C LYS B 171 -10.86 -14.38 17.17
N MET B 172 -11.42 -15.07 16.17
CA MET B 172 -11.29 -16.52 16.12
C MET B 172 -9.82 -16.94 16.06
N GLU B 173 -9.06 -16.22 15.25
CA GLU B 173 -7.64 -16.51 15.08
C GLU B 173 -6.90 -16.38 16.41
N ALA B 174 -7.16 -15.30 17.13
CA ALA B 174 -6.53 -15.05 18.41
C ALA B 174 -6.86 -16.13 19.43
N VAL B 175 -8.14 -16.46 19.54
CA VAL B 175 -8.57 -17.48 20.48
C VAL B 175 -7.97 -18.85 20.12
N ALA B 176 -7.91 -19.15 18.82
CA ALA B 176 -7.34 -20.42 18.38
C ALA B 176 -5.87 -20.49 18.74
N ALA B 177 -5.20 -19.34 18.74
CA ALA B 177 -3.78 -19.28 19.06
C ALA B 177 -3.52 -19.29 20.55
N GLY B 178 -4.60 -19.27 21.35
CA GLY B 178 -4.46 -19.29 22.79
C GLY B 178 -4.48 -17.94 23.49
N ALA B 179 -4.75 -16.89 22.74
CA ALA B 179 -4.79 -15.54 23.30
C ALA B 179 -6.20 -15.15 23.74
N ASP B 180 -6.30 -14.02 24.44
CA ASP B 180 -7.60 -13.53 24.91
C ASP B 180 -8.25 -12.62 23.89
N GLU B 181 -7.43 -11.94 23.11
CA GLU B 181 -7.93 -10.99 22.13
C GLU B 181 -6.93 -10.81 20.99
N ALA B 182 -7.42 -10.29 19.87
CA ALA B 182 -6.58 -10.05 18.71
C ALA B 182 -6.19 -8.58 18.62
N LEU B 183 -4.98 -8.33 18.15
CA LEU B 183 -4.49 -6.99 17.95
C LEU B 183 -4.35 -6.89 16.43
N LEU B 184 -5.15 -6.03 15.80
CA LEU B 184 -5.08 -5.89 14.35
C LEU B 184 -4.20 -4.73 13.93
N LEU B 185 -3.50 -4.92 12.83
CA LEU B 185 -2.65 -3.88 12.26
C LEU B 185 -3.41 -3.34 11.07
N ASP B 186 -3.05 -2.14 10.60
CA ASP B 186 -3.70 -1.65 9.39
C ASP B 186 -2.91 -2.24 8.23
N GLU B 187 -3.36 -1.99 7.01
CA GLU B 187 -2.70 -2.55 5.84
C GLU B 187 -1.25 -2.08 5.67
N GLU B 188 -0.92 -0.92 6.23
CA GLU B 188 0.44 -0.40 6.13
C GLU B 188 1.36 -1.01 7.18
N GLY B 189 0.79 -1.73 8.15
CA GLY B 189 1.61 -2.38 9.16
C GLY B 189 1.62 -1.75 10.53
N TYR B 190 0.89 -0.66 10.72
CA TYR B 190 0.85 -0.02 12.03
C TYR B 190 -0.27 -0.62 12.87
N VAL B 191 -0.17 -0.44 14.19
CA VAL B 191 -1.21 -0.96 15.06
C VAL B 191 -2.50 -0.19 14.79
N ALA B 192 -3.62 -0.91 14.76
CA ALA B 192 -4.91 -0.29 14.54
C ALA B 192 -5.71 -0.37 15.84
N GLU B 193 -6.34 -1.51 16.07
CA GLU B 193 -7.15 -1.70 17.29
C GLU B 193 -7.38 -3.18 17.54
N GLY B 194 -8.06 -3.49 18.66
CA GLY B 194 -8.38 -4.86 18.97
C GLY B 194 -9.60 -5.22 18.15
N SER B 195 -10.06 -6.47 18.20
CA SER B 195 -11.24 -6.85 17.42
C SER B 195 -12.44 -6.00 17.83
N GLY B 196 -12.41 -5.48 19.06
CA GLY B 196 -13.51 -4.66 19.54
C GLY B 196 -13.09 -3.69 20.62
N GLU B 197 -11.82 -3.28 20.61
CA GLU B 197 -11.29 -2.37 21.62
C GLU B 197 -10.27 -1.41 21.04
N ASN B 198 -10.14 -0.24 21.66
CA ASN B 198 -9.12 0.72 21.22
C ASN B 198 -7.90 0.45 22.09
N LEU B 199 -6.72 0.85 21.60
CA LEU B 199 -5.48 0.60 22.33
C LEU B 199 -4.75 1.84 22.85
N PHE B 200 -4.07 1.65 23.98
CA PHE B 200 -3.27 2.67 24.63
C PHE B 200 -1.99 2.00 25.13
N PHE B 201 -0.95 2.80 25.34
CA PHE B 201 0.27 2.26 25.92
C PHE B 201 0.89 3.34 26.78
N VAL B 202 1.75 2.95 27.71
CA VAL B 202 2.37 3.89 28.62
C VAL B 202 3.88 3.72 28.56
N ARG B 203 4.59 4.84 28.47
CA ARG B 203 6.04 4.78 28.42
C ARG B 203 6.63 5.99 29.11
N ASP B 204 7.53 5.73 30.06
CA ASP B 204 8.19 6.78 30.83
C ASP B 204 7.21 7.81 31.38
N GLY B 205 6.17 7.33 32.04
CA GLY B 205 5.18 8.21 32.65
C GLY B 205 4.14 8.85 31.77
N VAL B 206 4.29 8.74 30.45
CA VAL B 206 3.33 9.34 29.52
C VAL B 206 2.35 8.32 28.98
N ILE B 207 1.08 8.70 28.90
CA ILE B 207 0.05 7.81 28.37
C ILE B 207 -0.13 8.13 26.89
N TYR B 208 -0.04 7.09 26.07
CA TYR B 208 -0.20 7.25 24.62
C TYR B 208 -1.47 6.61 24.11
N ALA B 209 -2.37 7.44 23.57
CA ALA B 209 -3.60 6.95 22.99
C ALA B 209 -3.29 6.83 21.51
N LEU B 210 -3.80 5.81 20.84
CA LEU B 210 -3.53 5.68 19.42
C LEU B 210 -4.44 6.60 18.62
N GLU B 211 -3.94 7.09 17.50
CA GLU B 211 -4.73 7.95 16.62
C GLU B 211 -5.93 7.16 16.15
N HIS B 212 -6.95 7.86 15.64
CA HIS B 212 -8.15 7.18 15.18
C HIS B 212 -7.91 6.30 13.96
N SER B 213 -6.95 6.69 13.12
CA SER B 213 -6.64 5.98 11.88
C SER B 213 -7.88 5.32 11.26
N VAL B 214 -7.89 3.99 11.16
CA VAL B 214 -9.01 3.27 10.57
C VAL B 214 -9.91 2.64 11.64
N ASN B 215 -9.71 3.04 12.89
CA ASN B 215 -10.45 2.51 14.03
C ASN B 215 -11.76 3.21 14.34
N LEU B 216 -12.52 2.62 15.24
CA LEU B 216 -13.76 3.21 15.69
C LEU B 216 -13.32 4.25 16.72
N GLU B 217 -14.00 5.38 16.78
CA GLU B 217 -13.68 6.42 17.76
C GLU B 217 -14.36 6.01 19.07
N GLY B 218 -13.66 5.21 19.85
CA GLY B 218 -14.22 4.71 21.10
C GLY B 218 -14.67 5.72 22.12
N ILE B 219 -15.85 5.48 22.68
CA ILE B 219 -16.39 6.36 23.71
C ILE B 219 -15.66 6.06 25.01
N THR B 220 -15.22 4.81 25.17
CA THR B 220 -14.47 4.45 26.37
C THR B 220 -13.10 5.11 26.27
N ARG B 221 -12.53 5.10 25.07
CA ARG B 221 -11.24 5.73 24.82
C ARG B 221 -11.32 7.21 25.20
N ASP B 222 -12.39 7.87 24.74
CA ASP B 222 -12.60 9.28 25.04
C ASP B 222 -12.68 9.48 26.55
N SER B 223 -13.46 8.64 27.20
CA SER B 223 -13.64 8.72 28.65
C SER B 223 -12.32 8.55 29.40
N VAL B 224 -11.54 7.55 28.97
CA VAL B 224 -10.26 7.27 29.60
C VAL B 224 -9.27 8.41 29.43
N ILE B 225 -9.29 9.06 28.29
CA ILE B 225 -8.38 10.18 28.05
C ILE B 225 -8.72 11.32 29.00
N ARG B 226 -10.02 11.59 29.15
CA ARG B 226 -10.47 12.66 30.04
C ARG B 226 -10.07 12.35 31.48
N ILE B 227 -10.34 11.12 31.91
CA ILE B 227 -10.00 10.72 33.27
C ILE B 227 -8.49 10.82 33.51
N ALA B 228 -7.70 10.36 32.55
CA ALA B 228 -6.25 10.41 32.69
C ALA B 228 -5.76 11.85 32.85
N LYS B 229 -6.26 12.75 32.01
CA LYS B 229 -5.84 14.15 32.10
C LYS B 229 -6.28 14.74 33.43
N ASP B 230 -7.47 14.39 33.88
CA ASP B 230 -7.99 14.89 35.15
C ASP B 230 -7.12 14.44 36.32
N LEU B 231 -6.54 13.25 36.20
CA LEU B 231 -5.69 12.72 37.26
C LEU B 231 -4.29 13.31 37.20
N GLY B 232 -4.01 14.11 36.18
CA GLY B 232 -2.71 14.73 36.05
C GLY B 232 -1.73 14.08 35.11
N TYR B 233 -2.17 13.05 34.39
CA TYR B 233 -1.29 12.36 33.45
C TYR B 233 -1.16 13.13 32.14
N GLU B 234 0.01 13.03 31.52
CA GLU B 234 0.23 13.66 30.23
C GLU B 234 -0.29 12.63 29.23
N VAL B 235 -1.11 13.08 28.28
CA VAL B 235 -1.65 12.18 27.27
C VAL B 235 -1.29 12.68 25.89
N GLN B 236 -0.69 11.79 25.10
CA GLN B 236 -0.31 12.11 23.74
C GLN B 236 -1.02 11.15 22.81
N VAL B 237 -1.36 11.63 21.61
CA VAL B 237 -2.03 10.80 20.63
C VAL B 237 -1.04 10.57 19.50
N VAL B 238 -0.75 9.30 19.22
CA VAL B 238 0.24 8.95 18.22
C VAL B 238 -0.11 7.72 17.40
N ARG B 239 0.65 7.48 16.35
CA ARG B 239 0.50 6.29 15.55
C ARG B 239 1.54 5.37 16.20
N ALA B 240 1.27 4.08 16.26
CA ALA B 240 2.22 3.17 16.90
C ALA B 240 2.47 1.89 16.13
N THR B 241 3.63 1.31 16.38
CA THR B 241 4.01 0.05 15.74
C THR B 241 3.95 -1.04 16.81
N ARG B 242 3.92 -2.28 16.38
CA ARG B 242 3.85 -3.39 17.33
C ARG B 242 5.03 -3.39 18.29
N ASP B 243 6.22 -3.04 17.80
CA ASP B 243 7.36 -3.05 18.70
C ASP B 243 7.45 -1.86 19.65
N GLN B 244 6.62 -0.84 19.42
CA GLN B 244 6.57 0.26 20.37
C GLN B 244 5.75 -0.27 21.53
N LEU B 245 4.78 -1.13 21.24
CA LEU B 245 3.96 -1.72 22.29
C LEU B 245 4.80 -2.75 23.06
N TYR B 246 5.60 -3.54 22.35
CA TYR B 246 6.44 -4.55 22.99
C TYR B 246 7.32 -3.94 24.08
N MET B 247 7.83 -2.74 23.83
CA MET B 247 8.71 -2.09 24.80
C MET B 247 8.06 -1.07 25.72
N ALA B 248 6.74 -0.96 25.66
CA ALA B 248 6.04 -0.01 26.51
C ALA B 248 6.06 -0.49 27.96
N ASP B 249 5.89 0.43 28.91
CA ASP B 249 5.89 0.04 30.32
C ASP B 249 4.55 -0.66 30.59
N GLU B 250 3.50 -0.19 29.91
CA GLU B 250 2.17 -0.76 30.05
C GLU B 250 1.42 -0.63 28.73
N VAL B 251 0.43 -1.50 28.55
CA VAL B 251 -0.43 -1.48 27.38
C VAL B 251 -1.81 -1.83 27.94
N PHE B 252 -2.85 -1.17 27.42
CA PHE B 252 -4.19 -1.50 27.86
C PHE B 252 -5.21 -1.23 26.77
N MET B 253 -6.35 -1.89 26.86
CA MET B 253 -7.43 -1.75 25.89
C MET B 253 -8.64 -1.10 26.53
N THR B 254 -9.44 -0.42 25.72
CA THR B 254 -10.66 0.21 26.22
C THR B 254 -11.82 -0.14 25.31
N GLY B 255 -13.00 -0.28 25.91
CA GLY B 255 -14.18 -0.60 25.15
C GLY B 255 -15.36 -0.66 26.09
N THR B 256 -16.57 -0.55 25.55
CA THR B 256 -17.75 -0.59 26.41
C THR B 256 -17.80 -1.91 27.17
N ALA B 257 -17.49 -3.01 26.49
CA ALA B 257 -17.51 -4.32 27.13
C ALA B 257 -16.22 -4.58 27.91
N ALA B 258 -15.09 -4.17 27.32
CA ALA B 258 -13.79 -4.38 27.94
C ALA B 258 -13.47 -3.38 29.05
N GLU B 259 -14.25 -2.31 29.16
CA GLU B 259 -14.01 -1.27 30.17
C GLU B 259 -12.55 -0.86 29.97
N VAL B 260 -11.72 -0.98 31.01
CA VAL B 260 -10.30 -0.69 30.87
C VAL B 260 -9.61 -2.01 31.22
N THR B 261 -9.05 -2.67 30.22
CA THR B 261 -8.39 -3.95 30.42
C THR B 261 -6.88 -3.92 30.21
N PRO B 262 -6.11 -4.17 31.28
CA PRO B 262 -4.64 -4.16 31.15
C PRO B 262 -4.21 -5.30 30.25
N VAL B 263 -3.16 -5.06 29.45
CA VAL B 263 -2.60 -6.08 28.56
C VAL B 263 -1.20 -6.37 29.06
N SER B 264 -0.96 -7.61 29.48
CA SER B 264 0.35 -7.98 30.02
C SER B 264 1.29 -8.71 29.07
N MET B 265 0.78 -9.11 27.91
CA MET B 265 1.61 -9.83 26.95
C MET B 265 1.04 -9.69 25.54
N ILE B 266 1.94 -9.53 24.57
CA ILE B 266 1.55 -9.42 23.17
C ILE B 266 2.53 -10.30 22.38
N ASP B 267 1.98 -11.22 21.59
CA ASP B 267 2.81 -12.12 20.80
C ASP B 267 3.85 -12.82 21.68
N TRP B 268 3.38 -13.30 22.83
CA TRP B 268 4.21 -14.01 23.79
C TRP B 268 5.39 -13.24 24.34
N ARG B 269 5.33 -11.92 24.19
CA ARG B 269 6.38 -11.05 24.70
C ARG B 269 5.76 -10.27 25.86
N PRO B 270 6.31 -10.43 27.07
CA PRO B 270 5.75 -9.72 28.23
C PRO B 270 5.85 -8.21 28.10
N ILE B 271 4.79 -7.52 28.53
CA ILE B 271 4.77 -6.06 28.50
C ILE B 271 5.17 -5.57 29.88
N GLY B 272 6.27 -4.84 29.95
CA GLY B 272 6.73 -4.33 31.23
C GLY B 272 6.97 -5.45 32.23
N LYS B 273 6.39 -5.31 33.41
CA LYS B 273 6.56 -6.30 34.48
C LYS B 273 5.91 -7.65 34.18
N GLY B 274 5.10 -7.72 33.13
CA GLY B 274 4.47 -8.99 32.78
C GLY B 274 3.11 -9.23 33.39
N THR B 275 2.61 -8.23 34.12
CA THR B 275 1.29 -8.28 34.75
C THR B 275 0.70 -6.90 34.56
N ALA B 276 -0.54 -6.70 34.96
CA ALA B 276 -1.15 -5.38 34.82
C ALA B 276 -0.28 -4.36 35.58
N GLY B 277 -0.17 -3.16 35.02
CA GLY B 277 0.62 -2.11 35.63
C GLY B 277 -0.25 -1.17 36.45
N PRO B 278 0.35 -0.30 37.27
CA PRO B 278 -0.37 0.66 38.11
C PRO B 278 -1.22 1.70 37.39
N VAL B 279 -0.76 2.17 36.23
CA VAL B 279 -1.51 3.17 35.50
C VAL B 279 -2.84 2.62 34.97
N ALA B 280 -2.78 1.49 34.28
CA ALA B 280 -4.00 0.89 33.74
C ALA B 280 -4.97 0.53 34.87
N LEU B 281 -4.43 -0.01 35.96
CA LEU B 281 -5.28 -0.39 37.09
C LEU B 281 -5.95 0.83 37.71
N ARG B 282 -5.22 1.94 37.78
CA ARG B 282 -5.77 3.16 38.35
C ARG B 282 -6.86 3.74 37.45
N LEU B 283 -6.61 3.74 36.14
CA LEU B 283 -7.60 4.27 35.20
C LEU B 283 -8.86 3.41 35.25
N ARG B 284 -8.70 2.10 35.34
CA ARG B 284 -9.85 1.20 35.40
C ARG B 284 -10.63 1.49 36.68
N GLU B 285 -9.89 1.68 37.77
CA GLU B 285 -10.50 1.98 39.07
C GLU B 285 -11.35 3.23 39.01
N VAL B 286 -10.79 4.33 38.53
CA VAL B 286 -11.53 5.58 38.44
C VAL B 286 -12.66 5.51 37.43
N TYR B 287 -12.45 4.80 36.33
CA TYR B 287 -13.49 4.67 35.31
C TYR B 287 -14.69 3.97 35.91
N LEU B 288 -14.44 2.90 36.67
CA LEU B 288 -15.54 2.16 37.28
C LEU B 288 -16.26 2.97 38.35
N GLU B 289 -15.53 3.84 39.04
CA GLU B 289 -16.16 4.67 40.06
C GLU B 289 -17.05 5.68 39.33
N ALA B 290 -16.60 6.11 38.15
CA ALA B 290 -17.36 7.06 37.36
C ALA B 290 -18.67 6.48 36.85
N VAL B 291 -18.59 5.30 36.23
CA VAL B 291 -19.78 4.66 35.68
C VAL B 291 -20.78 4.21 36.74
N THR B 292 -20.32 4.01 37.97
CA THR B 292 -21.21 3.57 39.04
C THR B 292 -21.72 4.75 39.89
N GLY B 293 -21.56 5.97 39.36
CA GLY B 293 -22.04 7.16 40.05
C GLY B 293 -21.33 7.56 41.32
N ARG B 294 -20.06 7.20 41.47
CA ARG B 294 -19.30 7.55 42.66
C ARG B 294 -18.36 8.75 42.47
N ARG B 295 -18.39 9.35 41.27
CA ARG B 295 -17.55 10.51 40.98
C ARG B 295 -18.46 11.65 40.52
N PRO B 296 -18.72 12.63 41.40
CA PRO B 296 -19.57 13.76 41.04
C PRO B 296 -19.14 14.51 39.77
N GLU B 297 -17.83 14.59 39.55
CA GLU B 297 -17.32 15.30 38.39
C GLU B 297 -17.69 14.63 37.06
N TYR B 298 -18.10 13.37 37.13
CA TYR B 298 -18.46 12.63 35.92
C TYR B 298 -19.94 12.26 35.83
N GLU B 299 -20.74 12.81 36.74
CA GLU B 299 -22.17 12.53 36.76
C GLU B 299 -22.87 12.89 35.45
N GLY B 300 -22.32 13.89 34.76
CA GLY B 300 -22.92 14.31 33.50
C GLY B 300 -22.94 13.22 32.45
N TRP B 301 -22.13 12.19 32.64
CA TRP B 301 -22.06 11.08 31.70
C TRP B 301 -23.14 10.03 31.96
N LEU B 302 -23.78 10.11 33.12
CA LEU B 302 -24.80 9.13 33.48
C LEU B 302 -26.24 9.54 33.27
N THR B 303 -27.04 8.56 32.87
CA THR B 303 -28.47 8.75 32.66
C THR B 303 -29.16 7.73 33.55
N TYR B 304 -29.76 8.20 34.65
CA TYR B 304 -30.43 7.31 35.57
C TYR B 304 -31.81 6.95 35.01
N VAL B 305 -32.11 5.65 35.01
CA VAL B 305 -33.39 5.17 34.47
C VAL B 305 -34.54 5.34 35.45
N ASN B 306 -34.23 5.44 36.74
CA ASN B 306 -35.27 5.61 37.75
C ASN B 306 -35.41 7.08 38.16
N GLN C 2 41.91 -2.96 9.88
CA GLN C 2 41.38 -3.70 11.06
C GLN C 2 40.91 -2.73 12.13
N ILE C 3 40.08 -3.21 13.04
CA ILE C 3 39.56 -2.37 14.13
C ILE C 3 40.43 -2.51 15.37
N LYS C 4 40.82 -1.38 15.95
CA LYS C 4 41.66 -1.39 17.14
C LYS C 4 40.78 -1.35 18.40
N ALA C 5 40.16 -2.47 18.72
CA ALA C 5 39.27 -2.55 19.87
C ALA C 5 40.00 -2.84 21.17
N GLY C 6 41.01 -3.70 21.11
CA GLY C 6 41.75 -4.05 22.30
C GLY C 6 41.01 -5.09 23.13
N LEU C 7 40.91 -4.85 24.43
CA LEU C 7 40.22 -5.78 25.31
C LEU C 7 38.71 -5.73 25.08
N ILE C 8 38.13 -6.90 24.85
CA ILE C 8 36.70 -7.03 24.59
C ILE C 8 36.04 -7.89 25.66
N TRP C 9 34.91 -7.41 26.18
CA TRP C 9 34.16 -8.14 27.19
C TRP C 9 33.40 -9.25 26.48
N MET C 10 33.72 -10.51 26.81
CA MET C 10 33.07 -11.66 26.20
C MET C 10 32.34 -12.50 27.24
N ASN C 11 31.01 -12.43 27.22
CA ASN C 11 30.17 -13.19 28.14
C ASN C 11 30.64 -13.23 29.60
N GLY C 12 30.93 -12.08 30.18
CA GLY C 12 31.34 -12.04 31.57
C GLY C 12 32.80 -11.78 31.88
N ALA C 13 33.67 -11.80 30.87
CA ALA C 13 35.09 -11.56 31.11
C ALA C 13 35.79 -10.95 29.91
N PHE C 14 36.76 -10.09 30.17
CA PHE C 14 37.51 -9.45 29.10
C PHE C 14 38.57 -10.38 28.53
N VAL C 15 38.77 -10.30 27.22
CA VAL C 15 39.76 -11.13 26.54
C VAL C 15 40.40 -10.30 25.43
N PRO C 16 41.61 -10.69 25.01
CA PRO C 16 42.30 -9.96 23.93
C PRO C 16 41.40 -10.00 22.69
N GLN C 17 41.50 -8.98 21.85
CA GLN C 17 40.69 -8.91 20.64
C GLN C 17 40.78 -10.17 19.79
N GLU C 18 41.99 -10.69 19.62
CA GLU C 18 42.19 -11.89 18.80
C GLU C 18 41.42 -13.10 19.33
N GLU C 19 41.06 -13.09 20.60
CA GLU C 19 40.34 -14.21 21.19
C GLU C 19 38.83 -14.02 21.16
N ALA C 20 38.38 -12.83 20.80
CA ALA C 20 36.95 -12.54 20.74
C ALA C 20 36.37 -13.04 19.42
N LYS C 21 36.18 -14.34 19.33
CA LYS C 21 35.64 -14.96 18.13
C LYS C 21 34.46 -15.87 18.45
N THR C 22 33.69 -16.17 17.42
CA THR C 22 32.51 -17.03 17.57
C THR C 22 32.44 -17.97 16.38
N SER C 23 31.77 -19.11 16.57
CA SER C 23 31.64 -20.10 15.51
C SER C 23 30.98 -19.54 14.26
N VAL C 24 31.45 -19.98 13.09
CA VAL C 24 30.87 -19.52 11.83
C VAL C 24 29.52 -20.18 11.64
N LEU C 25 29.14 -21.05 12.58
CA LEU C 25 27.85 -21.73 12.53
C LEU C 25 26.85 -21.01 13.42
N SER C 26 27.25 -19.84 13.93
CA SER C 26 26.39 -19.05 14.78
C SER C 26 25.16 -18.59 14.01
N HIS C 27 23.99 -18.79 14.61
CA HIS C 27 22.70 -18.44 14.03
C HIS C 27 22.70 -17.01 13.46
N ALA C 28 23.21 -16.06 14.23
CA ALA C 28 23.23 -14.66 13.81
C ALA C 28 24.07 -14.38 12.56
N LEU C 29 25.07 -15.22 12.28
CA LEU C 29 25.91 -15.01 11.11
C LEU C 29 25.19 -15.46 9.84
N HIS C 30 24.18 -16.31 10.01
CA HIS C 30 23.41 -16.82 8.88
C HIS C 30 22.06 -16.16 8.71
N TYR C 31 21.46 -15.75 9.81
CA TYR C 31 20.11 -15.20 9.77
C TYR C 31 19.86 -13.80 10.34
N GLY C 32 20.92 -13.06 10.61
CA GLY C 32 20.80 -11.69 11.12
C GLY C 32 20.19 -11.53 12.50
N THR C 33 20.17 -12.61 13.27
CA THR C 33 19.58 -12.62 14.60
C THR C 33 20.48 -12.12 15.73
N SER C 34 20.81 -10.83 15.66
CA SER C 34 21.63 -10.20 16.69
C SER C 34 21.00 -8.85 16.99
N VAL C 35 21.41 -8.24 18.09
CA VAL C 35 20.93 -6.91 18.47
C VAL C 35 22.17 -6.19 18.95
N PHE C 36 22.23 -4.89 18.74
CA PHE C 36 23.40 -4.15 19.18
C PHE C 36 23.04 -2.72 19.56
N GLU C 37 24.03 -2.01 20.09
CA GLU C 37 23.83 -0.61 20.45
C GLU C 37 25.03 0.18 19.98
N GLY C 38 24.87 1.50 20.00
CA GLY C 38 25.94 2.40 19.61
C GLY C 38 25.93 3.44 20.72
N ILE C 39 27.00 3.48 21.50
CA ILE C 39 27.08 4.41 22.61
C ILE C 39 28.40 5.17 22.53
N ARG C 40 28.39 6.42 22.94
CA ARG C 40 29.62 7.19 22.91
C ARG C 40 30.04 7.75 24.26
N ALA C 41 31.35 7.89 24.41
CA ALA C 41 31.92 8.45 25.62
C ALA C 41 32.70 9.66 25.12
N TYR C 42 32.57 10.78 25.83
CA TYR C 42 33.28 11.99 25.46
C TYR C 42 34.21 12.40 26.59
N GLU C 43 35.35 12.99 26.24
CA GLU C 43 36.29 13.44 27.25
C GLU C 43 35.75 14.73 27.85
N THR C 44 35.72 14.81 29.17
CA THR C 44 35.23 15.99 29.86
C THR C 44 36.32 16.47 30.81
N ALA C 45 36.04 17.55 31.54
CA ALA C 45 37.00 18.10 32.49
C ALA C 45 37.22 17.11 33.63
N LYS C 46 36.30 16.17 33.78
CA LYS C 46 36.40 15.16 34.83
C LYS C 46 36.55 13.75 34.27
N GLY C 47 37.25 13.64 33.14
CA GLY C 47 37.45 12.33 32.54
C GLY C 47 36.33 11.91 31.61
N PRO C 48 36.43 10.69 31.04
CA PRO C 48 35.42 10.15 30.11
C PRO C 48 34.02 10.08 30.70
N ALA C 49 33.04 10.49 29.89
CA ALA C 49 31.65 10.46 30.31
C ALA C 49 30.85 9.78 29.21
N ILE C 50 30.13 8.72 29.57
CA ILE C 50 29.31 7.99 28.62
C ILE C 50 27.98 8.71 28.53
N PHE C 51 27.50 8.93 27.31
CA PHE C 51 26.25 9.66 27.12
C PHE C 51 25.00 8.79 27.12
N ARG C 52 24.11 9.08 28.06
CA ARG C 52 22.84 8.38 28.23
C ARG C 52 22.97 6.87 28.16
N LEU C 53 23.85 6.35 29.02
CA LEU C 53 24.13 4.93 29.11
C LEU C 53 22.87 4.11 29.39
N LYS C 54 22.09 4.52 30.38
CA LYS C 54 20.88 3.79 30.74
C LYS C 54 19.86 3.69 29.61
N GLU C 55 19.63 4.76 28.87
CA GLU C 55 18.67 4.71 27.78
C GLU C 55 19.16 3.74 26.70
N HIS C 56 20.46 3.73 26.45
CA HIS C 56 21.01 2.81 25.45
C HIS C 56 20.91 1.36 25.91
N VAL C 57 21.19 1.12 27.18
CA VAL C 57 21.09 -0.24 27.70
C VAL C 57 19.64 -0.70 27.71
N LYS C 58 18.72 0.19 28.06
CA LYS C 58 17.31 -0.16 28.07
C LYS C 58 16.90 -0.57 26.65
N ARG C 59 17.33 0.19 25.65
CA ARG C 59 16.98 -0.14 24.28
C ARG C 59 17.60 -1.46 23.85
N PHE C 60 18.79 -1.76 24.35
CA PHE C 60 19.48 -3.01 24.04
C PHE C 60 18.60 -4.19 24.45
N TYR C 61 18.12 -4.16 25.69
CA TYR C 61 17.26 -5.23 26.18
C TYR C 61 15.91 -5.22 25.48
N ASN C 62 15.44 -4.03 25.11
CA ASN C 62 14.17 -3.90 24.39
C ASN C 62 14.30 -4.56 23.02
N SER C 63 15.42 -4.34 22.35
CA SER C 63 15.65 -4.93 21.04
C SER C 63 15.67 -6.47 21.16
N ALA C 64 16.28 -6.95 22.23
CA ALA C 64 16.35 -8.40 22.45
C ALA C 64 14.95 -8.99 22.59
N LYS C 65 14.08 -8.30 23.31
CA LYS C 65 12.71 -8.79 23.50
C LYS C 65 11.98 -8.97 22.18
N VAL C 66 12.21 -8.07 21.22
CA VAL C 66 11.55 -8.19 19.93
C VAL C 66 11.86 -9.52 19.27
N LEU C 67 13.08 -10.02 19.46
CA LEU C 67 13.47 -11.29 18.87
C LEU C 67 13.25 -12.45 19.85
N ARG C 68 12.67 -12.14 21.01
CA ARG C 68 12.44 -13.13 22.04
C ARG C 68 13.79 -13.74 22.41
N MET C 69 14.81 -12.89 22.35
CA MET C 69 16.18 -13.27 22.66
C MET C 69 16.42 -13.06 24.15
N GLU C 70 17.08 -14.02 24.78
CA GLU C 70 17.36 -13.94 26.19
C GLU C 70 18.80 -13.49 26.44
N ILE C 71 18.96 -12.38 27.15
CA ILE C 71 20.29 -11.88 27.47
C ILE C 71 20.57 -12.40 28.88
N PRO C 72 21.53 -13.33 29.01
CA PRO C 72 21.91 -13.94 30.29
C PRO C 72 22.68 -13.08 31.29
N PHE C 73 22.46 -11.77 31.24
CA PHE C 73 23.12 -10.84 32.15
C PHE C 73 22.12 -9.77 32.55
N ALA C 74 22.24 -9.27 33.78
CA ALA C 74 21.36 -8.21 34.24
C ALA C 74 21.85 -6.90 33.65
N PRO C 75 20.94 -5.95 33.40
CA PRO C 75 21.33 -4.66 32.82
C PRO C 75 22.49 -4.01 33.57
N GLU C 76 22.47 -4.13 34.90
CA GLU C 76 23.51 -3.57 35.75
C GLU C 76 24.87 -4.18 35.43
N GLU C 77 24.88 -5.45 35.05
CA GLU C 77 26.12 -6.14 34.70
C GLU C 77 26.66 -5.60 33.37
N LEU C 78 25.76 -5.41 32.41
CA LEU C 78 26.16 -4.91 31.11
C LEU C 78 26.66 -3.47 31.24
N GLU C 79 26.01 -2.69 32.09
CA GLU C 79 26.41 -1.30 32.30
C GLU C 79 27.81 -1.23 32.89
N GLU C 80 28.10 -2.15 33.81
CA GLU C 80 29.42 -2.20 34.42
C GLU C 80 30.46 -2.60 33.37
N ALA C 81 30.09 -3.55 32.51
CA ALA C 81 30.99 -4.00 31.46
C ALA C 81 31.29 -2.86 30.49
N ILE C 82 30.27 -2.05 30.20
CA ILE C 82 30.45 -0.93 29.28
C ILE C 82 31.39 0.11 29.89
N LYS C 83 31.27 0.34 31.19
CA LYS C 83 32.16 1.31 31.83
C LYS C 83 33.59 0.75 31.86
N GLU C 84 33.71 -0.55 32.07
CA GLU C 84 35.01 -1.19 32.14
C GLU C 84 35.72 -1.29 30.79
N VAL C 85 34.97 -1.41 29.70
CA VAL C 85 35.60 -1.50 28.39
C VAL C 85 36.30 -0.17 28.08
N VAL C 86 35.80 0.91 28.66
CA VAL C 86 36.39 2.22 28.47
C VAL C 86 37.64 2.31 29.36
N ARG C 87 37.46 1.97 30.63
CA ARG C 87 38.55 2.01 31.62
C ARG C 87 39.73 1.11 31.28
N ARG C 88 39.47 -0.18 31.10
CA ARG C 88 40.51 -1.15 30.80
C ARG C 88 41.33 -0.86 29.54
N ASN C 89 40.74 -0.18 28.58
CA ASN C 89 41.45 0.15 27.36
C ASN C 89 42.04 1.54 27.37
N GLY C 90 41.81 2.26 28.47
CA GLY C 90 42.34 3.60 28.61
C GLY C 90 41.77 4.60 27.63
N TYR C 91 40.52 4.38 27.22
CA TYR C 91 39.87 5.26 26.27
C TYR C 91 39.36 6.54 26.91
N ARG C 92 39.27 7.59 26.12
CA ARG C 92 38.77 8.89 26.57
C ARG C 92 37.50 9.08 25.72
N SER C 93 37.70 9.51 24.48
CA SER C 93 36.58 9.69 23.56
C SER C 93 36.52 8.40 22.75
N CYS C 94 35.39 7.70 22.81
CA CYS C 94 35.29 6.44 22.09
C CYS C 94 33.87 6.06 21.73
N TYR C 95 33.76 5.03 20.90
CA TYR C 95 32.47 4.50 20.48
C TYR C 95 32.39 3.11 21.08
N ILE C 96 31.27 2.82 21.74
CA ILE C 96 31.05 1.55 22.41
C ILE C 96 30.00 0.74 21.67
N ARG C 97 30.32 -0.52 21.39
CA ARG C 97 29.42 -1.41 20.65
C ARG C 97 29.05 -2.71 21.35
N PRO C 98 27.93 -2.69 22.09
CA PRO C 98 27.47 -3.91 22.79
C PRO C 98 26.78 -4.73 21.71
N LEU C 99 26.91 -6.06 21.79
CA LEU C 99 26.29 -6.94 20.81
C LEU C 99 25.82 -8.23 21.45
N ALA C 100 24.60 -8.63 21.15
CA ALA C 100 24.07 -9.90 21.67
C ALA C 100 23.67 -10.66 20.41
N TRP C 101 24.11 -11.91 20.29
CA TRP C 101 23.79 -12.69 19.10
C TRP C 101 23.45 -14.13 19.40
N MET C 102 22.62 -14.72 18.54
CA MET C 102 22.24 -16.11 18.71
C MET C 102 23.42 -16.97 18.24
N GLY C 103 23.81 -17.90 19.10
CA GLY C 103 24.94 -18.78 18.83
C GLY C 103 24.76 -19.96 17.91
N ALA C 104 25.69 -20.92 18.00
CA ALA C 104 25.69 -22.09 17.14
C ALA C 104 25.10 -23.40 17.66
N LYS C 105 24.08 -23.33 18.51
CA LYS C 105 23.49 -24.56 19.01
C LYS C 105 22.75 -25.31 17.90
N ALA C 106 22.16 -24.55 16.97
CA ALA C 106 21.41 -25.13 15.86
C ALA C 106 21.23 -24.09 14.77
N LEU C 107 20.89 -24.54 13.57
CA LEU C 107 20.69 -23.60 12.46
C LEU C 107 19.30 -23.63 11.84
N GLY C 108 18.29 -23.97 12.63
CA GLY C 108 16.94 -23.94 12.13
C GLY C 108 16.67 -22.44 12.16
N VAL C 109 15.83 -21.92 11.28
CA VAL C 109 15.59 -20.47 11.29
C VAL C 109 15.00 -19.96 12.61
N ASN C 110 14.24 -20.79 13.30
CA ASN C 110 13.67 -20.41 14.59
C ASN C 110 14.87 -20.26 15.55
N PRO C 111 15.06 -19.06 16.13
CA PRO C 111 16.18 -18.85 17.04
C PRO C 111 16.00 -19.28 18.50
N LEU C 112 14.76 -19.56 18.89
CA LEU C 112 14.49 -19.95 20.28
C LEU C 112 15.36 -21.07 20.84
N PRO C 113 15.63 -22.12 20.05
CA PRO C 113 16.46 -23.20 20.55
C PRO C 113 17.90 -22.78 20.84
N ASN C 114 18.30 -21.63 20.32
CA ASN C 114 19.66 -21.14 20.51
C ASN C 114 19.87 -20.29 21.76
N ASN C 115 18.78 -19.95 22.45
CA ASN C 115 18.89 -19.14 23.66
C ASN C 115 19.68 -19.90 24.74
N PRO C 116 20.36 -19.17 25.64
CA PRO C 116 20.42 -17.71 25.67
C PRO C 116 21.45 -17.15 24.69
N ALA C 117 21.31 -15.87 24.35
CA ALA C 117 22.24 -15.25 23.42
C ALA C 117 23.63 -15.07 24.02
N GLU C 118 24.62 -14.94 23.16
CA GLU C 118 25.98 -14.70 23.61
C GLU C 118 26.06 -13.19 23.61
N VAL C 119 26.90 -12.62 24.46
CA VAL C 119 27.01 -11.18 24.55
C VAL C 119 28.45 -10.70 24.62
N MET C 120 28.72 -9.54 24.01
CA MET C 120 30.06 -8.98 24.04
C MET C 120 29.97 -7.46 23.98
N VAL C 121 30.99 -6.80 24.48
CA VAL C 121 31.05 -5.35 24.44
C VAL C 121 32.45 -4.96 24.00
N ALA C 122 32.52 -4.19 22.92
CA ALA C 122 33.79 -3.74 22.39
C ALA C 122 33.72 -2.23 22.23
N ALA C 123 34.87 -1.58 22.17
CA ALA C 123 34.92 -0.14 22.02
C ALA C 123 36.21 0.23 21.30
N TRP C 124 36.23 1.41 20.69
CA TRP C 124 37.41 1.88 20.00
C TRP C 124 37.44 3.40 19.96
N GLU C 125 38.64 3.95 19.84
CA GLU C 125 38.83 5.40 19.81
C GLU C 125 38.03 6.06 18.70
N TRP C 126 37.44 7.20 19.02
CA TRP C 126 36.64 7.94 18.05
C TRP C 126 37.54 8.69 17.06
N VAL C 135 30.35 19.30 8.18
CA VAL C 135 29.45 19.96 9.16
C VAL C 135 29.16 21.41 8.79
N ARG C 136 30.22 22.19 8.59
CA ARG C 136 30.07 23.59 8.22
C ARG C 136 29.48 23.67 6.82
N LYS C 137 30.06 22.91 5.89
CA LYS C 137 29.58 22.88 4.51
C LYS C 137 28.20 22.23 4.51
N GLY C 138 28.06 21.17 5.30
CA GLY C 138 26.79 20.48 5.38
C GLY C 138 26.85 19.16 4.64
N ALA C 139 26.09 18.18 5.10
CA ALA C 139 26.06 16.87 4.46
C ALA C 139 25.15 16.91 3.25
N ARG C 140 25.49 16.10 2.24
CA ARG C 140 24.68 16.01 1.04
C ARG C 140 23.96 14.69 1.07
N LEU C 141 22.64 14.72 0.95
CA LEU C 141 21.86 13.49 0.97
C LEU C 141 21.21 13.25 -0.38
N ILE C 142 20.89 11.99 -0.64
CA ILE C 142 20.16 11.63 -1.84
C ILE C 142 19.11 10.65 -1.37
N THR C 143 17.89 10.79 -1.87
CA THR C 143 16.80 9.92 -1.50
C THR C 143 17.06 8.54 -2.11
N SER C 144 16.93 7.52 -1.27
CA SER C 144 17.18 6.15 -1.67
C SER C 144 16.07 5.48 -2.45
N SER C 145 16.45 4.47 -3.23
CA SER C 145 15.50 3.68 -4.01
C SER C 145 15.08 2.48 -3.13
N TRP C 146 15.63 2.41 -1.93
CA TRP C 146 15.28 1.35 -0.99
C TRP C 146 14.40 2.00 0.08
N ALA C 147 13.22 1.43 0.30
CA ALA C 147 12.30 1.97 1.29
C ALA C 147 12.56 1.39 2.67
N ARG C 148 12.34 2.20 3.70
CA ARG C 148 12.52 1.75 5.07
C ARG C 148 11.43 0.71 5.29
N PHE C 149 11.78 -0.41 5.93
CA PHE C 149 10.82 -1.48 6.15
C PHE C 149 9.55 -1.13 6.90
N PRO C 150 8.40 -1.65 6.42
CA PRO C 150 7.12 -1.39 7.09
C PRO C 150 7.23 -1.98 8.50
N ALA C 151 6.41 -1.48 9.41
CA ALA C 151 6.42 -1.92 10.80
C ALA C 151 6.02 -3.36 11.06
N ASN C 152 5.55 -4.05 10.02
CA ASN C 152 5.17 -5.45 10.14
C ASN C 152 6.03 -6.34 9.26
N VAL C 153 7.19 -5.80 8.85
CA VAL C 153 8.13 -6.53 8.01
C VAL C 153 9.43 -6.75 8.78
N MET C 154 9.96 -5.69 9.36
CA MET C 154 11.17 -5.76 10.18
C MET C 154 10.89 -4.83 11.36
N PRO C 155 11.37 -5.18 12.56
CA PRO C 155 11.16 -4.36 13.76
C PRO C 155 12.02 -3.10 13.78
N GLY C 156 11.51 -2.04 13.17
CA GLY C 156 12.24 -0.78 13.08
C GLY C 156 12.53 -0.01 14.34
N LYS C 157 11.93 -0.40 15.47
CA LYS C 157 12.17 0.27 16.73
C LYS C 157 13.31 -0.42 17.47
N ALA C 158 13.79 -1.52 16.89
CA ALA C 158 14.88 -2.28 17.49
C ALA C 158 16.12 -2.22 16.62
N LYS C 159 17.29 -2.41 17.22
CA LYS C 159 18.52 -2.43 16.46
C LYS C 159 18.87 -3.90 16.27
N VAL C 160 18.11 -4.55 15.39
CA VAL C 160 18.29 -5.96 15.05
C VAL C 160 19.24 -6.03 13.87
N GLY C 161 20.25 -6.88 13.98
CA GLY C 161 21.24 -7.02 12.92
C GLY C 161 20.70 -7.04 11.50
N GLY C 162 19.76 -7.95 11.25
CA GLY C 162 19.18 -8.07 9.92
C GLY C 162 18.59 -6.80 9.35
N ASN C 163 18.08 -5.94 10.20
CA ASN C 163 17.50 -4.67 9.78
C ASN C 163 18.50 -3.88 8.95
N TYR C 164 19.77 -3.99 9.33
CA TYR C 164 20.77 -3.19 8.65
C TYR C 164 21.20 -3.55 7.24
N VAL C 165 20.59 -4.59 6.69
CA VAL C 165 20.85 -4.94 5.31
C VAL C 165 20.19 -3.82 4.51
N ASN C 166 19.03 -3.37 5.00
CA ASN C 166 18.28 -2.28 4.38
C ASN C 166 19.11 -0.99 4.44
N SER C 167 19.69 -0.73 5.61
CA SER C 167 20.53 0.46 5.78
C SER C 167 21.77 0.39 4.92
N ALA C 168 22.38 -0.81 4.87
CA ALA C 168 23.59 -1.02 4.08
C ALA C 168 23.34 -0.76 2.60
N LEU C 169 22.24 -1.29 2.09
CA LEU C 169 21.92 -1.11 0.67
C LEU C 169 21.74 0.37 0.34
N ALA C 170 21.04 1.08 1.22
CA ALA C 170 20.79 2.50 1.02
C ALA C 170 22.08 3.32 1.11
N LYS C 171 22.91 3.02 2.10
CA LYS C 171 24.16 3.74 2.27
C LYS C 171 25.07 3.57 1.06
N MET C 172 25.21 2.33 0.57
CA MET C 172 26.06 2.08 -0.59
C MET C 172 25.56 2.87 -1.79
N GLU C 173 24.24 2.86 -1.99
CA GLU C 173 23.62 3.58 -3.09
C GLU C 173 23.93 5.07 -3.02
N ALA C 174 23.79 5.65 -1.83
CA ALA C 174 24.03 7.08 -1.64
C ALA C 174 25.48 7.45 -1.94
N VAL C 175 26.40 6.69 -1.36
CA VAL C 175 27.83 6.94 -1.57
C VAL C 175 28.20 6.79 -3.05
N ALA C 176 27.64 5.78 -3.70
CA ALA C 176 27.92 5.54 -5.11
C ALA C 176 27.41 6.69 -5.98
N ALA C 177 26.33 7.33 -5.54
CA ALA C 177 25.74 8.44 -6.26
C ALA C 177 26.46 9.75 -5.99
N GLY C 178 27.47 9.71 -5.12
CA GLY C 178 28.23 10.90 -4.80
C GLY C 178 27.80 11.65 -3.57
N ALA C 179 26.84 11.10 -2.82
CA ALA C 179 26.34 11.76 -1.61
C ALA C 179 27.03 11.25 -0.35
N ASP C 180 26.77 11.91 0.77
CA ASP C 180 27.36 11.52 2.05
C ASP C 180 26.49 10.52 2.78
N GLU C 181 25.18 10.62 2.59
CA GLU C 181 24.26 9.75 3.30
C GLU C 181 22.97 9.57 2.51
N ALA C 182 22.24 8.51 2.83
CA ALA C 182 20.98 8.24 2.16
C ALA C 182 19.80 8.70 2.99
N LEU C 183 18.75 9.15 2.32
CA LEU C 183 17.51 9.55 2.97
C LEU C 183 16.51 8.51 2.48
N LEU C 184 16.02 7.67 3.39
CA LEU C 184 15.05 6.66 2.99
C LEU C 184 13.62 7.10 3.21
N LEU C 185 12.75 6.70 2.29
CA LEU C 185 11.33 6.99 2.40
C LEU C 185 10.67 5.71 2.89
N ASP C 186 9.46 5.80 3.41
CA ASP C 186 8.77 4.57 3.79
C ASP C 186 8.07 4.08 2.53
N GLU C 187 7.43 2.92 2.59
CA GLU C 187 6.78 2.36 1.41
C GLU C 187 5.67 3.23 0.85
N GLU C 188 5.08 4.09 1.69
CA GLU C 188 4.01 4.97 1.24
C GLU C 188 4.54 6.23 0.56
N GLY C 189 5.85 6.44 0.63
CA GLY C 189 6.43 7.60 -0.02
C GLY C 189 6.82 8.77 0.86
N TYR C 190 6.59 8.66 2.16
CA TYR C 190 6.95 9.75 3.07
C TYR C 190 8.38 9.58 3.55
N VAL C 191 8.98 10.65 4.04
CA VAL C 191 10.34 10.58 4.55
C VAL C 191 10.33 9.71 5.79
N ALA C 192 11.35 8.86 5.93
CA ALA C 192 11.47 8.01 7.10
C ALA C 192 12.68 8.47 7.90
N GLU C 193 13.87 7.98 7.54
CA GLU C 193 15.09 8.37 8.25
C GLU C 193 16.31 8.13 7.36
N GLY C 194 17.48 8.52 7.86
CA GLY C 194 18.71 8.30 7.12
C GLY C 194 19.08 6.84 7.35
N SER C 195 20.15 6.36 6.73
CA SER C 195 20.52 4.94 6.93
C SER C 195 20.83 4.66 8.41
N GLY C 196 21.19 5.69 9.15
CA GLY C 196 21.50 5.52 10.56
C GLY C 196 21.30 6.79 11.36
N GLU C 197 20.40 7.66 10.88
CA GLU C 197 20.14 8.92 11.55
C GLU C 197 18.68 9.32 11.45
N ASN C 198 18.19 10.09 12.42
CA ASN C 198 16.82 10.59 12.38
C ASN C 198 16.88 11.95 11.71
N LEU C 199 15.76 12.39 11.14
CA LEU C 199 15.70 13.66 10.44
C LEU C 199 14.85 14.75 11.08
N PHE C 200 15.28 15.99 10.85
CA PHE C 200 14.60 17.20 11.34
C PHE C 200 14.67 18.23 10.23
N PHE C 201 13.78 19.22 10.26
CA PHE C 201 13.88 20.31 9.31
C PHE C 201 13.36 21.55 10.02
N VAL C 202 13.76 22.72 9.54
CA VAL C 202 13.36 23.97 10.17
C VAL C 202 12.67 24.84 9.12
N ARG C 203 11.56 25.45 9.50
CA ARG C 203 10.83 26.30 8.57
C ARG C 203 10.16 27.44 9.32
N ASP C 204 10.44 28.66 8.89
CA ASP C 204 9.88 29.85 9.52
C ASP C 204 10.05 29.87 11.03
N GLY C 205 11.28 29.57 11.47
CA GLY C 205 11.60 29.58 12.89
C GLY C 205 11.19 28.37 13.71
N VAL C 206 10.34 27.51 13.16
CA VAL C 206 9.88 26.33 13.88
C VAL C 206 10.69 25.09 13.53
N ILE C 207 11.07 24.32 14.54
CA ILE C 207 11.83 23.09 14.34
C ILE C 207 10.85 21.93 14.24
N TYR C 208 10.97 21.16 13.16
CA TYR C 208 10.11 20.02 12.96
C TYR C 208 10.86 18.70 13.05
N ALA C 209 10.49 17.90 14.03
CA ALA C 209 11.09 16.59 14.19
C ALA C 209 10.13 15.64 13.49
N LEU C 210 10.66 14.63 12.82
CA LEU C 210 9.78 13.69 12.14
C LEU C 210 9.19 12.71 13.15
N GLU C 211 7.95 12.28 12.91
CA GLU C 211 7.30 11.32 13.78
C GLU C 211 8.12 10.03 13.76
N HIS C 212 7.87 9.15 14.72
CA HIS C 212 8.62 7.90 14.79
C HIS C 212 8.36 6.95 13.62
N SER C 213 7.15 6.97 13.07
CA SER C 213 6.73 6.09 11.98
C SER C 213 7.43 4.73 12.03
N VAL C 214 8.24 4.40 11.03
CA VAL C 214 8.95 3.11 10.99
C VAL C 214 10.42 3.26 11.40
N ASN C 215 10.76 4.41 11.95
CA ASN C 215 12.13 4.71 12.35
C ASN C 215 12.51 4.26 13.74
N LEU C 216 13.81 4.33 14.02
CA LEU C 216 14.30 3.99 15.34
C LEU C 216 14.00 5.24 16.17
N GLU C 217 13.64 5.06 17.44
CA GLU C 217 13.38 6.21 18.31
C GLU C 217 14.74 6.66 18.80
N GLY C 218 15.39 7.53 18.03
CA GLY C 218 16.71 8.00 18.38
C GLY C 218 16.87 8.69 19.72
N ILE C 219 17.95 8.34 20.41
CA ILE C 219 18.26 8.96 21.69
C ILE C 219 18.84 10.35 21.43
N THR C 220 19.50 10.52 20.29
CA THR C 220 20.07 11.82 19.95
C THR C 220 18.90 12.73 19.57
N ARG C 221 17.94 12.18 18.83
CA ARG C 221 16.75 12.93 18.45
C ARG C 221 16.06 13.43 19.72
N ASP C 222 15.89 12.54 20.69
CA ASP C 222 15.25 12.90 21.95
C ASP C 222 16.03 14.02 22.64
N SER C 223 17.35 13.88 22.68
CA SER C 223 18.21 14.87 23.32
C SER C 223 18.11 16.23 22.64
N VAL C 224 18.11 16.22 21.31
CA VAL C 224 18.04 17.45 20.52
C VAL C 224 16.71 18.17 20.74
N ILE C 225 15.63 17.40 20.88
CA ILE C 225 14.33 18.01 21.09
C ILE C 225 14.29 18.71 22.44
N ARG C 226 14.82 18.06 23.46
CA ARG C 226 14.83 18.67 24.80
C ARG C 226 15.69 19.92 24.78
N ILE C 227 16.86 19.85 24.17
CA ILE C 227 17.76 20.98 24.08
C ILE C 227 17.11 22.14 23.34
N ALA C 228 16.47 21.84 22.20
CA ALA C 228 15.80 22.87 21.42
C ALA C 228 14.73 23.59 22.23
N LYS C 229 13.89 22.81 22.91
CA LYS C 229 12.84 23.42 23.71
C LYS C 229 13.43 24.26 24.85
N ASP C 230 14.48 23.76 25.47
CA ASP C 230 15.13 24.49 26.55
C ASP C 230 15.72 25.81 26.06
N LEU C 231 16.16 25.84 24.81
CA LEU C 231 16.73 27.05 24.23
C LEU C 231 15.65 28.05 23.81
N GLY C 232 14.40 27.63 23.85
CA GLY C 232 13.31 28.52 23.49
C GLY C 232 12.69 28.30 22.12
N TYR C 233 13.17 27.30 21.38
CA TYR C 233 12.62 27.02 20.06
C TYR C 233 11.28 26.32 20.17
N GLU C 234 10.43 26.53 19.18
CA GLU C 234 9.14 25.84 19.14
C GLU C 234 9.45 24.55 18.38
N VAL C 235 9.01 23.42 18.91
CA VAL C 235 9.25 22.14 18.26
C VAL C 235 7.94 21.41 17.99
N GLN C 236 7.75 21.01 16.73
CA GLN C 236 6.56 20.27 16.33
C GLN C 236 7.00 18.93 15.77
N VAL C 237 6.18 17.91 15.95
CA VAL C 237 6.48 16.57 15.45
C VAL C 237 5.48 16.31 14.35
N VAL C 238 5.98 16.00 13.15
CA VAL C 238 5.12 15.79 11.99
C VAL C 238 5.58 14.70 11.04
N ARG C 239 4.70 14.36 10.11
CA ARG C 239 5.00 13.42 9.04
C ARG C 239 5.48 14.37 7.93
N ALA C 240 6.52 14.00 7.20
CA ALA C 240 7.05 14.88 6.17
C ALA C 240 7.29 14.23 4.82
N THR C 241 7.26 15.04 3.77
CA THR C 241 7.52 14.57 2.40
C THR C 241 8.87 15.11 1.96
N ARG C 242 9.43 14.52 0.91
CA ARG C 242 10.71 14.96 0.41
C ARG C 242 10.69 16.43 0.01
N ASP C 243 9.59 16.89 -0.57
CA ASP C 243 9.54 18.28 -0.98
C ASP C 243 9.30 19.28 0.15
N GLN C 244 8.91 18.79 1.33
CA GLN C 244 8.77 19.69 2.46
C GLN C 244 10.21 19.95 2.90
N LEU C 245 11.07 18.95 2.75
CA LEU C 245 12.48 19.12 3.11
C LEU C 245 13.18 20.03 2.10
N TYR C 246 12.87 19.84 0.83
CA TYR C 246 13.47 20.66 -0.24
C TYR C 246 13.24 22.14 0.01
N MET C 247 12.05 22.47 0.52
CA MET C 247 11.67 23.85 0.75
C MET C 247 11.93 24.37 2.17
N ALA C 248 12.53 23.54 3.01
CA ALA C 248 12.80 23.96 4.39
C ALA C 248 13.94 24.98 4.45
N ASP C 249 13.98 25.78 5.51
CA ASP C 249 15.06 26.75 5.66
C ASP C 249 16.32 25.98 6.03
N GLU C 250 16.13 24.89 6.78
CA GLU C 250 17.23 24.03 7.20
C GLU C 250 16.76 22.59 7.35
N VAL C 251 17.72 21.67 7.27
CA VAL C 251 17.47 20.25 7.46
C VAL C 251 18.70 19.75 8.22
N PHE C 252 18.49 18.85 9.16
CA PHE C 252 19.62 18.25 9.87
C PHE C 252 19.31 16.84 10.34
N MET C 253 20.36 16.07 10.60
CA MET C 253 20.23 14.68 11.04
C MET C 253 20.79 14.53 12.44
N THR C 254 20.29 13.54 13.16
CA THR C 254 20.80 13.26 14.50
C THR C 254 21.08 11.77 14.65
N GLY C 255 22.10 11.45 15.43
CA GLY C 255 22.47 10.07 15.65
C GLY C 255 23.64 10.06 16.60
N THR C 256 23.90 8.93 17.24
CA THR C 256 24.99 8.85 18.18
C THR C 256 26.32 9.19 17.51
N ALA C 257 26.52 8.67 16.30
CA ALA C 257 27.76 8.94 15.58
C ALA C 257 27.69 10.28 14.85
N ALA C 258 26.52 10.59 14.31
CA ALA C 258 26.33 11.83 13.56
C ALA C 258 26.12 13.07 14.44
N GLU C 259 25.89 12.85 15.73
CA GLU C 259 25.62 13.96 16.65
C GLU C 259 24.51 14.77 15.99
N VAL C 260 24.75 16.05 15.75
CA VAL C 260 23.76 16.87 15.03
C VAL C 260 24.51 17.27 13.77
N THR C 261 24.07 16.77 12.62
CA THR C 261 24.72 17.08 11.36
C THR C 261 23.84 17.88 10.42
N PRO C 262 24.26 19.11 10.08
CA PRO C 262 23.47 19.94 9.17
C PRO C 262 23.47 19.32 7.78
N VAL C 263 22.35 19.43 7.07
CA VAL C 263 22.23 18.92 5.71
C VAL C 263 22.08 20.14 4.80
N SER C 264 23.03 20.31 3.88
CA SER C 264 23.00 21.46 3.00
C SER C 264 22.36 21.22 1.64
N MET C 265 22.19 19.95 1.27
CA MET C 265 21.63 19.61 -0.03
C MET C 265 21.00 18.23 -0.02
N ILE C 266 19.87 18.10 -0.72
CA ILE C 266 19.17 16.82 -0.85
C ILE C 266 18.80 16.68 -2.31
N ASP C 267 19.18 15.56 -2.92
CA ASP C 267 18.88 15.32 -4.32
C ASP C 267 19.35 16.49 -5.20
N TRP C 268 20.55 16.96 -4.92
CA TRP C 268 21.17 18.05 -5.67
C TRP C 268 20.40 19.37 -5.63
N ARG C 269 19.49 19.48 -4.67
CA ARG C 269 18.71 20.69 -4.48
C ARG C 269 19.20 21.32 -3.18
N PRO C 270 19.73 22.55 -3.25
CA PRO C 270 20.22 23.22 -2.04
C PRO C 270 19.12 23.48 -1.02
N ILE C 271 19.44 23.25 0.25
CA ILE C 271 18.49 23.49 1.31
C ILE C 271 18.77 24.89 1.85
N GLY C 272 17.77 25.76 1.75
CA GLY C 272 17.95 27.12 2.22
C GLY C 272 19.12 27.79 1.53
N LYS C 273 20.07 28.30 2.31
CA LYS C 273 21.24 28.98 1.77
C LYS C 273 22.24 28.05 1.07
N GLY C 274 22.04 26.74 1.18
CA GLY C 274 22.96 25.82 0.53
C GLY C 274 24.15 25.41 1.38
N THR C 275 24.16 25.87 2.64
CA THR C 275 25.21 25.53 3.58
C THR C 275 24.55 25.37 4.94
N ALA C 276 25.29 24.89 5.93
CA ALA C 276 24.74 24.72 7.27
C ALA C 276 24.09 26.00 7.76
N GLY C 277 22.88 25.87 8.31
CA GLY C 277 22.16 27.02 8.82
C GLY C 277 22.42 27.27 10.29
N PRO C 278 21.99 28.44 10.81
CA PRO C 278 22.19 28.81 12.22
C PRO C 278 21.57 27.90 13.27
N VAL C 279 20.34 27.44 13.03
CA VAL C 279 19.67 26.58 13.99
C VAL C 279 20.40 25.25 14.19
N ALA C 280 20.69 24.57 13.09
CA ALA C 280 21.39 23.29 13.19
C ALA C 280 22.77 23.45 13.82
N LEU C 281 23.47 24.51 13.45
CA LEU C 281 24.80 24.75 13.99
C LEU C 281 24.75 25.02 15.49
N ARG C 282 23.74 25.78 15.92
CA ARG C 282 23.60 26.09 17.33
C ARG C 282 23.22 24.85 18.13
N LEU C 283 22.29 24.05 17.61
CA LEU C 283 21.89 22.83 18.29
C LEU C 283 23.08 21.87 18.39
N ARG C 284 23.88 21.80 17.33
CA ARG C 284 25.03 20.92 17.35
C ARG C 284 26.01 21.38 18.43
N GLU C 285 26.27 22.68 18.49
CA GLU C 285 27.19 23.19 19.49
C GLU C 285 26.71 22.98 20.92
N VAL C 286 25.43 23.24 21.17
CA VAL C 286 24.91 23.06 22.52
C VAL C 286 24.91 21.58 22.89
N TYR C 287 24.66 20.72 21.91
CA TYR C 287 24.68 19.28 22.17
C TYR C 287 26.09 18.87 22.58
N LEU C 288 27.10 19.41 21.89
CA LEU C 288 28.48 19.09 22.22
C LEU C 288 28.83 19.59 23.62
N GLU C 289 28.26 20.73 24.01
CA GLU C 289 28.50 21.28 25.33
C GLU C 289 27.86 20.37 26.38
N ALA C 290 26.70 19.82 26.04
CA ALA C 290 25.99 18.93 26.95
C ALA C 290 26.75 17.62 27.16
N VAL C 291 27.16 16.98 26.07
CA VAL C 291 27.86 15.70 26.18
C VAL C 291 29.26 15.81 26.79
N THR C 292 29.84 17.01 26.78
CA THR C 292 31.16 17.20 27.37
C THR C 292 31.11 17.75 28.79
N GLY C 293 29.92 17.72 29.39
CA GLY C 293 29.74 18.17 30.75
C GLY C 293 29.80 19.65 31.04
N ARG C 294 29.47 20.49 30.07
CA ARG C 294 29.53 21.93 30.25
C ARG C 294 28.18 22.55 30.62
N ARG C 295 27.12 21.76 30.59
CA ARG C 295 25.77 22.25 30.90
C ARG C 295 25.21 21.46 32.08
N PRO C 296 25.22 22.06 33.29
CA PRO C 296 24.71 21.40 34.50
C PRO C 296 23.30 20.84 34.34
N GLU C 297 22.49 21.51 33.54
CA GLU C 297 21.11 21.10 33.31
C GLU C 297 21.01 19.70 32.70
N TYR C 298 22.07 19.27 32.03
CA TYR C 298 22.07 17.95 31.38
C TYR C 298 23.03 16.95 32.00
N GLU C 299 23.54 17.25 33.18
CA GLU C 299 24.48 16.37 33.86
C GLU C 299 23.88 14.97 34.09
N GLY C 300 22.56 14.92 34.22
CA GLY C 300 21.89 13.65 34.46
C GLY C 300 22.05 12.66 33.32
N TRP C 301 22.41 13.16 32.14
CA TRP C 301 22.61 12.31 30.97
C TRP C 301 24.00 11.70 30.93
N LEU C 302 24.89 12.16 31.80
CA LEU C 302 26.27 11.67 31.79
C LEU C 302 26.63 10.67 32.87
N THR C 303 27.44 9.69 32.48
CA THR C 303 27.95 8.67 33.40
C THR C 303 29.46 8.74 33.33
N TYR C 304 30.07 9.29 34.38
CA TYR C 304 31.53 9.39 34.42
C TYR C 304 32.15 8.06 34.81
N VAL C 305 33.06 7.58 33.98
CA VAL C 305 33.71 6.30 34.23
C VAL C 305 34.72 6.35 35.37
N ASN C 306 35.25 7.54 35.65
CA ASN C 306 36.22 7.69 36.74
C ASN C 306 35.55 8.16 38.02
N GLN D 2 -42.11 -5.98 -2.29
CA GLN D 2 -41.85 -7.24 -1.52
C GLN D 2 -41.26 -8.32 -2.42
N ILE D 3 -40.91 -9.44 -1.82
CA ILE D 3 -40.35 -10.56 -2.56
C ILE D 3 -41.35 -11.70 -2.53
N LYS D 4 -41.69 -12.22 -3.71
CA LYS D 4 -42.63 -13.32 -3.83
C LYS D 4 -41.84 -14.62 -3.88
N ALA D 5 -41.42 -15.11 -2.71
CA ALA D 5 -40.65 -16.34 -2.64
C ALA D 5 -41.51 -17.59 -2.50
N GLY D 6 -42.61 -17.47 -1.74
CA GLY D 6 -43.47 -18.60 -1.54
C GLY D 6 -42.90 -19.56 -0.52
N LEU D 7 -42.88 -20.85 -0.86
CA LEU D 7 -42.36 -21.86 0.05
C LEU D 7 -40.84 -21.78 0.17
N ILE D 8 -40.37 -21.62 1.40
CA ILE D 8 -38.93 -21.52 1.68
C ILE D 8 -38.45 -22.71 2.50
N TRP D 9 -37.32 -23.28 2.09
CA TRP D 9 -36.74 -24.41 2.78
C TRP D 9 -36.02 -23.87 4.01
N MET D 10 -36.49 -24.25 5.19
CA MET D 10 -35.90 -23.80 6.45
C MET D 10 -35.34 -24.97 7.26
N ASN D 11 -34.01 -25.05 7.31
CA ASN D 11 -33.34 -26.10 8.06
C ASN D 11 -33.95 -27.49 7.94
N GLY D 12 -34.14 -27.96 6.71
CA GLY D 12 -34.68 -29.30 6.52
C GLY D 12 -36.12 -29.45 6.08
N ALA D 13 -36.91 -28.38 6.14
CA ALA D 13 -38.30 -28.48 5.74
C ALA D 13 -38.86 -27.18 5.17
N PHE D 14 -39.77 -27.32 4.21
CA PHE D 14 -40.39 -26.15 3.59
C PHE D 14 -41.49 -25.56 4.45
N VAL D 15 -41.55 -24.23 4.49
CA VAL D 15 -42.55 -23.52 5.26
C VAL D 15 -43.00 -22.29 4.46
N PRO D 16 -44.21 -21.77 4.77
CA PRO D 16 -44.70 -20.59 4.05
C PRO D 16 -43.72 -19.44 4.30
N GLN D 17 -43.62 -18.54 3.33
CA GLN D 17 -42.71 -17.40 3.45
C GLN D 17 -42.87 -16.64 4.77
N GLU D 18 -44.11 -16.44 5.18
CA GLU D 18 -44.42 -15.73 6.41
C GLU D 18 -43.79 -16.35 7.65
N GLU D 19 -43.49 -17.65 7.58
CA GLU D 19 -42.90 -18.36 8.71
C GLU D 19 -41.38 -18.46 8.63
N ALA D 20 -40.81 -18.02 7.52
CA ALA D 20 -39.36 -18.08 7.32
C ALA D 20 -38.72 -16.87 8.00
N LYS D 21 -38.61 -16.92 9.32
CA LYS D 21 -38.03 -15.82 10.08
C LYS D 21 -36.97 -16.31 11.06
N THR D 22 -36.16 -15.38 11.54
CA THR D 22 -35.10 -15.70 12.48
C THR D 22 -35.01 -14.58 13.52
N SER D 23 -34.49 -14.93 14.69
CA SER D 23 -34.35 -13.96 15.78
C SER D 23 -33.55 -12.73 15.36
N VAL D 24 -33.94 -11.57 15.88
CA VAL D 24 -33.21 -10.34 15.57
C VAL D 24 -31.92 -10.33 16.36
N LEU D 25 -31.71 -11.38 17.16
CA LEU D 25 -30.49 -11.49 17.94
C LEU D 25 -29.52 -12.45 17.25
N SER D 26 -29.84 -12.80 16.00
CA SER D 26 -28.98 -13.70 15.23
C SER D 26 -27.65 -13.01 14.95
N HIS D 27 -26.56 -13.73 15.23
CA HIS D 27 -25.20 -13.23 15.05
C HIS D 27 -25.01 -12.55 13.68
N ALA D 28 -25.49 -13.20 12.61
CA ALA D 28 -25.35 -12.66 11.26
C ALA D 28 -26.05 -11.33 11.00
N LEU D 29 -27.11 -11.03 11.75
CA LEU D 29 -27.82 -9.77 11.55
C LEU D 29 -27.03 -8.62 12.17
N HIS D 30 -26.13 -8.96 13.09
CA HIS D 30 -25.31 -7.98 13.78
C HIS D 30 -23.88 -7.88 13.28
N TYR D 31 -23.33 -9.00 12.81
CA TYR D 31 -21.93 -9.02 12.40
C TYR D 31 -21.60 -9.48 10.97
N GLY D 32 -22.61 -9.61 10.11
CA GLY D 32 -22.40 -10.01 8.73
C GLY D 32 -21.91 -11.43 8.52
N THR D 33 -22.06 -12.25 9.55
CA THR D 33 -21.61 -13.63 9.53
C THR D 33 -22.54 -14.64 8.86
N SER D 34 -22.73 -14.46 7.56
CA SER D 34 -23.56 -15.36 6.77
C SER D 34 -22.84 -15.62 5.47
N VAL D 35 -23.27 -16.64 4.75
CA VAL D 35 -22.72 -16.94 3.43
C VAL D 35 -23.92 -17.27 2.56
N PHE D 36 -23.83 -16.95 1.28
CA PHE D 36 -24.95 -17.21 0.39
C PHE D 36 -24.50 -17.51 -1.03
N GLU D 37 -25.46 -17.88 -1.87
CA GLU D 37 -25.18 -18.15 -3.26
C GLU D 37 -26.26 -17.50 -4.11
N GLY D 38 -25.98 -17.40 -5.39
CA GLY D 38 -26.92 -16.84 -6.35
C GLY D 38 -26.92 -17.84 -7.48
N ILE D 39 -28.05 -18.52 -7.69
CA ILE D 39 -28.16 -19.53 -8.72
C ILE D 39 -29.36 -19.26 -9.60
N ARG D 40 -29.21 -19.48 -10.90
CA ARG D 40 -30.30 -19.27 -11.84
C ARG D 40 -30.85 -20.58 -12.39
N ALA D 41 -32.15 -20.59 -12.63
CA ALA D 41 -32.80 -21.73 -13.25
C ALA D 41 -33.41 -21.05 -14.48
N TYR D 42 -33.29 -21.68 -15.64
CA TYR D 42 -33.86 -21.13 -16.87
C TYR D 42 -34.85 -22.11 -17.44
N GLU D 43 -35.91 -21.60 -18.06
CA GLU D 43 -36.91 -22.46 -18.67
C GLU D 43 -36.31 -23.00 -19.98
N THR D 44 -36.44 -24.30 -20.18
CA THR D 44 -35.94 -24.94 -21.39
C THR D 44 -37.08 -25.74 -22.00
N ALA D 45 -36.80 -26.39 -23.12
CA ALA D 45 -37.81 -27.19 -23.80
C ALA D 45 -38.15 -28.40 -22.93
N LYS D 46 -37.25 -28.72 -22.00
CA LYS D 46 -37.44 -29.86 -21.11
C LYS D 46 -37.74 -29.40 -19.68
N GLY D 47 -38.28 -28.19 -19.55
CA GLY D 47 -38.61 -27.68 -18.23
C GLY D 47 -37.49 -26.85 -17.64
N PRO D 48 -37.62 -26.42 -16.38
CA PRO D 48 -36.62 -25.60 -15.69
C PRO D 48 -35.29 -26.34 -15.53
N ALA D 49 -34.19 -25.65 -15.83
CA ALA D 49 -32.87 -26.23 -15.70
C ALA D 49 -32.00 -25.30 -14.86
N ILE D 50 -31.41 -25.84 -13.79
CA ILE D 50 -30.55 -25.04 -12.93
C ILE D 50 -29.16 -25.01 -13.55
N PHE D 51 -28.56 -23.82 -13.61
CA PHE D 51 -27.25 -23.68 -14.21
C PHE D 51 -26.08 -23.88 -13.25
N ARG D 52 -25.27 -24.89 -13.55
CA ARG D 52 -24.09 -25.24 -12.77
C ARG D 52 -24.34 -25.28 -11.26
N LEU D 53 -25.32 -26.10 -10.89
CA LEU D 53 -25.73 -26.28 -9.51
C LEU D 53 -24.61 -26.77 -8.59
N LYS D 54 -23.92 -27.84 -9.00
CA LYS D 54 -22.86 -28.38 -8.17
C LYS D 54 -21.73 -27.38 -7.92
N GLU D 55 -21.40 -26.58 -8.93
CA GLU D 55 -20.34 -25.60 -8.77
C GLU D 55 -20.75 -24.54 -7.75
N HIS D 56 -22.02 -24.14 -7.79
CA HIS D 56 -22.51 -23.15 -6.85
C HIS D 56 -22.58 -23.71 -5.44
N VAL D 57 -23.01 -24.95 -5.31
CA VAL D 57 -23.09 -25.57 -3.99
C VAL D 57 -21.69 -25.73 -3.42
N LYS D 58 -20.72 -26.08 -4.27
CA LYS D 58 -19.35 -26.24 -3.81
C LYS D 58 -18.86 -24.91 -3.25
N ARG D 59 -19.14 -23.82 -3.96
CA ARG D 59 -18.67 -22.52 -3.49
C ARG D 59 -19.37 -22.13 -2.19
N PHE D 60 -20.63 -22.54 -2.04
CA PHE D 60 -21.40 -22.24 -0.83
C PHE D 60 -20.66 -22.84 0.38
N TYR D 61 -20.30 -24.11 0.28
CA TYR D 61 -19.60 -24.78 1.36
C TYR D 61 -18.20 -24.22 1.55
N ASN D 62 -17.59 -23.80 0.45
CA ASN D 62 -16.25 -23.20 0.51
C ASN D 62 -16.31 -21.88 1.28
N SER D 63 -17.37 -21.10 1.04
CA SER D 63 -17.51 -19.83 1.72
C SER D 63 -17.66 -20.08 3.22
N ALA D 64 -18.44 -21.09 3.58
CA ALA D 64 -18.65 -21.41 4.98
C ALA D 64 -17.31 -21.73 5.66
N LYS D 65 -16.48 -22.51 4.97
CA LYS D 65 -15.18 -22.87 5.54
C LYS D 65 -14.34 -21.64 5.89
N VAL D 66 -14.41 -20.61 5.05
CA VAL D 66 -13.65 -19.41 5.32
C VAL D 66 -14.02 -18.81 6.68
N LEU D 67 -15.30 -18.89 7.05
CA LEU D 67 -15.77 -18.36 8.34
C LEU D 67 -15.73 -19.44 9.41
N ARG D 68 -15.25 -20.63 9.07
CA ARG D 68 -15.21 -21.75 9.99
C ARG D 68 -16.63 -22.04 10.45
N MET D 69 -17.57 -21.79 9.55
CA MET D 69 -18.99 -22.00 9.78
C MET D 69 -19.34 -23.45 9.43
N GLU D 70 -20.11 -24.09 10.30
CA GLU D 70 -20.50 -25.48 10.07
C GLU D 70 -21.91 -25.55 9.49
N ILE D 71 -22.03 -26.15 8.31
CA ILE D 71 -23.33 -26.32 7.66
C ILE D 71 -23.78 -27.74 8.00
N PRO D 72 -24.82 -27.86 8.83
CA PRO D 72 -25.38 -29.15 9.28
C PRO D 72 -26.12 -30.00 8.26
N PHE D 73 -25.77 -29.83 6.99
CA PHE D 73 -26.40 -30.60 5.93
C PHE D 73 -25.35 -31.02 4.90
N ALA D 74 -25.52 -32.19 4.31
CA ALA D 74 -24.60 -32.67 3.30
C ALA D 74 -24.92 -31.93 2.01
N PRO D 75 -23.90 -31.66 1.18
CA PRO D 75 -24.11 -30.96 -0.08
C PRO D 75 -25.28 -31.55 -0.88
N GLU D 76 -25.38 -32.88 -0.86
CA GLU D 76 -26.45 -33.57 -1.57
C GLU D 76 -27.84 -33.17 -1.07
N GLU D 77 -27.95 -32.91 0.23
CA GLU D 77 -29.22 -32.50 0.82
C GLU D 77 -29.59 -31.10 0.34
N LEU D 78 -28.59 -30.22 0.28
CA LEU D 78 -28.81 -28.85 -0.16
C LEU D 78 -29.18 -28.83 -1.63
N GLU D 79 -28.55 -29.69 -2.43
CA GLU D 79 -28.85 -29.74 -3.85
C GLU D 79 -30.29 -30.18 -4.05
N GLU D 80 -30.72 -31.16 -3.27
CA GLU D 80 -32.09 -31.65 -3.36
C GLU D 80 -33.05 -30.53 -2.96
N ALA D 81 -32.69 -29.78 -1.91
CA ALA D 81 -33.53 -28.69 -1.44
C ALA D 81 -33.65 -27.60 -2.51
N ILE D 82 -32.56 -27.35 -3.22
CA ILE D 82 -32.56 -26.35 -4.28
C ILE D 82 -33.47 -26.78 -5.43
N LYS D 83 -33.43 -28.07 -5.77
CA LYS D 83 -34.29 -28.57 -6.85
C LYS D 83 -35.75 -28.46 -6.41
N GLU D 84 -36.01 -28.81 -5.16
CA GLU D 84 -37.36 -28.76 -4.62
C GLU D 84 -37.95 -27.36 -4.49
N VAL D 85 -37.13 -26.36 -4.18
CA VAL D 85 -37.66 -25.01 -4.05
C VAL D 85 -38.22 -24.55 -5.41
N VAL D 86 -37.63 -25.07 -6.48
CA VAL D 86 -38.08 -24.71 -7.82
C VAL D 86 -39.38 -25.46 -8.10
N ARG D 87 -39.36 -26.78 -7.87
CA ARG D 87 -40.52 -27.63 -8.09
C ARG D 87 -41.74 -27.25 -7.26
N ARG D 88 -41.58 -27.21 -5.95
CA ARG D 88 -42.68 -26.90 -5.05
C ARG D 88 -43.36 -25.57 -5.28
N ASN D 89 -42.64 -24.61 -5.85
CA ASN D 89 -43.21 -23.30 -6.12
C ASN D 89 -43.68 -23.18 -7.57
N GLY D 90 -43.48 -24.24 -8.35
CA GLY D 90 -43.89 -24.26 -9.75
C GLY D 90 -43.17 -23.27 -10.66
N TYR D 91 -41.97 -22.87 -10.25
CA TYR D 91 -41.19 -21.93 -11.04
C TYR D 91 -40.64 -22.49 -12.34
N ARG D 92 -40.39 -21.58 -13.28
CA ARG D 92 -39.76 -21.91 -14.55
C ARG D 92 -38.49 -21.10 -14.38
N SER D 93 -38.33 -19.97 -15.07
CA SER D 93 -37.12 -19.18 -14.86
C SER D 93 -37.20 -18.56 -13.47
N CYS D 94 -36.12 -18.66 -12.71
CA CYS D 94 -36.11 -18.11 -11.35
C CYS D 94 -34.71 -17.92 -10.82
N TYR D 95 -34.61 -17.18 -9.72
CA TYR D 95 -33.34 -16.92 -9.05
C TYR D 95 -33.42 -17.67 -7.72
N ILE D 96 -32.37 -18.43 -7.41
CA ILE D 96 -32.34 -19.20 -6.17
C ILE D 96 -31.29 -18.65 -5.22
N ARG D 97 -31.71 -18.42 -3.97
CA ARG D 97 -30.83 -17.86 -2.96
C ARG D 97 -30.64 -18.70 -1.71
N PRO D 98 -29.61 -19.56 -1.69
CA PRO D 98 -29.32 -20.39 -0.53
C PRO D 98 -28.62 -19.45 0.46
N LEU D 99 -28.90 -19.62 1.75
CA LEU D 99 -28.29 -18.77 2.76
C LEU D 99 -28.00 -19.54 4.04
N ALA D 100 -26.79 -19.40 4.56
CA ALA D 100 -26.42 -20.05 5.81
C ALA D 100 -25.99 -18.88 6.71
N TRP D 101 -26.52 -18.84 7.92
CA TRP D 101 -26.18 -17.75 8.82
C TRP D 101 -26.02 -18.18 10.27
N MET D 102 -25.18 -17.45 11.00
CA MET D 102 -24.96 -17.73 12.41
C MET D 102 -26.16 -17.22 13.18
N GLY D 103 -26.73 -18.10 14.01
CA GLY D 103 -27.92 -17.77 14.78
C GLY D 103 -27.79 -16.97 16.06
N ALA D 104 -28.80 -17.06 16.91
CA ALA D 104 -28.85 -16.30 18.15
C ALA D 104 -28.42 -17.00 19.44
N LYS D 105 -27.43 -17.89 19.37
CA LYS D 105 -26.96 -18.57 20.56
C LYS D 105 -26.23 -17.59 21.48
N ALA D 106 -25.48 -16.66 20.88
CA ALA D 106 -24.72 -15.68 21.63
C ALA D 106 -24.36 -14.52 20.70
N LEU D 107 -23.94 -13.39 21.27
CA LEU D 107 -23.58 -12.26 20.44
C LEU D 107 -22.15 -11.76 20.64
N GLY D 108 -21.26 -12.66 21.03
CA GLY D 108 -19.86 -12.30 21.16
C GLY D 108 -19.45 -12.24 19.70
N VAL D 109 -18.45 -11.42 19.35
CA VAL D 109 -18.07 -11.32 17.94
C VAL D 109 -17.59 -12.64 17.35
N ASN D 110 -16.99 -13.49 18.18
CA ASN D 110 -16.52 -14.79 17.73
C ASN D 110 -17.75 -15.62 17.39
N PRO D 111 -17.86 -16.11 16.14
CA PRO D 111 -19.03 -16.89 15.73
C PRO D 111 -19.02 -18.38 16.07
N LEU D 112 -17.86 -18.92 16.45
CA LEU D 112 -17.75 -20.34 16.76
C LEU D 112 -18.77 -20.90 17.75
N PRO D 113 -19.05 -20.17 18.85
CA PRO D 113 -20.02 -20.67 19.82
C PRO D 113 -21.42 -20.82 19.23
N ASN D 114 -21.66 -20.14 18.10
CA ASN D 114 -22.95 -20.17 17.44
C ASN D 114 -23.18 -21.32 16.47
N ASN D 115 -22.16 -22.10 16.18
CA ASN D 115 -22.30 -23.23 15.26
C ASN D 115 -23.24 -24.27 15.86
N PRO D 116 -23.93 -25.04 14.99
CA PRO D 116 -23.87 -24.95 13.54
C PRO D 116 -24.75 -23.83 13.00
N ALA D 117 -24.47 -23.42 11.77
CA ALA D 117 -25.23 -22.35 11.15
C ALA D 117 -26.66 -22.79 10.80
N GLU D 118 -27.55 -21.81 10.71
CA GLU D 118 -28.92 -22.09 10.31
C GLU D 118 -28.87 -21.97 8.80
N VAL D 119 -29.71 -22.72 8.10
CA VAL D 119 -29.68 -22.70 6.64
C VAL D 119 -31.07 -22.61 6.03
N MET D 120 -31.19 -21.88 4.92
CA MET D 120 -32.46 -21.76 4.24
C MET D 120 -32.22 -21.60 2.74
N VAL D 121 -33.21 -21.98 1.95
CA VAL D 121 -33.12 -21.85 0.51
C VAL D 121 -34.43 -21.24 0.03
N ALA D 122 -34.31 -20.09 -0.64
CA ALA D 122 -35.49 -19.40 -1.17
C ALA D 122 -35.28 -19.15 -2.65
N ALA D 123 -36.38 -18.97 -3.37
CA ALA D 123 -36.30 -18.69 -4.79
C ALA D 123 -37.49 -17.85 -5.19
N TRP D 124 -37.34 -17.08 -6.27
CA TRP D 124 -38.41 -16.23 -6.76
C TRP D 124 -38.28 -16.10 -8.26
N GLU D 125 -39.39 -15.87 -8.95
CA GLU D 125 -39.35 -15.75 -10.40
C GLU D 125 -38.40 -14.62 -10.78
N TRP D 126 -37.60 -14.87 -11.81
CA TRP D 126 -36.65 -13.89 -12.28
C TRP D 126 -36.34 -14.19 -13.74
N GLY D 127 -36.06 -13.15 -14.52
CA GLY D 127 -35.78 -13.34 -15.93
C GLY D 127 -36.99 -13.87 -16.66
N ALA D 128 -38.17 -13.38 -16.29
CA ALA D 128 -39.42 -13.81 -16.93
C ALA D 128 -39.40 -13.53 -18.42
N TYR D 129 -38.66 -12.50 -18.83
CA TYR D 129 -38.55 -12.13 -20.23
C TYR D 129 -37.08 -12.11 -20.67
N LEU D 130 -36.81 -12.77 -21.78
CA LEU D 130 -35.46 -12.85 -22.32
C LEU D 130 -35.39 -12.27 -23.73
N VAL D 135 -30.01 -4.09 -24.16
CA VAL D 135 -28.67 -4.72 -24.12
C VAL D 135 -27.73 -4.15 -25.18
N ARG D 136 -28.27 -3.89 -26.37
CA ARG D 136 -27.47 -3.36 -27.46
C ARG D 136 -26.87 -1.98 -27.14
N LYS D 137 -27.57 -1.20 -26.32
CA LYS D 137 -27.07 0.12 -25.97
C LYS D 137 -25.84 -0.01 -25.08
N GLY D 138 -25.80 -1.07 -24.28
CA GLY D 138 -24.68 -1.30 -23.40
C GLY D 138 -24.85 -0.61 -22.05
N ALA D 139 -24.24 -1.20 -21.03
CA ALA D 139 -24.31 -0.63 -19.68
C ALA D 139 -23.27 0.46 -19.51
N ARG D 140 -23.56 1.40 -18.64
CA ARG D 140 -22.67 2.51 -18.34
C ARG D 140 -22.11 2.30 -16.94
N LEU D 141 -20.79 2.30 -16.82
CA LEU D 141 -20.15 2.11 -15.53
C LEU D 141 -19.41 3.37 -15.12
N ILE D 142 -19.19 3.49 -13.82
CA ILE D 142 -18.41 4.59 -13.30
C ILE D 142 -17.51 3.95 -12.25
N THR D 143 -16.23 4.32 -12.28
CA THR D 143 -15.27 3.77 -11.32
C THR D 143 -15.60 4.30 -9.93
N SER D 144 -15.63 3.39 -8.96
CA SER D 144 -15.98 3.70 -7.58
C SER D 144 -14.88 4.34 -6.75
N SER D 145 -15.28 5.05 -5.70
CA SER D 145 -14.36 5.68 -4.77
C SER D 145 -14.15 4.70 -3.62
N TRP D 146 -14.80 3.54 -3.70
CA TRP D 146 -14.65 2.49 -2.70
C TRP D 146 -13.82 1.40 -3.37
N ALA D 147 -12.75 0.98 -2.70
CA ALA D 147 -11.88 -0.06 -3.25
C ALA D 147 -12.31 -1.45 -2.77
N ARG D 148 -12.17 -2.44 -3.66
CA ARG D 148 -12.51 -3.81 -3.29
C ARG D 148 -11.48 -4.18 -2.23
N PHE D 149 -11.95 -4.85 -1.18
CA PHE D 149 -11.07 -5.21 -0.08
C PHE D 149 -9.84 -6.05 -0.37
N PRO D 150 -8.72 -5.73 0.30
CA PRO D 150 -7.48 -6.49 0.12
C PRO D 150 -7.78 -7.93 0.57
N ALA D 151 -6.99 -8.87 0.07
CA ALA D 151 -7.18 -10.29 0.39
C ALA D 151 -6.95 -10.68 1.83
N ASN D 152 -6.46 -9.74 2.65
CA ASN D 152 -6.23 -10.02 4.06
C ASN D 152 -7.11 -9.12 4.93
N VAL D 153 -8.17 -8.59 4.32
CA VAL D 153 -9.09 -7.70 5.02
C VAL D 153 -10.48 -8.36 5.08
N MET D 154 -10.97 -8.78 3.92
CA MET D 154 -12.25 -9.49 3.82
C MET D 154 -11.98 -10.61 2.83
N PRO D 155 -12.60 -11.79 3.02
CA PRO D 155 -12.39 -12.92 2.11
C PRO D 155 -13.13 -12.78 0.79
N GLY D 156 -12.47 -12.13 -0.17
CA GLY D 156 -13.06 -11.89 -1.48
C GLY D 156 -13.39 -13.07 -2.37
N LYS D 157 -12.91 -14.27 -2.01
CA LYS D 157 -13.21 -15.46 -2.81
C LYS D 157 -14.48 -16.12 -2.29
N ALA D 158 -15.00 -15.60 -1.19
CA ALA D 158 -16.21 -16.14 -0.58
C ALA D 158 -17.37 -15.17 -0.65
N LYS D 159 -18.59 -15.69 -0.64
CA LYS D 159 -19.75 -14.84 -0.65
C LYS D 159 -20.23 -14.72 0.80
N VAL D 160 -19.46 -13.97 1.58
CA VAL D 160 -19.76 -13.72 2.98
C VAL D 160 -20.59 -12.45 3.04
N GLY D 161 -21.69 -12.50 3.78
CA GLY D 161 -22.58 -11.36 3.90
C GLY D 161 -21.92 -10.01 4.10
N GLY D 162 -21.06 -9.92 5.11
CA GLY D 162 -20.39 -8.67 5.42
C GLY D 162 -19.62 -8.06 4.24
N ASN D 163 -19.11 -8.90 3.36
CA ASN D 163 -18.37 -8.42 2.19
C ASN D 163 -19.20 -7.44 1.38
N TYR D 164 -20.50 -7.70 1.31
CA TYR D 164 -21.36 -6.87 0.48
C TYR D 164 -21.68 -5.47 0.94
N VAL D 165 -21.14 -5.06 2.08
CA VAL D 165 -21.31 -3.69 2.53
C VAL D 165 -20.47 -2.88 1.54
N ASN D 166 -19.33 -3.43 1.15
CA ASN D 166 -18.43 -2.79 0.20
C ASN D 166 -19.13 -2.68 -1.16
N SER D 167 -19.79 -3.76 -1.57
CA SER D 167 -20.51 -3.77 -2.84
C SER D 167 -21.69 -2.80 -2.80
N ALA D 168 -22.40 -2.77 -1.68
CA ALA D 168 -23.55 -1.89 -1.50
C ALA D 168 -23.15 -0.42 -1.62
N LEU D 169 -22.08 -0.03 -0.91
CA LEU D 169 -21.60 1.34 -0.95
C LEU D 169 -21.23 1.73 -2.38
N ALA D 170 -20.57 0.82 -3.09
CA ALA D 170 -20.16 1.09 -4.48
C ALA D 170 -21.36 1.21 -5.41
N LYS D 171 -22.33 0.30 -5.27
CA LYS D 171 -23.50 0.33 -6.13
C LYS D 171 -24.31 1.61 -5.93
N MET D 172 -24.53 2.00 -4.67
CA MET D 172 -25.29 3.22 -4.39
C MET D 172 -24.60 4.43 -5.03
N GLU D 173 -23.29 4.47 -4.91
CA GLU D 173 -22.50 5.56 -5.46
C GLU D 173 -22.64 5.63 -6.98
N ALA D 174 -22.57 4.48 -7.64
CA ALA D 174 -22.68 4.43 -9.10
C ALA D 174 -24.06 4.90 -9.56
N VAL D 175 -25.10 4.38 -8.92
CA VAL D 175 -26.47 4.74 -9.27
C VAL D 175 -26.70 6.23 -9.03
N ALA D 176 -26.19 6.75 -7.94
CA ALA D 176 -26.35 8.16 -7.62
C ALA D 176 -25.65 9.03 -8.65
N ALA D 177 -24.55 8.54 -9.22
CA ALA D 177 -23.80 9.27 -10.23
C ALA D 177 -24.44 9.17 -11.60
N GLY D 178 -25.49 8.35 -11.70
CA GLY D 178 -26.18 8.19 -12.97
C GLY D 178 -25.77 7.00 -13.82
N ALA D 179 -24.97 6.09 -13.24
CA ALA D 179 -24.52 4.91 -13.97
C ALA D 179 -25.37 3.69 -13.65
N ASP D 180 -25.15 2.62 -14.40
CA ASP D 180 -25.87 1.38 -14.20
C ASP D 180 -25.18 0.49 -13.19
N GLU D 181 -23.86 0.59 -13.13
CA GLU D 181 -23.09 -0.25 -12.23
C GLU D 181 -21.76 0.41 -11.87
N ALA D 182 -21.17 -0.05 -10.77
CA ALA D 182 -19.90 0.49 -10.32
C ALA D 182 -18.76 -0.43 -10.72
N LEU D 183 -17.61 0.17 -11.03
CA LEU D 183 -16.42 -0.58 -11.38
C LEU D 183 -15.49 -0.29 -10.20
N LEU D 184 -15.17 -1.31 -9.42
CA LEU D 184 -14.27 -1.09 -8.28
C LEU D 184 -12.83 -1.39 -8.61
N LEU D 185 -11.92 -0.60 -8.06
CA LEU D 185 -10.49 -0.80 -8.25
C LEU D 185 -10.00 -1.45 -6.96
N ASP D 186 -8.83 -2.09 -6.99
CA ASP D 186 -8.31 -2.64 -5.76
C ASP D 186 -7.55 -1.50 -5.08
N GLU D 187 -7.03 -1.72 -3.87
CA GLU D 187 -6.35 -0.65 -3.15
C GLU D 187 -5.11 -0.12 -3.87
N GLU D 188 -4.52 -0.95 -4.73
CA GLU D 188 -3.33 -0.52 -5.47
C GLU D 188 -3.66 0.30 -6.72
N GLY D 189 -4.95 0.36 -7.06
CA GLY D 189 -5.35 1.15 -8.22
C GLY D 189 -5.70 0.39 -9.49
N TYR D 190 -5.60 -0.94 -9.46
CA TYR D 190 -5.94 -1.72 -10.64
C TYR D 190 -7.42 -2.07 -10.64
N VAL D 191 -7.95 -2.38 -11.81
CA VAL D 191 -9.35 -2.75 -11.90
C VAL D 191 -9.54 -4.06 -11.14
N ALA D 192 -10.65 -4.16 -10.41
CA ALA D 192 -10.96 -5.37 -9.66
C ALA D 192 -12.19 -6.03 -10.29
N GLU D 193 -13.37 -5.57 -9.91
CA GLU D 193 -14.61 -6.13 -10.45
C GLU D 193 -15.77 -5.17 -10.24
N GLY D 194 -16.94 -5.53 -10.75
CA GLY D 194 -18.12 -4.69 -10.55
C GLY D 194 -18.63 -4.98 -9.16
N SER D 195 -19.67 -4.28 -8.72
CA SER D 195 -20.20 -4.55 -7.37
C SER D 195 -20.66 -6.00 -7.25
N GLY D 196 -20.99 -6.61 -8.37
CA GLY D 196 -21.43 -8.00 -8.36
C GLY D 196 -21.17 -8.74 -9.66
N GLU D 197 -20.17 -8.29 -10.41
CA GLU D 197 -19.84 -8.91 -11.70
C GLU D 197 -18.33 -8.94 -11.94
N ASN D 198 -17.89 -9.88 -12.76
CA ASN D 198 -16.48 -9.97 -13.13
C ASN D 198 -16.35 -9.20 -14.44
N LEU D 199 -15.16 -8.70 -14.71
CA LEU D 199 -14.91 -7.91 -15.92
C LEU D 199 -14.03 -8.57 -16.98
N PHE D 200 -14.31 -8.22 -18.23
CA PHE D 200 -13.56 -8.70 -19.40
C PHE D 200 -13.43 -7.51 -20.35
N PHE D 201 -12.43 -7.57 -21.23
CA PHE D 201 -12.31 -6.54 -22.25
C PHE D 201 -11.74 -7.20 -23.49
N VAL D 202 -11.97 -6.60 -24.65
CA VAL D 202 -11.51 -7.15 -25.92
C VAL D 202 -10.65 -6.12 -26.61
N ARG D 203 -9.50 -6.55 -27.13
CA ARG D 203 -8.61 -5.62 -27.83
C ARG D 203 -7.87 -6.35 -28.94
N ASP D 204 -7.98 -5.82 -30.15
CA ASP D 204 -7.34 -6.38 -31.32
C ASP D 204 -7.60 -7.87 -31.50
N GLY D 205 -8.87 -8.26 -31.37
CA GLY D 205 -9.26 -9.65 -31.55
C GLY D 205 -9.05 -10.60 -30.38
N VAL D 206 -8.34 -10.15 -29.36
CA VAL D 206 -8.09 -11.00 -28.20
C VAL D 206 -9.03 -10.67 -27.04
N ILE D 207 -9.56 -11.71 -26.39
CA ILE D 207 -10.46 -11.51 -25.26
C ILE D 207 -9.62 -11.57 -23.99
N TYR D 208 -9.75 -10.54 -23.17
CA TYR D 208 -8.99 -10.49 -21.92
C TYR D 208 -9.89 -10.64 -20.71
N ALA D 209 -9.65 -11.69 -19.94
CA ALA D 209 -10.39 -11.91 -18.70
C ALA D 209 -9.46 -11.36 -17.63
N LEU D 210 -10.01 -10.74 -16.59
CA LEU D 210 -9.16 -10.21 -15.55
C LEU D 210 -8.76 -11.30 -14.57
N GLU D 211 -7.56 -11.19 -14.02
CA GLU D 211 -7.08 -12.15 -13.05
C GLU D 211 -8.01 -12.14 -11.86
N HIS D 212 -7.97 -13.19 -11.06
CA HIS D 212 -8.85 -13.26 -9.90
C HIS D 212 -8.58 -12.20 -8.85
N SER D 213 -7.32 -11.80 -8.71
CA SER D 213 -6.87 -10.83 -7.72
C SER D 213 -7.71 -10.92 -6.44
N VAL D 214 -8.45 -9.86 -6.10
CA VAL D 214 -9.26 -9.85 -4.88
C VAL D 214 -10.74 -10.09 -5.19
N ASN D 215 -11.03 -10.53 -6.41
CA ASN D 215 -12.41 -10.75 -6.84
C ASN D 215 -12.94 -12.13 -6.54
N LEU D 216 -14.24 -12.29 -6.78
CA LEU D 216 -14.87 -13.59 -6.60
C LEU D 216 -14.53 -14.35 -7.88
N GLU D 217 -14.31 -15.65 -7.78
CA GLU D 217 -14.01 -16.46 -8.96
C GLU D 217 -15.37 -16.77 -9.57
N GLY D 218 -15.83 -15.90 -10.45
CA GLY D 218 -17.13 -16.08 -11.07
C GLY D 218 -17.35 -17.34 -11.88
N ILE D 219 -18.53 -17.94 -11.69
CA ILE D 219 -18.89 -19.14 -12.42
C ILE D 219 -19.33 -18.71 -13.82
N THR D 220 -19.86 -17.51 -13.96
CA THR D 220 -20.26 -17.02 -15.26
C THR D 220 -18.99 -16.70 -16.04
N ARG D 221 -18.01 -16.14 -15.34
CA ARG D 221 -16.71 -15.81 -15.94
C ARG D 221 -16.11 -17.09 -16.50
N ASP D 222 -16.14 -18.15 -15.70
CA ASP D 222 -15.60 -19.44 -16.11
C ASP D 222 -16.32 -19.95 -17.36
N SER D 223 -17.65 -19.85 -17.33
CA SER D 223 -18.47 -20.31 -18.45
C SER D 223 -18.15 -19.52 -19.73
N VAL D 224 -18.04 -18.21 -19.59
CA VAL D 224 -17.75 -17.34 -20.72
C VAL D 224 -16.39 -17.65 -21.35
N ILE D 225 -15.41 -17.95 -20.51
CA ILE D 225 -14.08 -18.26 -21.02
C ILE D 225 -14.13 -19.55 -21.82
N ARG D 226 -14.84 -20.55 -21.32
CA ARG D 226 -14.94 -21.82 -22.04
C ARG D 226 -15.66 -21.60 -23.37
N ILE D 227 -16.75 -20.85 -23.34
CA ILE D 227 -17.51 -20.57 -24.54
C ILE D 227 -16.63 -19.84 -25.56
N ALA D 228 -15.89 -18.83 -25.10
CA ALA D 228 -15.03 -18.05 -25.98
C ALA D 228 -14.00 -18.95 -26.67
N LYS D 229 -13.35 -19.81 -25.90
CA LYS D 229 -12.35 -20.70 -26.46
C LYS D 229 -12.99 -21.70 -27.43
N ASP D 230 -14.18 -22.17 -27.11
CA ASP D 230 -14.87 -23.11 -27.98
C ASP D 230 -15.21 -22.47 -29.32
N LEU D 231 -15.44 -21.15 -29.31
CA LEU D 231 -15.78 -20.43 -30.52
C LEU D 231 -14.57 -20.04 -31.34
N GLY D 232 -13.38 -20.31 -30.82
CA GLY D 232 -12.16 -19.99 -31.56
C GLY D 232 -11.42 -18.74 -31.14
N TYR D 233 -11.93 -18.03 -30.14
CA TYR D 233 -11.29 -16.81 -29.65
C TYR D 233 -10.07 -17.11 -28.79
N GLU D 234 -9.09 -16.21 -28.85
CA GLU D 234 -7.91 -16.35 -28.03
C GLU D 234 -8.28 -15.64 -26.72
N VAL D 235 -8.04 -16.30 -25.59
CA VAL D 235 -8.34 -15.71 -24.30
C VAL D 235 -7.08 -15.60 -23.46
N GLN D 236 -6.84 -14.41 -22.94
CA GLN D 236 -5.69 -14.16 -22.08
C GLN D 236 -6.20 -13.67 -20.75
N VAL D 237 -5.50 -13.99 -19.67
CA VAL D 237 -5.89 -13.58 -18.34
C VAL D 237 -4.83 -12.59 -17.87
N VAL D 238 -5.24 -11.37 -17.55
CA VAL D 238 -4.30 -10.34 -17.15
C VAL D 238 -4.83 -9.42 -16.08
N ARG D 239 -3.93 -8.59 -15.56
CA ARG D 239 -4.31 -7.57 -14.59
C ARG D 239 -4.51 -6.36 -15.49
N ALA D 240 -5.50 -5.52 -15.19
CA ALA D 240 -5.77 -4.37 -16.03
C ALA D 240 -5.98 -3.07 -15.27
N THR D 241 -5.75 -1.96 -15.97
CA THR D 241 -5.93 -0.63 -15.42
C THR D 241 -7.18 -0.02 -16.04
N ARG D 242 -7.70 1.03 -15.42
CA ARG D 242 -8.90 1.68 -15.94
C ARG D 242 -8.70 2.19 -17.36
N ASP D 243 -7.51 2.70 -17.67
CA ASP D 243 -7.29 3.19 -19.03
C ASP D 243 -7.04 2.11 -20.07
N GLN D 244 -6.83 0.87 -19.63
CA GLN D 244 -6.70 -0.20 -20.60
C GLN D 244 -8.14 -0.50 -21.03
N LEU D 245 -9.07 -0.32 -20.09
CA LEU D 245 -10.48 -0.53 -20.42
C LEU D 245 -10.98 0.60 -21.30
N TYR D 246 -10.59 1.84 -20.99
CA TYR D 246 -11.01 2.99 -21.78
C TYR D 246 -10.69 2.83 -23.26
N MET D 247 -9.55 2.22 -23.57
CA MET D 247 -9.15 2.06 -24.96
C MET D 247 -9.42 0.68 -25.56
N ALA D 248 -10.16 -0.15 -24.85
CA ALA D 248 -10.48 -1.48 -25.36
C ALA D 248 -11.50 -1.36 -26.49
N ASP D 249 -11.56 -2.37 -27.36
CA ASP D 249 -12.54 -2.34 -28.44
C ASP D 249 -13.90 -2.64 -27.82
N GLU D 250 -13.90 -3.47 -26.79
CA GLU D 250 -15.12 -3.83 -26.07
C GLU D 250 -14.81 -4.14 -24.62
N VAL D 251 -15.83 -4.01 -23.79
CA VAL D 251 -15.74 -4.33 -22.37
C VAL D 251 -17.07 -4.98 -22.02
N PHE D 252 -17.04 -6.01 -21.19
CA PHE D 252 -18.29 -6.62 -20.75
C PHE D 252 -18.16 -7.23 -19.37
N MET D 253 -19.30 -7.41 -18.70
CA MET D 253 -19.35 -7.96 -17.35
C MET D 253 -20.05 -9.32 -17.38
N THR D 254 -19.71 -10.18 -16.43
CA THR D 254 -20.35 -11.48 -16.32
C THR D 254 -20.79 -11.70 -14.88
N GLY D 255 -21.91 -12.39 -14.72
CA GLY D 255 -22.43 -12.67 -13.40
C GLY D 255 -23.69 -13.50 -13.55
N THR D 256 -24.08 -14.19 -12.48
CA THR D 256 -25.27 -15.02 -12.54
C THR D 256 -26.49 -14.16 -12.89
N ALA D 257 -26.58 -12.99 -12.29
CA ALA D 257 -27.70 -12.09 -12.56
C ALA D 257 -27.45 -11.22 -13.79
N ALA D 258 -26.20 -10.81 -13.98
CA ALA D 258 -25.85 -9.98 -15.13
C ALA D 258 -25.67 -10.77 -16.42
N GLU D 259 -25.61 -12.10 -16.32
CA GLU D 259 -25.39 -12.95 -17.48
C GLU D 259 -24.15 -12.39 -18.17
N VAL D 260 -24.25 -12.02 -19.45
CA VAL D 260 -23.12 -11.39 -20.13
C VAL D 260 -23.68 -10.02 -20.51
N THR D 261 -23.16 -8.98 -19.89
CA THR D 261 -23.63 -7.61 -20.14
C THR D 261 -22.58 -6.72 -20.80
N PRO D 262 -22.81 -6.30 -22.05
CA PRO D 262 -21.86 -5.44 -22.74
C PRO D 262 -21.79 -4.08 -22.02
N VAL D 263 -20.60 -3.49 -21.98
CA VAL D 263 -20.39 -2.19 -21.34
C VAL D 263 -20.00 -1.22 -22.44
N SER D 264 -20.82 -0.19 -22.66
CA SER D 264 -20.57 0.78 -23.73
C SER D 264 -19.90 2.08 -23.29
N MET D 265 -19.81 2.30 -21.98
CA MET D 265 -19.20 3.53 -21.49
C MET D 265 -18.71 3.36 -20.07
N ILE D 266 -17.56 3.96 -19.78
CA ILE D 266 -16.97 3.92 -18.45
C ILE D 266 -16.49 5.33 -18.14
N ASP D 267 -16.92 5.88 -17.01
CA ASP D 267 -16.54 7.23 -16.61
C ASP D 267 -16.79 8.23 -17.74
N TRP D 268 -17.97 8.10 -18.36
CA TRP D 268 -18.39 8.99 -19.44
C TRP D 268 -17.51 8.95 -20.68
N ARG D 269 -16.69 7.92 -20.79
CA ARG D 269 -15.81 7.75 -21.93
C ARG D 269 -16.34 6.54 -22.69
N PRO D 270 -16.74 6.74 -23.96
CA PRO D 270 -17.27 5.63 -24.75
C PRO D 270 -16.26 4.53 -24.99
N ILE D 271 -16.72 3.28 -24.93
CA ILE D 271 -15.85 2.14 -25.18
C ILE D 271 -16.05 1.73 -26.63
N GLY D 272 -14.99 1.78 -27.42
CA GLY D 272 -15.09 1.40 -28.82
C GLY D 272 -16.16 2.22 -29.53
N LYS D 273 -17.10 1.54 -30.18
CA LYS D 273 -18.16 2.21 -30.93
C LYS D 273 -19.20 2.94 -30.08
N GLY D 274 -19.15 2.74 -28.76
CA GLY D 274 -20.10 3.43 -27.90
C GLY D 274 -21.40 2.67 -27.68
N THR D 275 -21.47 1.46 -28.20
CA THR D 275 -22.64 0.60 -28.03
C THR D 275 -22.09 -0.81 -27.84
N ALA D 276 -22.95 -1.78 -27.57
CA ALA D 276 -22.50 -3.15 -27.40
C ALA D 276 -21.76 -3.59 -28.65
N GLY D 277 -20.66 -4.33 -28.46
CA GLY D 277 -19.88 -4.81 -29.57
C GLY D 277 -20.27 -6.21 -30.00
N PRO D 278 -19.80 -6.67 -31.17
CA PRO D 278 -20.12 -8.01 -31.67
C PRO D 278 -19.61 -9.19 -30.86
N VAL D 279 -18.44 -9.06 -30.24
CA VAL D 279 -17.90 -10.15 -29.45
C VAL D 279 -18.73 -10.40 -28.19
N ALA D 280 -19.00 -9.35 -27.43
CA ALA D 280 -19.80 -9.50 -26.22
C ALA D 280 -21.20 -10.01 -26.56
N LEU D 281 -21.78 -9.51 -27.65
CA LEU D 281 -23.11 -9.95 -28.05
C LEU D 281 -23.11 -11.42 -28.46
N ARG D 282 -22.05 -11.85 -29.13
CA ARG D 282 -21.96 -13.24 -29.56
C ARG D 282 -21.80 -14.16 -28.35
N LEU D 283 -20.94 -13.78 -27.42
CA LEU D 283 -20.74 -14.61 -26.23
C LEU D 283 -22.04 -14.67 -25.44
N ARG D 284 -22.73 -13.54 -25.34
CA ARG D 284 -24.00 -13.48 -24.62
C ARG D 284 -25.01 -14.42 -25.26
N GLU D 285 -25.12 -14.38 -26.57
CA GLU D 285 -26.09 -15.23 -27.27
C GLU D 285 -25.80 -16.71 -27.02
N VAL D 286 -24.55 -17.12 -27.17
CA VAL D 286 -24.21 -18.52 -26.95
C VAL D 286 -24.42 -18.89 -25.49
N TYR D 287 -24.09 -17.99 -24.58
CA TYR D 287 -24.30 -18.28 -23.17
C TYR D 287 -25.78 -18.50 -22.91
N LEU D 288 -26.62 -17.65 -23.48
CA LEU D 288 -28.06 -17.79 -23.28
C LEU D 288 -28.60 -19.06 -23.93
N GLU D 289 -28.00 -19.47 -25.04
CA GLU D 289 -28.43 -20.70 -25.70
C GLU D 289 -28.03 -21.88 -24.82
N ALA D 290 -26.88 -21.76 -24.16
CA ALA D 290 -26.40 -22.82 -23.29
C ALA D 290 -27.28 -23.00 -22.06
N VAL D 291 -27.56 -21.91 -21.35
CA VAL D 291 -28.38 -22.00 -20.15
C VAL D 291 -29.83 -22.39 -20.41
N THR D 292 -30.32 -22.16 -21.63
CA THR D 292 -31.70 -22.53 -21.94
C THR D 292 -31.80 -23.91 -22.58
N GLY D 293 -30.72 -24.67 -22.50
CA GLY D 293 -30.70 -26.03 -23.02
C GLY D 293 -30.72 -26.20 -24.53
N ARG D 294 -30.23 -25.21 -25.26
CA ARG D 294 -30.23 -25.28 -26.71
C ARG D 294 -28.87 -25.72 -27.28
N ARG D 295 -27.89 -25.90 -26.41
CA ARG D 295 -26.55 -26.31 -26.85
C ARG D 295 -26.18 -27.68 -26.26
N PRO D 296 -26.24 -28.74 -27.07
CA PRO D 296 -25.90 -30.09 -26.60
C PRO D 296 -24.54 -30.17 -25.92
N GLU D 297 -23.56 -29.42 -26.43
CA GLU D 297 -22.20 -29.44 -25.88
C GLU D 297 -22.10 -28.90 -24.45
N TYR D 298 -23.12 -28.16 -24.01
CA TYR D 298 -23.09 -27.59 -22.66
C TYR D 298 -24.15 -28.17 -21.73
N GLU D 299 -24.80 -29.24 -22.17
CA GLU D 299 -25.84 -29.88 -21.37
C GLU D 299 -25.32 -30.31 -19.99
N GLY D 300 -24.03 -30.62 -19.91
CA GLY D 300 -23.44 -31.04 -18.65
C GLY D 300 -23.55 -30.00 -17.56
N TRP D 301 -23.69 -28.74 -17.95
CA TRP D 301 -23.82 -27.64 -16.99
C TRP D 301 -25.22 -27.52 -16.43
N LEU D 302 -26.18 -28.23 -17.02
CA LEU D 302 -27.56 -28.14 -16.59
C LEU D 302 -28.10 -29.28 -15.72
N THR D 303 -28.97 -28.91 -14.79
CA THR D 303 -29.62 -29.85 -13.90
C THR D 303 -31.12 -29.64 -14.09
N TYR D 304 -31.76 -30.54 -14.82
CA TYR D 304 -33.19 -30.43 -15.07
C TYR D 304 -33.95 -30.89 -13.82
N VAL D 305 -34.83 -30.03 -13.32
CA VAL D 305 -35.58 -30.33 -12.11
C VAL D 305 -36.68 -31.37 -12.34
N ASN D 306 -37.19 -31.45 -13.56
CA ASN D 306 -38.24 -32.40 -13.88
C ASN D 306 -37.75 -33.49 -14.83
N GLN E 2 18.88 25.11 -30.38
CA GLN E 2 17.40 25.05 -30.53
C GLN E 2 16.99 23.84 -31.35
N ILE E 3 15.68 23.66 -31.54
CA ILE E 3 15.17 22.54 -32.31
C ILE E 3 14.98 22.95 -33.76
N LYS E 4 15.58 22.18 -34.67
CA LYS E 4 15.48 22.46 -36.10
C LYS E 4 14.29 21.68 -36.65
N ALA E 5 13.08 22.17 -36.39
CA ALA E 5 11.88 21.50 -36.85
C ALA E 5 11.47 21.89 -38.26
N GLY E 6 11.57 23.18 -38.57
CA GLY E 6 11.19 23.64 -39.90
C GLY E 6 9.70 23.85 -40.00
N LEU E 7 9.09 23.36 -41.08
CA LEU E 7 7.66 23.51 -41.27
C LEU E 7 6.89 22.63 -40.28
N ILE E 8 5.98 23.26 -39.53
CA ILE E 8 5.17 22.55 -38.55
C ILE E 8 3.69 22.62 -38.91
N TRP E 9 3.01 21.49 -38.81
CA TRP E 9 1.58 21.42 -39.11
C TRP E 9 0.85 21.97 -37.88
N MET E 10 0.09 23.04 -38.08
CA MET E 10 -0.66 23.67 -37.01
C MET E 10 -2.15 23.69 -37.32
N ASN E 11 -2.90 22.84 -36.63
CA ASN E 11 -4.35 22.76 -36.82
C ASN E 11 -4.84 22.82 -38.26
N GLY E 12 -4.30 21.97 -39.12
CA GLY E 12 -4.76 21.93 -40.50
C GLY E 12 -3.86 22.52 -41.57
N ALA E 13 -2.82 23.25 -41.20
CA ALA E 13 -1.93 23.84 -42.19
C ALA E 13 -0.51 24.02 -41.68
N PHE E 14 0.46 23.86 -42.59
CA PHE E 14 1.86 24.02 -42.23
C PHE E 14 2.26 25.49 -42.16
N VAL E 15 3.08 25.82 -41.18
CA VAL E 15 3.55 27.19 -40.98
C VAL E 15 5.01 27.13 -40.55
N PRO E 16 5.75 28.22 -40.77
CA PRO E 16 7.17 28.25 -40.37
C PRO E 16 7.25 28.01 -38.87
N GLN E 17 8.33 27.39 -38.43
CA GLN E 17 8.51 27.10 -37.00
C GLN E 17 8.28 28.34 -36.12
N GLU E 18 8.76 29.48 -36.59
CA GLU E 18 8.63 30.73 -35.86
C GLU E 18 7.18 31.11 -35.57
N GLU E 19 6.27 30.63 -36.42
CA GLU E 19 4.86 30.95 -36.26
C GLU E 19 4.09 29.88 -35.48
N ALA E 20 4.75 28.76 -35.18
CA ALA E 20 4.10 27.69 -34.44
C ALA E 20 4.15 28.00 -32.94
N LYS E 21 3.29 28.92 -32.51
CA LYS E 21 3.22 29.32 -31.12
C LYS E 21 1.80 29.30 -30.58
N THR E 22 1.67 29.28 -29.26
CA THR E 22 0.36 29.24 -28.62
C THR E 22 0.38 30.16 -27.39
N SER E 23 -0.80 30.61 -26.97
CA SER E 23 -0.94 31.50 -25.82
C SER E 23 -0.31 30.93 -24.55
N VAL E 24 0.32 31.79 -23.76
CA VAL E 24 0.92 31.35 -22.51
C VAL E 24 -0.20 31.10 -21.50
N LEU E 25 -1.43 31.38 -21.90
CA LEU E 25 -2.60 31.14 -21.05
C LEU E 25 -3.24 29.80 -21.41
N SER E 26 -2.55 29.04 -22.26
CA SER E 26 -3.05 27.73 -22.67
C SER E 26 -3.15 26.80 -21.46
N HIS E 27 -4.30 26.15 -21.33
CA HIS E 27 -4.58 25.24 -20.23
C HIS E 27 -3.45 24.22 -20.03
N ALA E 28 -2.95 23.64 -21.12
CA ALA E 28 -1.89 22.64 -21.05
C ALA E 28 -0.57 23.16 -20.51
N LEU E 29 -0.30 24.46 -20.66
CA LEU E 29 0.95 25.02 -20.18
C LEU E 29 0.92 25.18 -18.67
N HIS E 30 -0.31 25.23 -18.13
CA HIS E 30 -0.50 25.38 -16.69
C HIS E 30 -0.84 24.10 -15.96
N TYR E 31 -1.55 23.20 -16.63
CA TYR E 31 -2.02 21.98 -15.99
C TYR E 31 -1.64 20.63 -16.60
N GLY E 32 -0.68 20.64 -17.53
CA GLY E 32 -0.21 19.39 -18.14
C GLY E 32 -1.21 18.63 -18.98
N THR E 33 -2.28 19.31 -19.38
CA THR E 33 -3.34 18.70 -20.16
C THR E 33 -3.08 18.63 -21.66
N SER E 34 -2.09 17.84 -22.03
CA SER E 34 -1.75 17.63 -23.44
C SER E 34 -1.50 16.14 -23.63
N VAL E 35 -1.49 15.71 -24.88
CA VAL E 35 -1.18 14.31 -25.19
C VAL E 35 -0.25 14.38 -26.39
N PHE E 36 0.63 13.40 -26.52
CA PHE E 36 1.57 13.41 -27.63
C PHE E 36 1.98 12.02 -28.03
N GLU E 37 2.76 11.94 -29.11
CA GLU E 37 3.27 10.67 -29.58
C GLU E 37 4.72 10.85 -29.98
N GLY E 38 5.39 9.72 -30.16
CA GLY E 38 6.78 9.72 -30.58
C GLY E 38 6.81 8.72 -31.70
N ILE E 39 7.10 9.17 -32.91
CA ILE E 39 7.11 8.30 -34.08
C ILE E 39 8.41 8.48 -34.86
N ARG E 40 8.93 7.38 -35.38
CA ARG E 40 10.16 7.46 -36.15
C ARG E 40 10.02 7.06 -37.59
N ALA E 41 10.81 7.72 -38.43
CA ALA E 41 10.85 7.42 -39.86
C ALA E 41 12.30 7.00 -40.08
N TYR E 42 12.50 5.92 -40.83
CA TYR E 42 13.84 5.43 -41.12
C TYR E 42 14.05 5.44 -42.62
N GLU E 43 15.29 5.64 -43.04
CA GLU E 43 15.61 5.65 -44.45
C GLU E 43 15.73 4.22 -44.94
N THR E 44 15.05 3.92 -46.05
CA THR E 44 15.09 2.57 -46.62
C THR E 44 15.54 2.70 -48.07
N ALA E 45 15.66 1.56 -48.74
CA ALA E 45 16.08 1.55 -50.14
C ALA E 45 15.01 2.22 -51.00
N LYS E 46 13.81 2.34 -50.45
CA LYS E 46 12.69 2.95 -51.15
C LYS E 46 12.28 4.29 -50.53
N GLY E 47 13.22 4.95 -49.87
CA GLY E 47 12.92 6.23 -49.25
C GLY E 47 12.52 6.12 -47.79
N PRO E 48 12.12 7.23 -47.15
CA PRO E 48 11.71 7.24 -45.75
C PRO E 48 10.49 6.35 -45.49
N ALA E 49 10.53 5.61 -44.38
CA ALA E 49 9.42 4.74 -44.00
C ALA E 49 9.11 4.99 -42.53
N ILE E 50 7.85 5.34 -42.26
CA ILE E 50 7.41 5.62 -40.90
C ILE E 50 7.08 4.27 -40.25
N PHE E 51 7.57 4.05 -39.04
CA PHE E 51 7.33 2.79 -38.35
C PHE E 51 6.04 2.73 -37.55
N ARG E 52 5.20 1.78 -37.92
CA ARG E 52 3.91 1.52 -37.27
C ARG E 52 3.13 2.81 -36.97
N LEU E 53 2.92 3.58 -38.03
CA LEU E 53 2.19 4.84 -37.96
C LEU E 53 0.78 4.64 -37.39
N LYS E 54 0.09 3.62 -37.87
CA LYS E 54 -1.28 3.32 -37.43
C LYS E 54 -1.39 3.13 -35.92
N GLU E 55 -0.54 2.30 -35.35
CA GLU E 55 -0.59 2.05 -33.91
C GLU E 55 -0.33 3.33 -33.13
N HIS E 56 0.61 4.15 -33.62
CA HIS E 56 0.91 5.39 -32.93
C HIS E 56 -0.24 6.37 -32.99
N VAL E 57 -0.89 6.48 -34.15
CA VAL E 57 -2.01 7.40 -34.26
C VAL E 57 -3.16 6.91 -33.40
N LYS E 58 -3.37 5.59 -33.37
CA LYS E 58 -4.44 5.04 -32.56
C LYS E 58 -4.20 5.37 -31.09
N ARG E 59 -2.96 5.24 -30.65
CA ARG E 59 -2.64 5.53 -29.24
C ARG E 59 -2.82 7.01 -28.95
N PHE E 60 -2.53 7.86 -29.93
CA PHE E 60 -2.68 9.30 -29.78
C PHE E 60 -4.13 9.63 -29.44
N TYR E 61 -5.07 9.08 -30.21
CA TYR E 61 -6.48 9.33 -29.97
C TYR E 61 -6.93 8.65 -28.68
N ASN E 62 -6.32 7.51 -28.35
CA ASN E 62 -6.65 6.81 -27.12
C ASN E 62 -6.24 7.66 -25.92
N SER E 63 -5.06 8.28 -26.01
CA SER E 63 -4.60 9.13 -24.92
C SER E 63 -5.56 10.30 -24.74
N ALA E 64 -6.00 10.89 -25.86
CA ALA E 64 -6.93 12.01 -25.80
C ALA E 64 -8.21 11.62 -25.07
N LYS E 65 -8.71 10.41 -25.32
CA LYS E 65 -9.94 9.97 -24.67
C LYS E 65 -9.80 9.92 -23.15
N VAL E 66 -8.63 9.56 -22.66
CA VAL E 66 -8.41 9.50 -21.22
C VAL E 66 -8.68 10.86 -20.58
N LEU E 67 -8.31 11.92 -21.29
CA LEU E 67 -8.52 13.29 -20.78
C LEU E 67 -9.84 13.86 -21.26
N ARG E 68 -10.63 13.04 -21.96
CA ARG E 68 -11.91 13.47 -22.51
C ARG E 68 -11.65 14.68 -23.41
N MET E 69 -10.49 14.63 -24.06
CA MET E 69 -10.04 15.66 -24.97
C MET E 69 -10.54 15.35 -26.37
N GLU E 70 -11.10 16.35 -27.03
CA GLU E 70 -11.62 16.19 -28.38
C GLU E 70 -10.60 16.62 -29.43
N ILE E 71 -10.21 15.69 -30.31
CA ILE E 71 -9.27 15.99 -31.38
C ILE E 71 -10.14 16.33 -32.58
N PRO E 72 -10.16 17.62 -32.99
CA PRO E 72 -10.96 18.09 -34.13
C PRO E 72 -10.50 17.68 -35.52
N PHE E 73 -9.88 16.51 -35.62
CA PHE E 73 -9.41 15.98 -36.90
C PHE E 73 -9.59 14.47 -36.93
N ALA E 74 -9.84 13.94 -38.12
CA ALA E 74 -10.00 12.50 -38.28
C ALA E 74 -8.61 11.88 -38.29
N PRO E 75 -8.47 10.66 -37.77
CA PRO E 75 -7.16 9.99 -37.74
C PRO E 75 -6.48 10.02 -39.11
N GLU E 76 -7.26 9.83 -40.16
CA GLU E 76 -6.73 9.83 -41.52
C GLU E 76 -6.08 11.18 -41.85
N GLU E 77 -6.64 12.25 -41.31
CA GLU E 77 -6.10 13.59 -41.56
C GLU E 77 -4.77 13.76 -40.85
N LEU E 78 -4.68 13.24 -39.63
CA LEU E 78 -3.46 13.35 -38.85
C LEU E 78 -2.36 12.51 -39.50
N GLU E 79 -2.75 11.36 -40.03
CA GLU E 79 -1.80 10.47 -40.68
C GLU E 79 -1.19 11.14 -41.91
N GLU E 80 -2.02 11.89 -42.64
CA GLU E 80 -1.54 12.59 -43.82
C GLU E 80 -0.59 13.71 -43.39
N ALA E 81 -0.94 14.40 -42.32
CA ALA E 81 -0.11 15.49 -41.82
C ALA E 81 1.26 14.95 -41.40
N ILE E 82 1.26 13.77 -40.78
CA ILE E 82 2.49 13.15 -40.34
C ILE E 82 3.39 12.78 -41.52
N LYS E 83 2.77 12.28 -42.60
CA LYS E 83 3.56 11.93 -43.79
C LYS E 83 4.09 13.21 -44.41
N GLU E 84 3.25 14.25 -44.40
CA GLU E 84 3.62 15.54 -44.97
C GLU E 84 4.73 16.28 -44.24
N VAL E 85 4.76 16.19 -42.91
CA VAL E 85 5.80 16.88 -42.17
C VAL E 85 7.17 16.31 -42.54
N VAL E 86 7.18 15.04 -42.96
CA VAL E 86 8.41 14.38 -43.36
C VAL E 86 8.85 14.86 -44.74
N ARG E 87 7.98 14.74 -45.73
CA ARG E 87 8.34 15.16 -47.07
C ARG E 87 8.43 16.65 -47.32
N ARG E 88 7.59 17.45 -46.66
CA ARG E 88 7.65 18.89 -46.86
C ARG E 88 8.95 19.46 -46.31
N ASN E 89 9.54 18.77 -45.34
CA ASN E 89 10.80 19.21 -44.75
C ASN E 89 12.00 18.49 -45.33
N GLY E 90 11.75 17.58 -46.27
CA GLY E 90 12.83 16.84 -46.90
C GLY E 90 13.57 15.90 -45.98
N TYR E 91 12.87 15.38 -44.98
CA TYR E 91 13.47 14.47 -44.02
C TYR E 91 13.54 13.04 -44.54
N ARG E 92 14.50 12.30 -44.01
CA ARG E 92 14.69 10.89 -44.34
C ARG E 92 14.52 10.20 -43.00
N SER E 93 15.57 10.19 -42.19
CA SER E 93 15.50 9.60 -40.86
C SER E 93 15.14 10.74 -39.92
N CYS E 94 14.01 10.63 -39.24
CA CYS E 94 13.59 11.69 -38.35
C CYS E 94 12.69 11.20 -37.22
N TYR E 95 12.45 12.11 -36.27
CA TYR E 95 11.58 11.83 -35.14
C TYR E 95 10.37 12.73 -35.35
N ILE E 96 9.18 12.16 -35.20
CA ILE E 96 7.96 12.89 -35.41
C ILE E 96 7.21 13.05 -34.10
N ARG E 97 6.82 14.28 -33.79
CA ARG E 97 6.13 14.58 -32.54
C ARG E 97 4.76 15.25 -32.69
N PRO E 98 3.70 14.44 -32.72
CA PRO E 98 2.36 15.00 -32.83
C PRO E 98 1.99 15.44 -31.42
N LEU E 99 1.25 16.54 -31.28
CA LEU E 99 0.86 17.04 -29.96
C LEU E 99 -0.53 17.66 -30.01
N ALA E 100 -1.36 17.32 -29.05
CA ALA E 100 -2.71 17.88 -28.93
C ALA E 100 -2.73 18.49 -27.53
N TRP E 101 -3.16 19.74 -27.41
CA TRP E 101 -3.17 20.38 -26.10
C TRP E 101 -4.39 21.25 -25.88
N MET E 102 -4.78 21.41 -24.62
CA MET E 102 -5.92 22.24 -24.28
C MET E 102 -5.47 23.69 -24.35
N GLY E 103 -6.24 24.49 -25.07
CA GLY E 103 -5.93 25.90 -25.27
C GLY E 103 -6.26 26.90 -24.18
N ALA E 104 -6.30 28.17 -24.57
CA ALA E 104 -6.54 29.27 -23.62
C ALA E 104 -7.95 29.84 -23.50
N LYS E 105 -8.98 29.01 -23.69
CA LYS E 105 -10.33 29.51 -23.56
C LYS E 105 -10.64 29.86 -22.11
N ALA E 106 -10.08 29.09 -21.19
CA ALA E 106 -10.30 29.31 -19.76
C ALA E 106 -9.21 28.62 -18.95
N LEU E 107 -9.05 29.02 -17.70
CA LEU E 107 -8.04 28.40 -16.84
C LEU E 107 -8.56 27.71 -15.59
N GLY E 108 -9.80 27.23 -15.65
CA GLY E 108 -10.33 26.48 -14.53
C GLY E 108 -9.62 25.14 -14.71
N VAL E 109 -9.38 24.40 -13.64
CA VAL E 109 -8.67 23.12 -13.80
C VAL E 109 -9.39 22.11 -14.70
N ASN E 110 -10.72 22.17 -14.72
CA ASN E 110 -11.52 21.28 -15.58
C ASN E 110 -11.21 21.71 -17.01
N PRO E 111 -10.68 20.79 -17.85
CA PRO E 111 -10.37 21.14 -19.24
C PRO E 111 -11.51 21.06 -20.25
N LEU E 112 -12.64 20.49 -19.84
CA LEU E 112 -13.77 20.34 -20.76
C LEU E 112 -14.20 21.63 -21.47
N PRO E 113 -14.26 22.76 -20.74
CA PRO E 113 -14.67 24.01 -21.38
C PRO E 113 -13.69 24.46 -22.48
N ASN E 114 -12.49 23.89 -22.48
CA ASN E 114 -11.47 24.27 -23.45
C ASN E 114 -11.50 23.50 -24.77
N ASN E 115 -12.30 22.44 -24.83
CA ASN E 115 -12.40 21.65 -26.06
C ASN E 115 -12.94 22.49 -27.21
N PRO E 116 -12.56 22.16 -28.45
CA PRO E 116 -11.67 21.05 -28.82
C PRO E 116 -10.20 21.42 -28.61
N ALA E 117 -9.36 20.41 -28.54
CA ALA E 117 -7.93 20.64 -28.35
C ALA E 117 -7.30 21.19 -29.63
N GLU E 118 -6.16 21.85 -29.46
CA GLU E 118 -5.42 22.37 -30.59
C GLU E 118 -4.44 21.25 -30.92
N VAL E 119 -4.05 21.14 -32.19
CA VAL E 119 -3.15 20.08 -32.60
C VAL E 119 -2.03 20.55 -33.52
N MET E 120 -0.86 19.95 -33.38
CA MET E 120 0.28 20.29 -34.22
C MET E 120 1.14 19.06 -34.41
N VAL E 121 1.87 19.03 -35.52
CA VAL E 121 2.76 17.90 -35.80
C VAL E 121 4.09 18.49 -36.25
N ALA E 122 5.15 18.17 -35.50
CA ALA E 122 6.48 18.66 -35.82
C ALA E 122 7.40 17.45 -35.95
N ALA E 123 8.53 17.66 -36.61
CA ALA E 123 9.51 16.60 -36.80
C ALA E 123 10.89 17.21 -36.98
N TRP E 124 11.91 16.42 -36.69
CA TRP E 124 13.29 16.88 -36.82
C TRP E 124 14.20 15.71 -37.12
N GLU E 125 15.28 16.00 -37.85
CA GLU E 125 16.26 14.98 -38.23
C GLU E 125 16.78 14.23 -37.02
N TRP E 126 16.96 12.92 -37.19
CA TRP E 126 17.44 12.06 -36.11
C TRP E 126 18.94 11.78 -36.28
N GLY E 138 26.60 -0.95 -23.64
CA GLY E 138 25.30 -1.07 -22.90
C GLY E 138 25.02 0.14 -22.03
N ALA E 139 23.75 0.40 -21.79
CA ALA E 139 23.34 1.52 -20.95
C ALA E 139 23.49 1.17 -19.48
N ARG E 140 23.74 2.18 -18.66
CA ARG E 140 23.86 1.99 -17.23
C ARG E 140 22.63 2.63 -16.59
N LEU E 141 21.92 1.85 -15.79
CA LEU E 141 20.72 2.36 -15.14
C LEU E 141 20.89 2.42 -13.64
N ILE E 142 20.07 3.25 -13.01
CA ILE E 142 20.04 3.36 -11.55
C ILE E 142 18.56 3.40 -11.21
N THR E 143 18.18 2.67 -10.17
CA THR E 143 16.80 2.63 -9.74
C THR E 143 16.45 3.97 -9.11
N SER E 144 15.34 4.55 -9.56
CA SER E 144 14.89 5.85 -9.10
C SER E 144 14.22 5.85 -7.73
N SER E 145 14.26 7.02 -7.09
CA SER E 145 13.62 7.19 -5.78
C SER E 145 12.20 7.73 -6.04
N TRP E 146 11.85 7.88 -7.31
CA TRP E 146 10.52 8.32 -7.70
C TRP E 146 9.82 7.08 -8.24
N ALA E 147 8.65 6.77 -7.70
CA ALA E 147 7.90 5.60 -8.14
C ALA E 147 6.99 5.96 -9.30
N ARG E 148 6.81 5.04 -10.24
CA ARG E 148 5.92 5.28 -11.38
C ARG E 148 4.52 5.35 -10.76
N PHE E 149 3.73 6.30 -11.23
CA PHE E 149 2.39 6.50 -10.71
C PHE E 149 1.43 5.31 -10.74
N PRO E 150 0.66 5.13 -9.65
CA PRO E 150 -0.32 4.04 -9.58
C PRO E 150 -1.34 4.29 -10.69
N ALA E 151 -2.03 3.24 -11.11
CA ALA E 151 -3.01 3.32 -12.20
C ALA E 151 -4.24 4.17 -11.90
N ASN E 152 -4.40 4.61 -10.66
CA ASN E 152 -5.54 5.44 -10.31
C ASN E 152 -5.06 6.82 -9.85
N VAL E 153 -3.83 7.17 -10.23
CA VAL E 153 -3.24 8.46 -9.88
C VAL E 153 -2.98 9.25 -11.16
N MET E 154 -2.33 8.63 -12.13
CA MET E 154 -2.06 9.23 -13.43
C MET E 154 -2.31 8.11 -14.45
N PRO E 155 -2.84 8.45 -15.64
CA PRO E 155 -3.11 7.45 -16.67
C PRO E 155 -1.86 6.96 -17.38
N GLY E 156 -1.23 5.93 -16.83
CA GLY E 156 0.01 5.40 -17.38
C GLY E 156 -0.04 4.72 -18.73
N LYS E 157 -1.24 4.47 -19.26
CA LYS E 157 -1.37 3.83 -20.56
C LYS E 157 -1.46 4.91 -21.64
N ALA E 158 -1.50 6.16 -21.20
CA ALA E 158 -1.58 7.28 -22.13
C ALA E 158 -0.34 8.14 -22.05
N LYS E 159 -0.05 8.86 -23.13
CA LYS E 159 1.09 9.76 -23.15
C LYS E 159 0.54 11.15 -22.88
N VAL E 160 0.12 11.36 -21.64
CA VAL E 160 -0.42 12.65 -21.19
C VAL E 160 0.75 13.49 -20.69
N GLY E 161 0.81 14.73 -21.15
CA GLY E 161 1.90 15.61 -20.76
C GLY E 161 2.28 15.61 -19.29
N GLY E 162 1.29 15.81 -18.42
CA GLY E 162 1.56 15.83 -16.99
C GLY E 162 2.28 14.61 -16.45
N ASN E 163 2.02 13.45 -17.05
CA ASN E 163 2.64 12.20 -16.64
C ASN E 163 4.15 12.33 -16.62
N TYR E 164 4.69 13.08 -17.57
CA TYR E 164 6.12 13.18 -17.71
C TYR E 164 6.90 14.00 -16.69
N VAL E 165 6.20 14.55 -15.71
CA VAL E 165 6.88 15.26 -14.64
C VAL E 165 7.56 14.13 -13.84
N ASN E 166 6.86 13.00 -13.73
CA ASN E 166 7.37 11.84 -13.01
C ASN E 166 8.61 11.31 -13.76
N SER E 167 8.51 11.24 -15.08
CA SER E 167 9.63 10.77 -15.90
C SER E 167 10.80 11.75 -15.84
N ALA E 168 10.51 13.04 -15.87
CA ALA E 168 11.54 14.08 -15.83
C ALA E 168 12.32 14.02 -14.52
N LEU E 169 11.59 13.90 -13.41
CA LEU E 169 12.22 13.82 -12.10
C LEU E 169 13.15 12.62 -12.02
N ALA E 170 12.68 11.48 -12.54
CA ALA E 170 13.47 10.25 -12.51
C ALA E 170 14.71 10.36 -13.39
N LYS E 171 14.54 10.89 -14.60
CA LYS E 171 15.65 11.03 -15.52
C LYS E 171 16.73 11.96 -14.97
N MET E 172 16.33 13.10 -14.41
CA MET E 172 17.31 14.02 -13.84
C MET E 172 18.12 13.35 -12.75
N GLU E 173 17.42 12.59 -11.90
CA GLU E 173 18.06 11.88 -10.80
C GLU E 173 19.09 10.89 -11.31
N ALA E 174 18.71 10.12 -12.32
CA ALA E 174 19.61 9.12 -12.90
C ALA E 174 20.85 9.77 -13.49
N VAL E 175 20.66 10.81 -14.29
CA VAL E 175 21.78 11.49 -14.92
C VAL E 175 22.69 12.12 -13.85
N ALA E 176 22.09 12.72 -12.83
CA ALA E 176 22.85 13.34 -11.76
C ALA E 176 23.70 12.32 -11.01
N ALA E 177 23.20 11.08 -10.95
CA ALA E 177 23.90 10.00 -10.26
C ALA E 177 25.00 9.37 -11.12
N GLY E 178 25.09 9.80 -12.38
CA GLY E 178 26.10 9.26 -13.27
C GLY E 178 25.62 8.15 -14.19
N ALA E 179 24.31 7.91 -14.23
CA ALA E 179 23.76 6.86 -15.07
C ALA E 179 23.21 7.41 -16.38
N ASP E 180 22.84 6.52 -17.29
CA ASP E 180 22.29 6.90 -18.59
C ASP E 180 20.78 7.02 -18.55
N GLU E 181 20.15 6.24 -17.71
CA GLU E 181 18.70 6.24 -17.63
C GLU E 181 18.23 5.76 -16.26
N ALA E 182 16.98 6.07 -15.93
CA ALA E 182 16.42 5.68 -14.66
C ALA E 182 15.51 4.47 -14.81
N LEU E 183 15.50 3.62 -13.79
CA LEU E 183 14.62 2.47 -13.75
C LEU E 183 13.66 2.80 -12.62
N LEU E 184 12.37 2.93 -12.93
CA LEU E 184 11.41 3.25 -11.90
C LEU E 184 10.68 2.01 -11.42
N LEU E 185 10.41 1.97 -10.12
CA LEU E 185 9.66 0.88 -9.51
C LEU E 185 8.25 1.41 -9.31
N ASP E 186 7.28 0.52 -9.13
CA ASP E 186 5.94 1.00 -8.84
C ASP E 186 5.88 1.23 -7.33
N GLU E 187 4.77 1.74 -6.82
CA GLU E 187 4.66 2.03 -5.39
C GLU E 187 4.81 0.80 -4.51
N GLU E 188 4.51 -0.38 -5.06
CA GLU E 188 4.61 -1.62 -4.31
C GLU E 188 6.04 -2.15 -4.27
N GLY E 189 6.92 -1.57 -5.08
CA GLY E 189 8.31 -1.99 -5.06
C GLY E 189 8.78 -2.86 -6.22
N TYR E 190 7.89 -3.17 -7.15
CA TYR E 190 8.26 -3.97 -8.30
C TYR E 190 8.78 -3.09 -9.42
N VAL E 191 9.52 -3.68 -10.35
CA VAL E 191 10.04 -2.91 -11.47
C VAL E 191 8.86 -2.48 -12.34
N ALA E 192 8.91 -1.22 -12.78
CA ALA E 192 7.86 -0.70 -13.65
C ALA E 192 8.43 -0.53 -15.06
N GLU E 193 9.09 0.60 -15.31
CA GLU E 193 9.67 0.87 -16.62
C GLU E 193 10.74 1.95 -16.49
N GLY E 194 11.41 2.27 -17.60
CA GLY E 194 12.41 3.31 -17.58
C GLY E 194 11.66 4.63 -17.67
N SER E 195 12.35 5.77 -17.62
CA SER E 195 11.65 7.04 -17.69
C SER E 195 10.91 7.16 -19.03
N GLY E 196 11.38 6.45 -20.04
CA GLY E 196 10.74 6.51 -21.34
C GLY E 196 10.86 5.23 -22.15
N GLU E 197 11.08 4.12 -21.46
CA GLU E 197 11.19 2.86 -22.18
C GLU E 197 10.72 1.65 -21.36
N ASN E 198 10.32 0.59 -22.05
CA ASN E 198 9.88 -0.63 -21.37
C ASN E 198 11.08 -1.53 -21.12
N LEU E 199 10.95 -2.42 -20.15
CA LEU E 199 12.04 -3.32 -19.77
C LEU E 199 11.82 -4.79 -20.05
N PHE E 200 12.92 -5.47 -20.33
CA PHE E 200 12.97 -6.91 -20.59
C PHE E 200 14.22 -7.45 -19.91
N PHE E 201 14.25 -8.74 -19.64
CA PHE E 201 15.45 -9.36 -19.12
C PHE E 201 15.50 -10.78 -19.69
N VAL E 202 16.69 -11.36 -19.71
CA VAL E 202 16.88 -12.69 -20.26
C VAL E 202 17.54 -13.57 -19.21
N ARG E 203 17.04 -14.78 -19.06
CA ARG E 203 17.60 -15.71 -18.08
C ARG E 203 17.51 -17.13 -18.62
N ASP E 204 18.67 -17.78 -18.69
CA ASP E 204 18.76 -19.15 -19.20
C ASP E 204 18.10 -19.32 -20.56
N GLY E 205 18.38 -18.39 -21.47
CA GLY E 205 17.85 -18.45 -22.82
C GLY E 205 16.42 -18.00 -23.02
N VAL E 206 15.69 -17.76 -21.94
CA VAL E 206 14.31 -17.32 -22.02
C VAL E 206 14.22 -15.80 -21.91
N ILE E 207 13.40 -15.19 -22.76
CA ILE E 207 13.21 -13.75 -22.74
C ILE E 207 12.00 -13.41 -21.89
N TYR E 208 12.20 -12.51 -20.93
CA TYR E 208 11.12 -12.08 -20.06
C TYR E 208 10.73 -10.63 -20.30
N ALA E 209 9.51 -10.43 -20.78
CA ALA E 209 9.01 -9.08 -21.01
C ALA E 209 8.22 -8.76 -19.74
N LEU E 210 8.31 -7.53 -19.26
CA LEU E 210 7.55 -7.19 -18.07
C LEU E 210 6.08 -6.96 -18.41
N GLU E 211 5.19 -7.31 -17.50
CA GLU E 211 3.76 -7.12 -17.72
C GLU E 211 3.51 -5.63 -17.85
N HIS E 212 2.32 -5.26 -18.34
CA HIS E 212 2.03 -3.85 -18.53
C HIS E 212 1.92 -3.03 -17.24
N SER E 213 1.50 -3.68 -16.16
CA SER E 213 1.28 -3.02 -14.86
C SER E 213 0.89 -1.54 -15.02
N VAL E 214 1.70 -0.62 -14.52
CA VAL E 214 1.40 0.81 -14.61
C VAL E 214 2.14 1.50 -15.76
N ASN E 215 2.77 0.70 -16.62
CA ASN E 215 3.56 1.22 -17.74
C ASN E 215 2.78 1.51 -19.02
N LEU E 216 3.45 2.14 -19.96
CA LEU E 216 2.85 2.43 -21.25
C LEU E 216 2.97 1.13 -22.03
N GLU E 217 1.97 0.80 -22.85
CA GLU E 217 2.01 -0.41 -23.66
C GLU E 217 2.88 -0.05 -24.87
N GLY E 218 4.18 -0.28 -24.74
CA GLY E 218 5.09 0.06 -25.80
C GLY E 218 4.90 -0.63 -27.12
N ILE E 219 5.02 0.14 -28.20
CA ILE E 219 4.89 -0.39 -29.55
C ILE E 219 6.21 -1.07 -29.90
N THR E 220 7.31 -0.57 -29.35
CA THR E 220 8.62 -1.17 -29.62
C THR E 220 8.65 -2.50 -28.87
N ARG E 221 8.11 -2.51 -27.65
CA ARG E 221 8.03 -3.73 -26.84
C ARG E 221 7.25 -4.78 -27.62
N ASP E 222 6.11 -4.37 -28.17
CA ASP E 222 5.27 -5.27 -28.95
C ASP E 222 6.06 -5.83 -30.13
N SER E 223 6.77 -4.94 -30.83
CA SER E 223 7.55 -5.32 -31.99
C SER E 223 8.66 -6.30 -31.62
N VAL E 224 9.35 -6.02 -30.51
CA VAL E 224 10.44 -6.86 -30.02
C VAL E 224 9.97 -8.26 -29.67
N ILE E 225 8.80 -8.36 -29.02
CA ILE E 225 8.25 -9.66 -28.66
C ILE E 225 7.95 -10.48 -29.91
N ARG E 226 7.34 -9.85 -30.91
CA ARG E 226 7.02 -10.57 -32.14
C ARG E 226 8.30 -11.06 -32.81
N ILE E 227 9.27 -10.17 -32.95
CA ILE E 227 10.54 -10.53 -33.56
C ILE E 227 11.21 -11.67 -32.79
N ALA E 228 11.23 -11.55 -31.48
CA ALA E 228 11.84 -12.59 -30.64
C ALA E 228 11.18 -13.94 -30.86
N LYS E 229 9.86 -13.97 -30.91
CA LYS E 229 9.16 -15.23 -31.13
C LYS E 229 9.45 -15.77 -32.53
N ASP E 230 9.49 -14.87 -33.52
CA ASP E 230 9.76 -15.29 -34.89
C ASP E 230 11.16 -15.88 -35.01
N LEU E 231 12.09 -15.39 -34.20
CA LEU E 231 13.46 -15.88 -34.23
C LEU E 231 13.61 -17.21 -33.49
N GLY E 232 12.57 -17.62 -32.79
CA GLY E 232 12.61 -18.89 -32.09
C GLY E 232 12.80 -18.85 -30.59
N TYR E 233 12.86 -17.65 -30.02
CA TYR E 233 13.04 -17.49 -28.59
C TYR E 233 11.73 -17.74 -27.84
N GLU E 234 11.84 -18.22 -26.61
CA GLU E 234 10.68 -18.42 -25.77
C GLU E 234 10.51 -17.09 -25.07
N VAL E 235 9.29 -16.55 -25.08
CA VAL E 235 9.01 -15.28 -24.44
C VAL E 235 7.94 -15.45 -23.39
N GLN E 236 8.23 -15.00 -22.17
CA GLN E 236 7.27 -15.06 -21.08
C GLN E 236 7.04 -13.64 -20.60
N VAL E 237 5.83 -13.36 -20.13
CA VAL E 237 5.49 -12.04 -19.62
C VAL E 237 5.31 -12.19 -18.11
N VAL E 238 6.07 -11.42 -17.35
CA VAL E 238 6.04 -11.52 -15.90
C VAL E 238 6.18 -10.20 -15.16
N ARG E 239 5.96 -10.27 -13.84
CA ARG E 239 6.14 -9.15 -12.95
C ARG E 239 7.57 -9.40 -12.45
N ALA E 240 8.38 -8.35 -12.33
CA ALA E 240 9.76 -8.54 -11.90
C ALA E 240 10.23 -7.61 -10.79
N THR E 241 11.23 -8.08 -10.05
CA THR E 241 11.83 -7.29 -8.97
C THR E 241 13.20 -6.83 -9.41
N ARG E 242 13.75 -5.84 -8.73
CA ARG E 242 15.06 -5.32 -9.08
C ARG E 242 16.12 -6.39 -9.01
N ASP E 243 16.02 -7.29 -8.02
CA ASP E 243 17.04 -8.33 -7.92
C ASP E 243 16.88 -9.45 -8.93
N GLN E 244 15.73 -9.54 -9.59
CA GLN E 244 15.59 -10.54 -10.64
C GLN E 244 16.40 -9.98 -11.81
N LEU E 245 16.41 -8.65 -11.95
CA LEU E 245 17.18 -8.03 -13.02
C LEU E 245 18.68 -8.14 -12.72
N TYR E 246 19.06 -7.89 -11.47
CA TYR E 246 20.48 -7.98 -11.08
C TYR E 246 21.06 -9.33 -11.42
N MET E 247 20.24 -10.38 -11.27
CA MET E 247 20.69 -11.75 -11.51
C MET E 247 20.43 -12.27 -12.92
N ALA E 248 19.87 -11.45 -13.78
CA ALA E 248 19.58 -11.87 -15.14
C ALA E 248 20.84 -12.02 -15.98
N ASP E 249 20.77 -12.78 -17.05
CA ASP E 249 21.92 -12.94 -17.94
C ASP E 249 22.04 -11.66 -18.76
N GLU E 250 20.89 -11.07 -19.07
CA GLU E 250 20.83 -9.84 -19.84
C GLU E 250 19.61 -9.02 -19.44
N VAL E 251 19.67 -7.73 -19.72
CA VAL E 251 18.57 -6.80 -19.47
C VAL E 251 18.62 -5.83 -20.64
N PHE E 252 17.46 -5.45 -21.16
CA PHE E 252 17.43 -4.45 -22.23
C PHE E 252 16.16 -3.62 -22.17
N MET E 253 16.21 -2.45 -22.79
CA MET E 253 15.06 -1.54 -22.81
C MET E 253 14.59 -1.36 -24.24
N THR E 254 13.31 -1.02 -24.41
CA THR E 254 12.77 -0.78 -25.73
C THR E 254 11.97 0.52 -25.73
N GLY E 255 11.99 1.22 -26.85
CA GLY E 255 11.27 2.47 -26.97
C GLY E 255 11.47 2.99 -28.37
N THR E 256 10.60 3.89 -28.82
CA THR E 256 10.73 4.43 -30.16
C THR E 256 12.09 5.10 -30.35
N ALA E 257 12.49 5.90 -29.35
CA ALA E 257 13.77 6.59 -29.41
C ALA E 257 14.92 5.65 -29.06
N ALA E 258 14.72 4.84 -28.03
CA ALA E 258 15.76 3.92 -27.57
C ALA E 258 15.92 2.66 -28.42
N GLU E 259 14.97 2.43 -29.34
CA GLU E 259 15.01 1.24 -30.18
C GLU E 259 15.16 0.07 -29.20
N VAL E 260 16.16 -0.78 -29.40
CA VAL E 260 16.40 -1.86 -28.45
C VAL E 260 17.77 -1.51 -27.88
N THR E 261 17.80 -1.18 -26.59
CA THR E 261 19.05 -0.79 -25.93
C THR E 261 19.46 -1.75 -24.83
N PRO E 262 20.62 -2.42 -25.00
CA PRO E 262 21.10 -3.36 -23.98
C PRO E 262 21.46 -2.59 -22.72
N VAL E 263 21.28 -3.23 -21.58
CA VAL E 263 21.60 -2.64 -20.27
C VAL E 263 22.71 -3.48 -19.66
N SER E 264 23.88 -2.89 -19.48
CA SER E 264 25.02 -3.62 -18.95
C SER E 264 25.20 -3.53 -17.44
N MET E 265 24.53 -2.58 -16.81
CA MET E 265 24.67 -2.39 -15.38
C MET E 265 23.47 -1.67 -14.79
N ILE E 266 23.08 -2.10 -13.59
CA ILE E 266 21.97 -1.48 -12.86
C ILE E 266 22.44 -1.31 -11.42
N ASP E 267 22.33 -0.08 -10.90
CA ASP E 267 22.74 0.21 -9.55
C ASP E 267 24.17 -0.26 -9.28
N TRP E 268 25.04 0.03 -10.24
CA TRP E 268 26.45 -0.30 -10.17
C TRP E 268 26.75 -1.79 -10.06
N ARG E 269 25.75 -2.61 -10.40
CA ARG E 269 25.89 -4.05 -10.38
C ARG E 269 25.87 -4.52 -11.83
N PRO E 270 26.98 -5.14 -12.29
CA PRO E 270 27.02 -5.61 -13.68
C PRO E 270 25.98 -6.68 -13.97
N ILE E 271 25.35 -6.57 -15.13
CA ILE E 271 24.35 -7.54 -15.56
C ILE E 271 25.08 -8.59 -16.38
N GLY E 272 25.07 -9.83 -15.91
CA GLY E 272 25.75 -10.90 -16.63
C GLY E 272 27.23 -10.57 -16.80
N LYS E 273 27.68 -10.57 -18.04
CA LYS E 273 29.08 -10.28 -18.37
C LYS E 273 29.46 -8.82 -18.14
N GLY E 274 28.48 -7.97 -17.88
CA GLY E 274 28.76 -6.57 -17.65
C GLY E 274 28.85 -5.75 -18.92
N THR E 275 28.48 -6.36 -20.03
CA THR E 275 28.50 -5.68 -21.33
C THR E 275 27.26 -6.15 -22.08
N ALA E 276 26.95 -5.49 -23.19
CA ALA E 276 25.78 -5.87 -23.98
C ALA E 276 25.86 -7.35 -24.31
N GLY E 277 24.74 -8.06 -24.14
CA GLY E 277 24.69 -9.48 -24.40
C GLY E 277 24.22 -9.84 -25.80
N PRO E 278 24.36 -11.11 -26.20
CA PRO E 278 23.96 -11.58 -27.53
C PRO E 278 22.48 -11.46 -27.89
N VAL E 279 21.58 -11.75 -26.94
CA VAL E 279 20.16 -11.68 -27.25
C VAL E 279 19.73 -10.24 -27.53
N ALA E 280 20.11 -9.32 -26.65
CA ALA E 280 19.76 -7.92 -26.84
C ALA E 280 20.35 -7.37 -28.13
N LEU E 281 21.61 -7.71 -28.41
CA LEU E 281 22.25 -7.24 -29.62
C LEU E 281 21.60 -7.80 -30.88
N ARG E 282 21.18 -9.06 -30.82
CA ARG E 282 20.54 -9.69 -31.96
C ARG E 282 19.15 -9.11 -32.19
N LEU E 283 18.39 -8.93 -31.11
CA LEU E 283 17.06 -8.36 -31.24
C LEU E 283 17.17 -6.94 -31.79
N ARG E 284 18.15 -6.18 -31.31
CA ARG E 284 18.35 -4.82 -31.78
C ARG E 284 18.62 -4.82 -33.28
N GLU E 285 19.55 -5.69 -33.72
CA GLU E 285 19.90 -5.74 -35.13
C GLU E 285 18.75 -6.17 -36.03
N VAL E 286 17.98 -7.18 -35.62
CA VAL E 286 16.87 -7.61 -36.44
C VAL E 286 15.79 -6.52 -36.48
N TYR E 287 15.64 -5.81 -35.36
CA TYR E 287 14.69 -4.71 -35.30
C TYR E 287 15.09 -3.62 -36.31
N LEU E 288 16.38 -3.31 -36.36
CA LEU E 288 16.86 -2.29 -37.30
C LEU E 288 16.64 -2.76 -38.74
N GLU E 289 16.77 -4.05 -38.97
CA GLU E 289 16.56 -4.60 -40.29
C GLU E 289 15.07 -4.49 -40.66
N ALA E 290 14.23 -4.66 -39.66
CA ALA E 290 12.79 -4.57 -39.88
C ALA E 290 12.36 -3.14 -40.21
N VAL E 291 12.80 -2.17 -39.41
CA VAL E 291 12.41 -0.78 -39.63
C VAL E 291 12.99 -0.15 -40.89
N THR E 292 14.07 -0.73 -41.42
CA THR E 292 14.68 -0.21 -42.64
C THR E 292 14.24 -0.97 -43.89
N GLY E 293 13.19 -1.78 -43.73
CA GLY E 293 12.62 -2.52 -44.84
C GLY E 293 13.41 -3.67 -45.43
N ARG E 294 14.25 -4.32 -44.63
CA ARG E 294 15.05 -5.44 -45.14
C ARG E 294 14.42 -6.80 -44.87
N ARG E 295 13.36 -6.82 -44.05
CA ARG E 295 12.68 -8.07 -43.71
C ARG E 295 11.24 -8.05 -44.24
N PRO E 296 10.98 -8.72 -45.37
CA PRO E 296 9.64 -8.76 -45.96
C PRO E 296 8.53 -9.14 -44.98
N GLU E 297 8.86 -9.99 -44.02
CA GLU E 297 7.89 -10.44 -43.02
C GLU E 297 7.32 -9.28 -42.20
N TYR E 298 8.04 -8.17 -42.11
CA TYR E 298 7.57 -7.03 -41.33
C TYR E 298 7.22 -5.79 -42.16
N GLU E 299 7.08 -5.99 -43.47
CA GLU E 299 6.75 -4.89 -44.36
C GLU E 299 5.45 -4.18 -43.97
N GLY E 300 4.52 -4.93 -43.39
CA GLY E 300 3.25 -4.34 -42.98
C GLY E 300 3.36 -3.27 -41.92
N TRP E 301 4.50 -3.24 -41.22
CA TRP E 301 4.73 -2.25 -40.18
C TRP E 301 5.21 -0.92 -40.74
N LEU E 302 5.57 -0.91 -42.02
CA LEU E 302 6.10 0.31 -42.63
C LEU E 302 5.15 1.09 -43.53
N THR E 303 5.26 2.41 -43.45
CA THR E 303 4.47 3.31 -44.28
C THR E 303 5.47 4.18 -45.04
N TYR E 304 5.64 3.91 -46.33
CA TYR E 304 6.57 4.67 -47.13
C TYR E 304 6.00 6.03 -47.50
N VAL E 305 6.74 7.10 -47.20
CA VAL E 305 6.29 8.46 -47.48
C VAL E 305 6.28 8.76 -48.98
N ASN E 306 7.27 8.26 -49.70
CA ASN E 306 7.35 8.48 -51.13
C ASN E 306 6.42 7.52 -51.86
N GLN F 2 24.17 -29.03 19.99
CA GLN F 2 25.36 -28.69 19.16
C GLN F 2 25.22 -29.26 17.75
N ILE F 3 25.97 -28.68 16.81
CA ILE F 3 25.95 -29.14 15.43
C ILE F 3 27.17 -30.00 15.15
N LYS F 4 26.94 -31.19 14.62
CA LYS F 4 28.03 -32.11 14.30
C LYS F 4 28.44 -31.94 12.85
N ALA F 5 29.18 -30.86 12.58
CA ALA F 5 29.64 -30.55 11.24
C ALA F 5 30.94 -31.26 10.88
N GLY F 6 31.85 -31.34 11.84
CA GLY F 6 33.13 -31.97 11.57
C GLY F 6 34.07 -31.01 10.88
N LEU F 7 34.75 -31.49 9.83
CA LEU F 7 35.67 -30.65 9.08
C LEU F 7 34.92 -29.61 8.27
N ILE F 8 35.31 -28.35 8.44
CA ILE F 8 34.69 -27.23 7.74
C ILE F 8 35.69 -26.53 6.82
N TRP F 9 35.26 -26.23 5.60
CA TRP F 9 36.11 -25.56 4.63
C TRP F 9 36.10 -24.07 4.98
N MET F 10 37.27 -23.54 5.30
CA MET F 10 37.42 -22.12 5.66
C MET F 10 38.37 -21.38 4.73
N ASN F 11 37.80 -20.55 3.86
CA ASN F 11 38.59 -19.76 2.92
C ASN F 11 39.72 -20.51 2.21
N GLY F 12 39.40 -21.65 1.62
CA GLY F 12 40.40 -22.40 0.89
C GLY F 12 40.99 -23.64 1.54
N ALA F 13 40.69 -23.88 2.81
CA ALA F 13 41.24 -25.05 3.49
C ALA F 13 40.33 -25.60 4.58
N PHE F 14 40.35 -26.92 4.72
CA PHE F 14 39.52 -27.57 5.74
C PHE F 14 40.18 -27.49 7.12
N VAL F 15 39.36 -27.25 8.13
CA VAL F 15 39.84 -27.17 9.51
C VAL F 15 38.81 -27.81 10.43
N PRO F 16 39.23 -28.23 11.64
CA PRO F 16 38.29 -28.86 12.56
C PRO F 16 37.21 -27.83 12.92
N GLN F 17 36.01 -28.30 13.20
CA GLN F 17 34.90 -27.42 13.54
C GLN F 17 35.29 -26.38 14.60
N GLU F 18 36.10 -26.82 15.57
CA GLU F 18 36.56 -25.96 16.65
C GLU F 18 37.34 -24.74 16.16
N GLU F 19 38.03 -24.88 15.03
CA GLU F 19 38.83 -23.79 14.49
C GLU F 19 38.04 -22.91 13.51
N ALA F 20 36.81 -23.31 13.21
CA ALA F 20 35.98 -22.55 12.28
C ALA F 20 35.29 -21.40 13.01
N LYS F 21 36.03 -20.36 13.32
CA LYS F 21 35.49 -19.21 14.02
C LYS F 21 35.85 -17.89 13.34
N THR F 22 35.09 -16.86 13.66
CA THR F 22 35.32 -15.54 13.09
C THR F 22 35.16 -14.47 14.17
N SER F 23 35.78 -13.31 13.95
CA SER F 23 35.71 -12.22 14.91
C SER F 23 34.29 -11.75 15.22
N VAL F 24 34.04 -11.41 16.48
CA VAL F 24 32.72 -10.93 16.87
C VAL F 24 32.53 -9.50 16.35
N LEU F 25 33.56 -8.97 15.71
CA LEU F 25 33.48 -7.63 15.13
C LEU F 25 33.20 -7.75 13.63
N SER F 26 32.87 -8.96 13.18
CA SER F 26 32.56 -9.19 11.78
C SER F 26 31.29 -8.42 11.41
N HIS F 27 31.37 -7.70 10.30
CA HIS F 27 30.27 -6.89 9.78
C HIS F 27 28.95 -7.66 9.74
N ALA F 28 28.99 -8.89 9.24
CA ALA F 28 27.79 -9.71 9.13
C ALA F 28 27.13 -10.07 10.45
N LEU F 29 27.90 -10.10 11.53
CA LEU F 29 27.34 -10.43 12.82
C LEU F 29 26.56 -9.26 13.40
N HIS F 30 26.85 -8.07 12.89
CA HIS F 30 26.19 -6.85 13.36
C HIS F 30 25.11 -6.33 12.42
N TYR F 31 25.30 -6.54 11.12
CA TYR F 31 24.37 -5.98 10.13
C TYR F 31 23.70 -6.94 9.15
N GLY F 32 23.79 -8.24 9.41
CA GLY F 32 23.16 -9.25 8.56
C GLY F 32 23.69 -9.37 7.15
N THR F 33 24.89 -8.86 6.93
CA THR F 33 25.52 -8.86 5.62
C THR F 33 26.25 -10.14 5.23
N SER F 34 25.48 -11.21 5.09
CA SER F 34 26.03 -12.50 4.68
C SER F 34 25.08 -13.09 3.65
N VAL F 35 25.56 -14.09 2.93
CA VAL F 35 24.72 -14.79 1.96
C VAL F 35 25.00 -16.27 2.19
N PHE F 36 24.02 -17.12 1.94
CA PHE F 36 24.23 -18.54 2.15
C PHE F 36 23.38 -19.38 1.21
N GLU F 37 23.62 -20.69 1.24
CA GLU F 37 22.85 -21.62 0.43
C GLU F 37 22.49 -22.83 1.28
N GLY F 38 21.54 -23.60 0.78
CA GLY F 38 21.09 -24.81 1.44
C GLY F 38 21.11 -25.84 0.35
N ILE F 39 21.98 -26.84 0.48
CA ILE F 39 22.11 -27.86 -0.56
C ILE F 39 22.06 -29.24 0.07
N ARG F 40 21.47 -30.19 -0.64
CA ARG F 40 21.39 -31.53 -0.10
C ARG F 40 22.08 -32.58 -0.95
N ALA F 41 22.58 -33.61 -0.28
CA ALA F 41 23.21 -34.73 -0.95
C ALA F 41 22.35 -35.89 -0.48
N TYR F 42 22.05 -36.81 -1.39
CA TYR F 42 21.26 -37.99 -1.07
C TYR F 42 22.05 -39.23 -1.43
N GLU F 43 21.78 -40.33 -0.73
CA GLU F 43 22.49 -41.57 -1.03
C GLU F 43 21.82 -42.20 -2.24
N THR F 44 22.63 -42.77 -3.12
CA THR F 44 22.12 -43.44 -4.32
C THR F 44 22.89 -44.74 -4.47
N ALA F 45 22.55 -45.51 -5.49
CA ALA F 45 23.22 -46.78 -5.74
C ALA F 45 24.65 -46.52 -6.19
N LYS F 46 24.93 -45.29 -6.63
CA LYS F 46 26.25 -44.91 -7.10
C LYS F 46 26.96 -43.97 -6.11
N GLY F 47 26.54 -44.02 -4.86
CA GLY F 47 27.14 -43.17 -3.85
C GLY F 47 26.40 -41.86 -3.68
N PRO F 48 26.86 -40.99 -2.77
CA PRO F 48 26.22 -39.69 -2.52
C PRO F 48 26.13 -38.82 -3.77
N ALA F 49 24.97 -38.19 -3.96
CA ALA F 49 24.75 -37.32 -5.09
C ALA F 49 24.20 -35.99 -4.59
N ILE F 50 24.85 -34.90 -4.97
CA ILE F 50 24.42 -33.57 -4.56
C ILE F 50 23.35 -33.12 -5.57
N PHE F 51 22.26 -32.55 -5.07
CA PHE F 51 21.18 -32.14 -5.96
C PHE F 51 21.28 -30.72 -6.47
N ARG F 52 21.32 -30.60 -7.79
CA ARG F 52 21.41 -29.32 -8.51
C ARG F 52 22.42 -28.36 -7.89
N LEU F 53 23.63 -28.88 -7.74
CA LEU F 53 24.76 -28.14 -7.19
C LEU F 53 25.02 -26.85 -7.96
N LYS F 54 25.03 -26.95 -9.29
CA LYS F 54 25.27 -25.81 -10.17
C LYS F 54 24.31 -24.66 -9.93
N GLU F 55 23.02 -24.97 -9.87
CA GLU F 55 22.01 -23.94 -9.64
C GLU F 55 22.18 -23.27 -8.29
N HIS F 56 22.52 -24.07 -7.27
CA HIS F 56 22.70 -23.54 -5.94
C HIS F 56 23.93 -22.63 -5.87
N VAL F 57 25.01 -23.04 -6.51
CA VAL F 57 26.22 -22.22 -6.50
C VAL F 57 25.96 -20.92 -7.27
N LYS F 58 25.24 -21.03 -8.38
CA LYS F 58 24.94 -19.83 -9.17
C LYS F 58 24.13 -18.85 -8.33
N ARG F 59 23.17 -19.36 -7.56
CA ARG F 59 22.36 -18.47 -6.73
C ARG F 59 23.19 -17.87 -5.60
N PHE F 60 24.17 -18.63 -5.10
CA PHE F 60 25.06 -18.17 -4.05
C PHE F 60 25.77 -16.90 -4.53
N TYR F 61 26.36 -16.99 -5.73
CA TYR F 61 27.06 -15.85 -6.30
C TYR F 61 26.11 -14.73 -6.67
N ASN F 62 24.89 -15.08 -7.08
CA ASN F 62 23.89 -14.08 -7.43
C ASN F 62 23.49 -13.32 -6.17
N SER F 63 23.35 -14.02 -5.05
CA SER F 63 23.00 -13.36 -3.79
C SER F 63 24.09 -12.37 -3.40
N ALA F 64 25.35 -12.77 -3.59
CA ALA F 64 26.47 -11.89 -3.26
C ALA F 64 26.41 -10.62 -4.09
N LYS F 65 26.08 -10.75 -5.38
CA LYS F 65 26.01 -9.59 -6.27
C LYS F 65 25.00 -8.56 -5.77
N VAL F 66 23.90 -9.02 -5.18
CA VAL F 66 22.90 -8.10 -4.67
C VAL F 66 23.48 -7.17 -3.60
N LEU F 67 24.39 -7.71 -2.79
CA LEU F 67 25.02 -6.94 -1.72
C LEU F 67 26.32 -6.31 -2.19
N ARG F 68 26.65 -6.51 -3.47
CA ARG F 68 27.90 -6.00 -4.04
C ARG F 68 29.05 -6.62 -3.26
N MET F 69 28.82 -7.85 -2.79
CA MET F 69 29.80 -8.62 -2.04
C MET F 69 30.69 -9.37 -3.02
N GLU F 70 31.99 -9.35 -2.77
CA GLU F 70 32.94 -10.04 -3.63
C GLU F 70 33.35 -11.38 -3.02
N ILE F 71 33.10 -12.46 -3.74
CA ILE F 71 33.48 -13.79 -3.28
C ILE F 71 34.83 -14.05 -3.94
N PRO F 72 35.92 -14.12 -3.14
CA PRO F 72 37.28 -14.35 -3.63
C PRO F 72 37.64 -15.77 -4.07
N PHE F 73 36.67 -16.46 -4.65
CA PHE F 73 36.90 -17.82 -5.14
C PHE F 73 36.05 -18.02 -6.38
N ALA F 74 36.55 -18.81 -7.32
CA ALA F 74 35.81 -19.07 -8.55
C ALA F 74 34.73 -20.11 -8.23
N PRO F 75 33.59 -20.05 -8.92
CA PRO F 75 32.50 -20.99 -8.68
C PRO F 75 32.99 -22.45 -8.66
N GLU F 76 33.89 -22.77 -9.58
CA GLU F 76 34.44 -24.12 -9.65
C GLU F 76 35.15 -24.53 -8.36
N GLU F 77 35.80 -23.57 -7.71
CA GLU F 77 36.51 -23.86 -6.46
C GLU F 77 35.51 -24.16 -5.35
N LEU F 78 34.44 -23.39 -5.29
CA LEU F 78 33.42 -23.58 -4.27
C LEU F 78 32.73 -24.92 -4.50
N GLU F 79 32.53 -25.28 -5.76
CA GLU F 79 31.88 -26.53 -6.10
C GLU F 79 32.74 -27.72 -5.65
N GLU F 80 34.05 -27.58 -5.81
CA GLU F 80 34.94 -28.65 -5.38
C GLU F 80 34.93 -28.72 -3.85
N ALA F 81 34.88 -27.56 -3.21
CA ALA F 81 34.86 -27.51 -1.75
C ALA F 81 33.60 -28.17 -1.21
N ILE F 82 32.49 -28.02 -1.94
CA ILE F 82 31.23 -28.61 -1.53
C ILE F 82 31.25 -30.13 -1.66
N LYS F 83 31.90 -30.63 -2.72
CA LYS F 83 32.01 -32.07 -2.91
C LYS F 83 32.91 -32.63 -1.81
N GLU F 84 34.01 -31.92 -1.54
CA GLU F 84 34.96 -32.35 -0.53
C GLU F 84 34.42 -32.36 0.89
N VAL F 85 33.56 -31.39 1.24
CA VAL F 85 33.01 -31.37 2.58
C VAL F 85 32.20 -32.64 2.83
N VAL F 86 31.64 -33.19 1.75
CA VAL F 86 30.88 -34.43 1.87
C VAL F 86 31.85 -35.60 2.01
N ARG F 87 32.81 -35.67 1.10
CA ARG F 87 33.82 -36.74 1.10
C ARG F 87 34.65 -36.84 2.38
N ARG F 88 35.32 -35.74 2.72
CA ARG F 88 36.17 -35.69 3.90
C ARG F 88 35.48 -36.07 5.20
N ASN F 89 34.19 -35.79 5.30
CA ASN F 89 33.45 -36.10 6.52
C ASN F 89 32.75 -37.45 6.44
N GLY F 90 32.89 -38.13 5.30
CA GLY F 90 32.27 -39.43 5.12
C GLY F 90 30.75 -39.40 5.14
N TYR F 91 30.17 -38.30 4.67
CA TYR F 91 28.72 -38.15 4.64
C TYR F 91 28.10 -38.86 3.45
N ARG F 92 26.85 -39.27 3.62
CA ARG F 92 26.08 -39.94 2.57
C ARG F 92 24.89 -39.03 2.32
N SER F 93 23.97 -38.98 3.28
CA SER F 93 22.81 -38.11 3.20
C SER F 93 23.13 -36.95 4.12
N CYS F 94 23.22 -35.75 3.57
CA CYS F 94 23.57 -34.59 4.40
C CYS F 94 23.04 -33.28 3.86
N TYR F 95 23.11 -32.26 4.72
CA TYR F 95 22.71 -30.91 4.38
C TYR F 95 24.01 -30.13 4.29
N ILE F 96 24.16 -29.34 3.24
CA ILE F 96 25.38 -28.56 3.03
C ILE F 96 25.06 -27.07 3.11
N ARG F 97 25.86 -26.35 3.89
CA ARG F 97 25.63 -24.92 4.10
C ARG F 97 26.81 -24.01 3.77
N PRO F 98 26.85 -23.48 2.54
CA PRO F 98 27.94 -22.58 2.15
C PRO F 98 27.55 -21.21 2.73
N LEU F 99 28.53 -20.43 3.16
CA LEU F 99 28.25 -19.12 3.73
C LEU F 99 29.36 -18.14 3.38
N ALA F 100 28.99 -16.96 2.92
CA ALA F 100 29.96 -15.91 2.61
C ALA F 100 29.50 -14.75 3.48
N TRP F 101 30.44 -14.16 4.22
CA TRP F 101 30.06 -13.07 5.10
C TRP F 101 31.07 -11.95 5.13
N MET F 102 30.61 -10.73 5.40
CA MET F 102 31.50 -9.59 5.48
C MET F 102 32.21 -9.66 6.82
N GLY F 103 33.54 -9.55 6.76
CA GLY F 103 34.38 -9.63 7.95
C GLY F 103 34.53 -8.42 8.85
N ALA F 104 35.58 -8.44 9.66
CA ALA F 104 35.83 -7.38 10.63
C ALA F 104 36.81 -6.26 10.28
N LYS F 105 36.92 -5.88 9.01
CA LYS F 105 37.83 -4.80 8.62
C LYS F 105 37.34 -3.46 9.15
N ALA F 106 36.02 -3.30 9.26
CA ALA F 106 35.43 -2.05 9.73
C ALA F 106 33.96 -2.30 10.07
N LEU F 107 33.37 -1.40 10.84
CA LEU F 107 31.98 -1.56 11.20
C LEU F 107 31.06 -0.43 10.75
N GLY F 108 31.45 0.27 9.69
CA GLY F 108 30.58 1.30 9.16
C GLY F 108 29.49 0.46 8.52
N VAL F 109 28.25 0.95 8.45
CA VAL F 109 27.17 0.16 7.86
C VAL F 109 27.45 -0.23 6.41
N ASN F 110 28.16 0.61 5.67
CA ASN F 110 28.51 0.33 4.28
C ASN F 110 29.46 -0.88 4.29
N PRO F 111 29.09 -1.97 3.62
CA PRO F 111 29.96 -3.15 3.62
C PRO F 111 31.10 -3.17 2.59
N LEU F 112 31.09 -2.26 1.63
CA LEU F 112 32.12 -2.24 0.60
C LEU F 112 33.56 -2.26 1.11
N PRO F 113 33.88 -1.47 2.14
CA PRO F 113 35.25 -1.46 2.67
C PRO F 113 35.69 -2.81 3.24
N ASN F 114 34.72 -3.68 3.51
CA ASN F 114 35.02 -4.99 4.08
C ASN F 114 35.32 -6.08 3.08
N ASN F 115 35.13 -5.81 1.80
CA ASN F 115 35.41 -6.80 0.76
C ASN F 115 36.90 -7.16 0.75
N PRO F 116 37.23 -8.39 0.33
CA PRO F 116 36.30 -9.42 -0.11
C PRO F 116 35.69 -10.19 1.05
N ALA F 117 34.58 -10.86 0.80
CA ALA F 117 33.91 -11.62 1.84
C ALA F 117 34.72 -12.86 2.25
N GLU F 118 34.46 -13.33 3.45
CA GLU F 118 35.10 -14.55 3.94
C GLU F 118 34.11 -15.64 3.57
N VAL F 119 34.61 -16.84 3.30
CA VAL F 119 33.73 -17.92 2.88
C VAL F 119 34.02 -19.22 3.62
N MET F 120 32.97 -20.00 3.87
CA MET F 120 33.12 -21.27 4.55
C MET F 120 32.02 -22.21 4.05
N VAL F 121 32.29 -23.51 4.13
CA VAL F 121 31.31 -24.51 3.74
C VAL F 121 31.30 -25.58 4.82
N ALA F 122 30.13 -25.80 5.39
CA ALA F 122 29.96 -26.80 6.43
C ALA F 122 28.84 -27.73 6.00
N ALA F 123 28.81 -28.92 6.58
CA ALA F 123 27.78 -29.89 6.26
C ALA F 123 27.55 -30.80 7.46
N TRP F 124 26.38 -31.40 7.53
CA TRP F 124 26.06 -32.31 8.62
C TRP F 124 25.04 -33.34 8.17
N GLU F 125 25.10 -34.53 8.77
CA GLU F 125 24.19 -35.62 8.42
C GLU F 125 22.72 -35.22 8.53
N TRP F 126 21.92 -35.75 7.62
CA TRP F 126 20.49 -35.47 7.61
C TRP F 126 19.74 -36.62 8.27
N GLU F 132 6.58 -41.06 7.12
CA GLU F 132 5.52 -41.60 6.23
C GLU F 132 4.13 -41.25 6.77
N GLU F 133 3.97 -41.36 8.09
CA GLU F 133 2.70 -41.04 8.73
C GLU F 133 2.51 -39.53 8.78
N ALA F 134 3.57 -38.83 9.21
CA ALA F 134 3.52 -37.38 9.32
C ALA F 134 3.31 -36.72 7.96
N VAL F 135 3.97 -37.25 6.93
CA VAL F 135 3.85 -36.69 5.59
C VAL F 135 2.42 -36.91 5.06
N ARG F 136 1.86 -38.07 5.34
CA ARG F 136 0.51 -38.39 4.89
C ARG F 136 -0.49 -37.52 5.65
N LYS F 137 -0.18 -37.23 6.91
CA LYS F 137 -1.04 -36.40 7.74
C LYS F 137 -1.01 -34.97 7.20
N GLY F 138 0.14 -34.57 6.68
CA GLY F 138 0.29 -33.24 6.13
C GLY F 138 0.69 -32.20 7.16
N ALA F 139 1.33 -31.14 6.70
CA ALA F 139 1.76 -30.07 7.58
C ALA F 139 0.61 -29.10 7.84
N ARG F 140 0.65 -28.45 9.00
CA ARG F 140 -0.37 -27.48 9.35
C ARG F 140 0.30 -26.11 9.39
N LEU F 141 -0.28 -25.16 8.66
CA LEU F 141 0.27 -23.81 8.61
C LEU F 141 -0.66 -22.81 9.25
N ILE F 142 -0.10 -21.67 9.60
CA ILE F 142 -0.88 -20.57 10.15
C ILE F 142 -0.31 -19.33 9.47
N THR F 143 -1.21 -18.47 8.99
CA THR F 143 -0.79 -17.24 8.31
C THR F 143 -0.19 -16.30 9.34
N SER F 144 1.00 -15.78 9.01
CA SER F 144 1.74 -14.89 9.89
C SER F 144 1.25 -13.45 9.94
N SER F 145 1.57 -12.79 11.06
CA SER F 145 1.22 -11.38 11.24
C SER F 145 2.42 -10.56 10.73
N TRP F 146 3.44 -11.25 10.24
CA TRP F 146 4.62 -10.59 9.68
C TRP F 146 4.52 -10.76 8.17
N ALA F 147 4.57 -9.66 7.44
CA ALA F 147 4.49 -9.69 5.99
C ALA F 147 5.87 -9.89 5.38
N ARG F 148 5.93 -10.63 4.27
CA ARG F 148 7.21 -10.85 3.59
C ARG F 148 7.59 -9.48 3.03
N PHE F 149 8.86 -9.12 3.14
CA PHE F 149 9.32 -7.82 2.70
C PHE F 149 9.09 -7.46 1.24
N PRO F 150 8.67 -6.20 0.99
CA PRO F 150 8.44 -5.73 -0.37
C PRO F 150 9.78 -5.83 -1.12
N ALA F 151 9.72 -5.87 -2.44
CA ALA F 151 10.92 -6.01 -3.28
C ALA F 151 11.87 -4.83 -3.27
N ASN F 152 11.50 -3.74 -2.61
CA ASN F 152 12.37 -2.57 -2.53
C ASN F 152 12.72 -2.31 -1.06
N VAL F 153 12.55 -3.33 -0.23
CA VAL F 153 12.85 -3.22 1.19
C VAL F 153 13.99 -4.18 1.53
N MET F 154 13.84 -5.44 1.13
CA MET F 154 14.89 -6.45 1.34
C MET F 154 14.91 -7.25 0.04
N PRO F 155 16.10 -7.72 -0.38
CA PRO F 155 16.22 -8.49 -1.62
C PRO F 155 15.75 -9.93 -1.49
N GLY F 156 14.45 -10.14 -1.72
CA GLY F 156 13.83 -11.45 -1.59
C GLY F 156 14.28 -12.55 -2.54
N LYS F 157 14.99 -12.20 -3.60
CA LYS F 157 15.46 -13.21 -4.55
C LYS F 157 16.81 -13.77 -4.12
N ALA F 158 17.39 -13.16 -3.08
CA ALA F 158 18.69 -13.59 -2.59
C ALA F 158 18.58 -14.16 -1.19
N LYS F 159 19.49 -15.06 -0.84
CA LYS F 159 19.49 -15.61 0.50
C LYS F 159 20.47 -14.79 1.33
N VAL F 160 20.07 -13.56 1.63
CA VAL F 160 20.87 -12.65 2.42
C VAL F 160 20.52 -12.89 3.89
N GLY F 161 21.55 -13.03 4.72
CA GLY F 161 21.33 -13.30 6.14
C GLY F 161 20.25 -12.46 6.80
N GLY F 162 20.35 -11.14 6.68
CA GLY F 162 19.38 -10.25 7.29
C GLY F 162 17.94 -10.53 6.94
N ASN F 163 17.70 -11.03 5.72
CA ASN F 163 16.35 -11.35 5.26
C ASN F 163 15.67 -12.29 6.24
N TYR F 164 16.44 -13.21 6.80
CA TYR F 164 15.86 -14.21 7.66
C TYR F 164 15.37 -13.81 9.04
N VAL F 165 15.50 -12.53 9.36
CA VAL F 165 14.96 -12.04 10.62
C VAL F 165 13.44 -12.10 10.43
N ASN F 166 13.00 -11.76 9.21
CA ASN F 166 11.58 -11.78 8.86
C ASN F 166 11.08 -13.23 8.92
N SER F 167 11.87 -14.16 8.40
CA SER F 167 11.50 -15.58 8.44
C SER F 167 11.48 -16.10 9.87
N ALA F 168 12.48 -15.71 10.66
CA ALA F 168 12.58 -16.14 12.05
C ALA F 168 11.39 -15.68 12.87
N LEU F 169 11.01 -14.42 12.70
CA LEU F 169 9.87 -13.88 13.43
C LEU F 169 8.60 -14.64 13.05
N ALA F 170 8.44 -14.94 11.77
CA ALA F 170 7.26 -15.66 11.30
C ALA F 170 7.26 -17.10 11.81
N LYS F 171 8.41 -17.77 11.73
CA LYS F 171 8.50 -19.15 12.19
C LYS F 171 8.19 -19.28 13.68
N MET F 172 8.79 -18.41 14.50
CA MET F 172 8.54 -18.45 15.94
C MET F 172 7.04 -18.29 16.21
N GLU F 173 6.41 -17.35 15.51
CA GLU F 173 4.99 -17.10 15.68
C GLU F 173 4.15 -18.33 15.37
N ALA F 174 4.45 -18.98 14.25
CA ALA F 174 3.71 -20.16 13.84
C ALA F 174 3.83 -21.29 14.85
N VAL F 175 5.07 -21.55 15.28
CA VAL F 175 5.32 -22.60 16.26
C VAL F 175 4.62 -22.28 17.58
N ALA F 176 4.66 -21.02 17.99
CA ALA F 176 4.02 -20.61 19.24
C ALA F 176 2.52 -20.83 19.15
N ALA F 177 1.98 -20.71 17.94
CA ALA F 177 0.54 -20.89 17.71
C ALA F 177 0.15 -22.36 17.56
N GLY F 178 1.14 -23.24 17.61
CA GLY F 178 0.88 -24.66 17.49
C GLY F 178 0.92 -25.23 16.09
N ALA F 179 1.45 -24.46 15.14
CA ALA F 179 1.54 -24.91 13.76
C ALA F 179 2.94 -25.43 13.43
N ASP F 180 3.08 -26.06 12.27
CA ASP F 180 4.37 -26.60 11.84
C ASP F 180 5.18 -25.55 11.11
N GLU F 181 4.48 -24.67 10.41
CA GLU F 181 5.17 -23.65 9.62
C GLU F 181 4.31 -22.41 9.45
N ALA F 182 4.94 -21.30 9.10
CA ALA F 182 4.24 -20.06 8.89
C ALA F 182 4.01 -19.81 7.42
N LEU F 183 2.88 -19.18 7.11
CA LEU F 183 2.54 -18.81 5.75
C LEU F 183 2.54 -17.28 5.79
N LEU F 184 3.46 -16.64 5.05
CA LEU F 184 3.51 -15.19 5.06
C LEU F 184 2.80 -14.60 3.84
N LEU F 185 2.14 -13.47 4.05
CA LEU F 185 1.46 -12.76 2.97
C LEU F 185 2.36 -11.60 2.63
N ASP F 186 2.18 -11.00 1.46
CA ASP F 186 2.98 -9.82 1.15
C ASP F 186 2.23 -8.63 1.77
N GLU F 187 2.80 -7.43 1.68
CA GLU F 187 2.19 -6.26 2.29
C GLU F 187 0.81 -5.93 1.71
N GLU F 188 0.54 -6.37 0.48
CA GLU F 188 -0.73 -6.11 -0.16
C GLU F 188 -1.81 -7.12 0.26
N GLY F 189 -1.40 -8.17 0.96
CA GLY F 189 -2.38 -9.14 1.42
C GLY F 189 -2.43 -10.46 0.69
N TYR F 190 -1.62 -10.62 -0.35
CA TYR F 190 -1.59 -11.87 -1.11
C TYR F 190 -0.62 -12.86 -0.48
N VAL F 191 -0.81 -14.14 -0.78
CA VAL F 191 0.08 -15.15 -0.25
C VAL F 191 1.46 -14.95 -0.86
N ALA F 192 2.50 -15.09 -0.05
CA ALA F 192 3.87 -14.96 -0.55
C ALA F 192 4.52 -16.33 -0.52
N GLU F 193 5.07 -16.71 0.64
CA GLU F 193 5.72 -18.00 0.78
C GLU F 193 5.80 -18.40 2.25
N GLY F 194 6.31 -19.60 2.51
CA GLY F 194 6.47 -20.05 3.89
C GLY F 194 7.74 -19.39 4.40
N SER F 195 8.06 -19.56 5.67
CA SER F 195 9.27 -18.93 6.22
C SER F 195 10.51 -19.43 5.48
N GLY F 196 10.42 -20.61 4.89
CA GLY F 196 11.55 -21.16 4.17
C GLY F 196 11.17 -22.06 3.01
N GLU F 197 9.95 -21.90 2.49
CA GLU F 197 9.52 -22.72 1.36
C GLU F 197 8.54 -22.03 0.44
N ASN F 198 8.47 -22.50 -0.80
CA ASN F 198 7.55 -21.95 -1.79
C ASN F 198 6.23 -22.70 -1.71
N LEU F 199 5.17 -22.05 -2.15
CA LEU F 199 3.83 -22.63 -2.07
C LEU F 199 3.19 -22.94 -3.42
N PHE F 200 2.37 -23.99 -3.41
CA PHE F 200 1.60 -24.44 -4.57
C PHE F 200 0.22 -24.86 -4.06
N PHE F 201 -0.75 -24.90 -4.96
CA PHE F 201 -2.06 -25.43 -4.60
C PHE F 201 -2.63 -26.11 -5.82
N VAL F 202 -3.58 -27.01 -5.61
CA VAL F 202 -4.18 -27.75 -6.70
C VAL F 202 -5.68 -27.57 -6.65
N ARG F 203 -6.29 -27.32 -7.80
CA ARG F 203 -7.72 -27.15 -7.87
C ARG F 203 -8.24 -27.69 -9.19
N ASP F 204 -9.18 -28.63 -9.10
CA ASP F 204 -9.79 -29.26 -10.27
C ASP F 204 -8.76 -29.83 -11.25
N GLY F 205 -7.77 -30.55 -10.71
CA GLY F 205 -6.77 -31.18 -11.54
C GLY F 205 -5.64 -30.30 -12.06
N VAL F 206 -5.73 -28.99 -11.83
CA VAL F 206 -4.71 -28.07 -12.29
C VAL F 206 -3.78 -27.68 -11.14
N ILE F 207 -2.48 -27.67 -11.42
CA ILE F 207 -1.51 -27.29 -10.40
C ILE F 207 -1.20 -25.81 -10.52
N TYR F 208 -1.32 -25.11 -9.40
CA TYR F 208 -1.04 -23.69 -9.39
C TYR F 208 0.20 -23.37 -8.58
N ALA F 209 1.24 -22.91 -9.25
CA ALA F 209 2.48 -22.53 -8.60
C ALA F 209 2.34 -21.03 -8.38
N LEU F 210 2.71 -20.55 -7.20
CA LEU F 210 2.61 -19.11 -6.95
C LEU F 210 3.68 -18.36 -7.72
N GLU F 211 3.34 -17.15 -8.17
CA GLU F 211 4.30 -16.32 -8.90
C GLU F 211 5.48 -16.04 -7.98
N HIS F 212 6.60 -15.61 -8.56
CA HIS F 212 7.78 -15.33 -7.75
C HIS F 212 7.58 -14.18 -6.78
N SER F 213 6.73 -13.22 -7.17
CA SER F 213 6.45 -12.02 -6.37
C SER F 213 7.68 -11.57 -5.56
N VAL F 214 7.55 -11.55 -4.24
CA VAL F 214 8.66 -11.13 -3.37
C VAL F 214 9.41 -12.33 -2.78
N ASN F 215 9.11 -13.51 -3.30
CA ASN F 215 9.69 -14.77 -2.81
C ASN F 215 11.03 -15.14 -3.43
N LEU F 216 11.64 -16.17 -2.85
CA LEU F 216 12.89 -16.70 -3.37
C LEU F 216 12.48 -17.59 -4.54
N GLU F 217 13.28 -17.61 -5.60
CA GLU F 217 12.98 -18.48 -6.74
C GLU F 217 13.50 -19.86 -6.37
N GLY F 218 12.65 -20.64 -5.72
CA GLY F 218 13.06 -21.97 -5.28
C GLY F 218 13.50 -22.95 -6.35
N ILE F 219 14.57 -23.67 -6.04
CA ILE F 219 15.10 -24.68 -6.94
C ILE F 219 14.23 -25.92 -6.85
N THR F 220 13.65 -26.15 -5.67
CA THR F 220 12.76 -27.30 -5.48
C THR F 220 11.48 -26.99 -6.24
N ARG F 221 11.02 -25.75 -6.17
CA ARG F 221 9.83 -25.30 -6.88
C ARG F 221 10.03 -25.53 -8.38
N ASP F 222 11.20 -25.14 -8.89
CA ASP F 222 11.51 -25.31 -10.30
C ASP F 222 11.46 -26.79 -10.66
N SER F 223 12.06 -27.62 -9.80
CA SER F 223 12.11 -29.06 -10.03
C SER F 223 10.71 -29.67 -10.06
N VAL F 224 9.87 -29.24 -9.13
CA VAL F 224 8.51 -29.76 -9.03
C VAL F 224 7.66 -29.38 -10.24
N ILE F 225 7.87 -28.17 -10.77
CA ILE F 225 7.11 -27.75 -11.94
C ILE F 225 7.50 -28.60 -13.16
N ARG F 226 8.79 -28.87 -13.32
CA ARG F 226 9.24 -29.69 -14.44
C ARG F 226 8.66 -31.09 -14.30
N ILE F 227 8.72 -31.64 -13.09
CA ILE F 227 8.20 -32.98 -12.84
C ILE F 227 6.70 -33.02 -13.13
N ALA F 228 5.98 -32.02 -12.64
CA ALA F 228 4.54 -31.95 -12.85
C ALA F 228 4.19 -31.93 -14.34
N LYS F 229 4.90 -31.12 -15.11
CA LYS F 229 4.63 -31.05 -16.54
C LYS F 229 4.97 -32.37 -17.21
N ASP F 230 6.07 -32.99 -16.79
CA ASP F 230 6.46 -34.27 -17.35
C ASP F 230 5.39 -35.33 -17.07
N LEU F 231 4.75 -35.23 -15.91
CA LEU F 231 3.69 -36.17 -15.56
C LEU F 231 2.38 -35.86 -16.29
N GLY F 232 2.36 -34.75 -17.03
CA GLY F 232 1.17 -34.40 -17.77
C GLY F 232 0.19 -33.45 -17.12
N TYR F 233 0.54 -32.92 -15.95
CA TYR F 233 -0.35 -31.98 -15.28
C TYR F 233 -0.21 -30.60 -15.89
N GLU F 234 -1.32 -29.87 -15.92
CA GLU F 234 -1.31 -28.51 -16.42
C GLU F 234 -0.80 -27.69 -15.25
N VAL F 235 0.14 -26.78 -15.50
CA VAL F 235 0.67 -25.94 -14.44
C VAL F 235 0.47 -24.47 -14.81
N GLN F 236 -0.15 -23.73 -13.90
CA GLN F 236 -0.37 -22.31 -14.12
C GLN F 236 0.35 -21.55 -13.00
N VAL F 237 0.95 -20.42 -13.35
CA VAL F 237 1.66 -19.61 -12.37
C VAL F 237 0.76 -18.41 -12.10
N VAL F 238 0.31 -18.30 -10.86
CA VAL F 238 -0.63 -17.24 -10.49
C VAL F 238 -0.35 -16.57 -9.15
N ARG F 239 -1.09 -15.49 -8.92
CA ARG F 239 -1.02 -14.79 -7.65
C ARG F 239 -2.17 -15.48 -6.89
N ALA F 240 -2.02 -15.65 -5.59
CA ALA F 240 -3.05 -16.34 -4.81
C ALA F 240 -3.39 -15.67 -3.50
N THR F 241 -4.63 -15.85 -3.06
CA THR F 241 -5.08 -15.28 -1.79
C THR F 241 -5.23 -16.42 -0.80
N ARG F 242 -5.26 -16.09 0.48
CA ARG F 242 -5.38 -17.12 1.50
C ARG F 242 -6.64 -17.96 1.31
N ASP F 243 -7.76 -17.33 0.91
CA ASP F 243 -8.97 -18.12 0.74
C ASP F 243 -8.99 -18.98 -0.52
N GLN F 244 -8.08 -18.70 -1.46
CA GLN F 244 -8.00 -19.57 -2.63
C GLN F 244 -7.35 -20.85 -2.12
N LEU F 245 -6.43 -20.70 -1.17
CA LEU F 245 -5.77 -21.87 -0.59
C LEU F 245 -6.77 -22.65 0.26
N TYR F 246 -7.58 -21.94 1.05
CA TYR F 246 -8.56 -22.59 1.91
C TYR F 246 -9.48 -23.51 1.13
N MET F 247 -9.84 -23.10 -0.08
CA MET F 247 -10.76 -23.90 -0.89
C MET F 247 -10.11 -24.79 -1.95
N ALA F 248 -8.79 -24.89 -1.92
CA ALA F 248 -8.07 -25.72 -2.88
C ALA F 248 -8.27 -27.20 -2.57
N ASP F 249 -8.08 -28.06 -3.57
CA ASP F 249 -8.20 -29.48 -3.34
C ASP F 249 -6.97 -29.94 -2.56
N GLU F 250 -5.85 -29.29 -2.86
CA GLU F 250 -4.58 -29.58 -2.21
C GLU F 250 -3.70 -28.34 -2.13
N VAL F 251 -2.79 -28.35 -1.17
CA VAL F 251 -1.81 -27.28 -0.99
C VAL F 251 -0.53 -28.00 -0.59
N PHE F 252 0.61 -27.56 -1.11
CA PHE F 252 1.86 -28.16 -0.71
C PHE F 252 3.00 -27.17 -0.79
N MET F 253 4.06 -27.44 -0.04
CA MET F 253 5.23 -26.58 0.01
C MET F 253 6.43 -27.29 -0.59
N THR F 254 7.40 -26.51 -1.08
CA THR F 254 8.62 -27.07 -1.64
C THR F 254 9.81 -26.32 -1.10
N GLY F 255 10.92 -27.03 -0.93
CA GLY F 255 12.14 -26.42 -0.43
C GLY F 255 13.19 -27.50 -0.32
N THR F 256 14.46 -27.10 -0.27
CA THR F 256 15.53 -28.07 -0.18
C THR F 256 15.35 -28.96 1.06
N ALA F 257 15.03 -28.36 2.20
CA ALA F 257 14.85 -29.16 3.40
C ALA F 257 13.46 -29.81 3.44
N ALA F 258 12.44 -29.06 3.01
CA ALA F 258 11.08 -29.57 3.02
C ALA F 258 10.75 -30.54 1.87
N GLU F 259 11.63 -30.62 0.88
CA GLU F 259 11.38 -31.49 -0.27
C GLU F 259 10.00 -31.09 -0.79
N VAL F 260 9.08 -32.05 -0.90
CA VAL F 260 7.71 -31.73 -1.30
C VAL F 260 6.86 -32.11 -0.10
N THR F 261 6.34 -31.11 0.61
CA THR F 261 5.55 -31.36 1.81
C THR F 261 4.09 -30.97 1.67
N PRO F 262 3.18 -31.98 1.74
CA PRO F 262 1.75 -31.66 1.62
C PRO F 262 1.30 -30.84 2.81
N VAL F 263 0.34 -29.95 2.58
CA VAL F 263 -0.21 -29.10 3.63
C VAL F 263 -1.67 -29.49 3.77
N SER F 264 -2.04 -30.02 4.94
CA SER F 264 -3.40 -30.47 5.16
C SER F 264 -4.31 -29.49 5.89
N MET F 265 -3.74 -28.43 6.44
CA MET F 265 -4.53 -27.45 7.18
C MET F 265 -3.84 -26.10 7.22
N ILE F 266 -4.63 -25.04 7.09
CA ILE F 266 -4.12 -23.68 7.15
C ILE F 266 -5.11 -22.88 8.00
N ASP F 267 -4.61 -22.22 9.03
CA ASP F 267 -5.45 -21.43 9.93
C ASP F 267 -6.62 -22.25 10.47
N TRP F 268 -6.31 -23.47 10.88
CA TRP F 268 -7.28 -24.40 11.45
C TRP F 268 -8.42 -24.78 10.52
N ARG F 269 -8.22 -24.54 9.23
CA ARG F 269 -9.22 -24.88 8.22
C ARG F 269 -8.61 -26.00 7.38
N PRO F 270 -9.25 -27.18 7.39
CA PRO F 270 -8.72 -28.31 6.61
C PRO F 270 -8.69 -28.06 5.11
N ILE F 271 -7.62 -28.51 4.46
CA ILE F 271 -7.49 -28.36 3.02
C ILE F 271 -7.98 -29.64 2.38
N GLY F 272 -9.00 -29.52 1.53
CA GLY F 272 -9.54 -30.70 0.88
C GLY F 272 -10.01 -31.73 1.88
N LYS F 273 -9.51 -32.97 1.73
CA LYS F 273 -9.89 -34.06 2.61
C LYS F 273 -9.26 -33.98 4.00
N GLY F 274 -8.39 -33.00 4.23
CA GLY F 274 -7.78 -32.86 5.53
C GLY F 274 -6.52 -33.67 5.76
N THR F 275 -6.02 -34.31 4.70
CA THR F 275 -4.80 -35.11 4.76
C THR F 275 -4.05 -34.82 3.47
N ALA F 276 -2.86 -35.41 3.33
CA ALA F 276 -2.07 -35.21 2.11
C ALA F 276 -2.88 -35.70 0.93
N GLY F 277 -2.85 -34.95 -0.17
CA GLY F 277 -3.59 -35.32 -1.37
C GLY F 277 -2.75 -36.12 -2.35
N PRO F 278 -3.38 -36.74 -3.36
CA PRO F 278 -2.68 -37.54 -4.36
C PRO F 278 -1.67 -36.82 -5.26
N VAL F 279 -1.98 -35.60 -5.69
CA VAL F 279 -1.06 -34.89 -6.56
C VAL F 279 0.25 -34.56 -5.86
N ALA F 280 0.16 -33.98 -4.67
CA ALA F 280 1.37 -33.63 -3.92
C ALA F 280 2.18 -34.90 -3.63
N LEU F 281 1.49 -35.99 -3.31
CA LEU F 281 2.18 -37.24 -3.03
C LEU F 281 2.91 -37.79 -4.25
N ARG F 282 2.31 -37.67 -5.43
CA ARG F 282 2.96 -38.15 -6.65
C ARG F 282 4.19 -37.32 -6.94
N LEU F 283 4.07 -36.00 -6.80
CA LEU F 283 5.20 -35.12 -7.05
C LEU F 283 6.33 -35.42 -6.08
N ARG F 284 5.98 -35.66 -4.82
CA ARG F 284 6.97 -35.98 -3.80
C ARG F 284 7.67 -37.29 -4.16
N GLU F 285 6.90 -38.28 -4.59
CA GLU F 285 7.47 -39.57 -4.96
C GLU F 285 8.47 -39.45 -6.13
N VAL F 286 8.07 -38.75 -7.19
CA VAL F 286 8.97 -38.62 -8.34
C VAL F 286 10.19 -37.79 -7.94
N TYR F 287 9.98 -36.76 -7.13
CA TYR F 287 11.10 -35.93 -6.69
C TYR F 287 12.10 -36.78 -5.90
N LEU F 288 11.61 -37.62 -4.99
CA LEU F 288 12.50 -38.45 -4.20
C LEU F 288 13.19 -39.50 -5.07
N GLU F 289 12.51 -39.97 -6.11
CA GLU F 289 13.12 -40.94 -7.00
C GLU F 289 14.23 -40.23 -7.77
N ALA F 290 13.97 -38.97 -8.13
CA ALA F 290 14.95 -38.17 -8.87
C ALA F 290 16.23 -37.89 -8.09
N VAL F 291 16.08 -37.41 -6.86
CA VAL F 291 17.25 -37.08 -6.05
C VAL F 291 18.06 -38.28 -5.60
N THR F 292 17.45 -39.46 -5.62
CA THR F 292 18.16 -40.67 -5.21
C THR F 292 18.71 -41.44 -6.42
N GLY F 293 18.75 -40.76 -7.57
CA GLY F 293 19.28 -41.36 -8.78
C GLY F 293 18.49 -42.48 -9.41
N ARG F 294 17.17 -42.46 -9.25
CA ARG F 294 16.33 -43.51 -9.82
C ARG F 294 15.48 -43.03 -11.00
N ARG F 295 15.80 -41.85 -11.53
CA ARG F 295 15.08 -41.31 -12.69
C ARG F 295 16.15 -40.89 -13.71
N PRO F 296 16.41 -41.73 -14.71
CA PRO F 296 17.41 -41.44 -15.74
C PRO F 296 17.24 -40.08 -16.41
N GLU F 297 15.98 -39.68 -16.63
CA GLU F 297 15.69 -38.42 -17.29
C GLU F 297 16.07 -37.20 -16.46
N TYR F 298 16.35 -37.39 -15.18
CA TYR F 298 16.72 -36.27 -14.30
C TYR F 298 18.15 -36.39 -13.78
N GLU F 299 18.91 -37.35 -14.30
CA GLU F 299 20.28 -37.54 -13.85
C GLU F 299 21.13 -36.28 -14.01
N GLY F 300 20.75 -35.43 -14.94
CA GLY F 300 21.49 -34.20 -15.16
C GLY F 300 21.48 -33.29 -13.95
N TRP F 301 20.52 -33.50 -13.05
CA TRP F 301 20.41 -32.69 -11.84
C TRP F 301 21.35 -33.16 -10.73
N LEU F 302 21.93 -34.34 -10.90
CA LEU F 302 22.79 -34.89 -9.87
C LEU F 302 24.29 -34.77 -10.11
N THR F 303 25.03 -34.58 -9.02
CA THR F 303 26.48 -34.51 -9.05
C THR F 303 26.96 -35.57 -8.09
N TYR F 304 27.48 -36.67 -8.62
CA TYR F 304 27.97 -37.75 -7.78
C TYR F 304 29.32 -37.37 -7.19
N VAL F 305 29.42 -37.52 -5.87
CA VAL F 305 30.64 -37.18 -5.16
C VAL F 305 31.76 -38.18 -5.42
N ASN F 306 31.39 -39.42 -5.72
CA ASN F 306 32.37 -40.46 -6.00
C ASN F 306 32.43 -40.75 -7.50
N1 PMP G . -4.43 22.34 -2.96
C2 PMP G . -4.15 22.47 -4.29
C2A PMP G . -3.77 21.23 -5.06
C3 PMP G . -4.21 23.72 -4.89
O3 PMP G . -3.87 23.86 -6.23
C4 PMP G . -4.57 24.83 -4.15
C4A PMP G . -4.79 26.22 -4.89
N4A PMP G . -6.04 26.32 -5.47
C5 PMP G . -4.83 24.66 -2.78
C6 PMP G . -4.77 23.42 -2.22
C5A PMP G . -5.10 25.83 -1.84
O4P PMP G . -3.87 26.53 -1.60
P PMP G . -3.96 28.11 -1.30
O1P PMP G . -4.42 28.77 -2.55
O2P PMP G . -2.43 28.47 -1.04
O3P PMP G . -4.75 28.30 -0.06
C1 MPD H . 2.88 29.53 3.12
C2 MPD H . 2.48 29.04 4.50
O2 MPD H . 2.06 30.24 5.19
CM MPD H . 1.32 28.09 4.47
C3 MPD H . 3.69 28.51 5.37
C4 MPD H . 4.52 27.19 5.12
O4 MPD H . 5.54 27.07 6.09
C5 MPD H . 3.76 25.88 5.23
C1 MPD I . -8.19 41.78 19.75
C2 MPD I . -8.58 41.77 18.27
O2 MPD I . -9.35 42.97 18.11
CM MPD I . -7.39 41.85 17.36
C3 MPD I . -9.57 40.62 17.85
C4 MPD I . -9.42 39.09 18.22
O4 MPD I . -10.49 38.35 17.68
C5 MPD I . -8.16 38.39 17.70
N1 PMP J . -13.41 -0.75 18.13
C2 PMP J . -14.42 -1.52 17.66
C2A PMP J . -14.26 -2.18 16.29
C3 PMP J . -15.55 -1.74 18.42
O3 PMP J . -16.62 -2.44 17.90
C4 PMP J . -15.64 -1.20 19.68
C4A PMP J . -16.86 -1.60 20.61
N4A PMP J . -16.65 -2.79 21.29
C5 PMP J . -14.61 -0.38 20.15
C6 PMP J . -13.50 -0.17 19.36
C5A PMP J . -14.67 0.37 21.47
O4P PMP J . -15.57 1.47 21.32
P PMP J . -16.42 1.95 22.62
O1P PMP J . -17.33 0.83 23.01
O2P PMP J . -17.27 3.15 22.07
O3P PMP J . -15.45 2.42 23.63
C1 MPD K . -15.70 9.52 21.08
C2 MPD K . -16.79 10.57 21.21
O2 MPD K . -17.98 9.88 20.83
CM MPD K . -16.95 11.05 22.62
C3 MPD K . -16.73 11.81 20.21
C4 MPD K . -16.12 11.86 18.76
O4 MPD K . -16.31 13.14 18.23
C5 MPD K . -14.60 11.65 18.65
N1 PMP L . 18.13 5.24 12.97
C2 PMP L . 18.88 4.11 12.84
C2A PMP L . 18.39 3.05 11.87
C3 PMP L . 20.04 3.95 13.56
O3 PMP L . 20.75 2.76 13.49
C4 PMP L . 20.46 4.95 14.42
C4A PMP L . 21.87 4.82 15.12
N4A PMP L . 22.91 5.19 14.29
C5 PMP L . 19.67 6.10 14.56
C6 PMP L . 18.52 6.23 13.83
C5A PMP L . 19.97 7.20 15.57
O4P PMP L . 19.66 6.73 16.90
P PMP L . 20.54 7.29 18.15
O1P PMP L . 21.93 6.81 17.95
O2P PMP L . 19.83 6.57 19.34
O3P PMP L . 20.32 8.77 18.20
C1 MPD M . 14.41 8.11 22.98
C2 MPD M . 14.32 7.67 24.44
O2 MPD M . 15.16 6.50 24.49
CM MPD M . 14.88 8.69 25.36
C3 MPD M . 12.91 7.15 24.96
C4 MPD M . 11.80 6.39 24.14
O4 MPD M . 10.72 6.09 24.99
C5 MPD M . 11.15 7.16 22.99
N1 PMP N . -18.31 -10.77 -7.94
C2 PMP N . -19.15 -10.66 -6.86
C2A PMP N . -18.70 -9.81 -5.68
C3 PMP N . -20.38 -11.30 -6.87
O3 PMP N . -21.19 -11.27 -5.75
C4 PMP N . -20.76 -12.04 -7.98
C4A PMP N . -22.23 -12.60 -8.05
N4A PMP N . -23.17 -11.68 -8.49
C5 PMP N . -19.87 -12.16 -9.06
C6 PMP N . -18.67 -11.51 -9.02
C5A PMP N . -20.15 -13.04 -10.28
O4P PMP N . -19.99 -14.41 -9.89
P PMP N . -20.93 -15.50 -10.63
O1P PMP N . -22.35 -15.25 -10.24
O2P PMP N . -20.46 -16.84 -9.92
O3P PMP N . -20.60 -15.51 -12.06
C1 MPD O . -31.03 -8.75 -7.37
C2 MPD O . -30.57 -10.20 -7.35
O2 MPD O . -31.39 -10.80 -6.33
CM MPD O . -30.81 -10.91 -8.64
C3 MPD O . -29.09 -10.45 -6.83
C4 MPD O . -27.87 -9.47 -6.99
O4 MPD O . -26.72 -10.04 -6.41
C5 MPD O . -27.44 -9.14 -8.43
C1 MPD P . -16.24 -22.16 -9.94
C2 MPD P . -15.25 -22.17 -11.09
O2 MPD P . -15.94 -22.92 -12.12
CM MPD P . -14.96 -20.80 -11.61
C3 MPD P . -13.95 -23.01 -10.81
C4 MPD P . -12.91 -22.76 -9.65
O4 MPD P . -11.88 -23.71 -9.70
C5 MPD P . -12.17 -21.42 -9.70
N1 PMP Q . 7.16 4.19 -21.53
C2 PMP Q . 7.00 5.53 -21.59
C2A PMP Q . 6.65 6.29 -20.30
C3 PMP Q . 7.21 6.19 -22.78
O3 PMP Q . 6.95 7.54 -22.88
C4 PMP Q . 7.60 5.50 -23.91
C4A PMP Q . 8.05 6.31 -25.20
N4A PMP Q . 9.35 6.76 -25.13
C5 PMP Q . 7.73 4.11 -23.83
C6 PMP Q . 7.51 3.48 -22.64
C5A PMP Q . 8.07 3.25 -25.05
O4P PMP Q . 6.92 3.16 -25.89
P PMP Q . 7.12 2.99 -27.48
O1P PMP Q . 7.73 4.23 -28.00
O2P PMP Q . 5.63 2.84 -28.00
O3P PMP Q . 7.84 1.70 -27.67
C1 MPD R . 0.17 -0.68 -29.88
C2 MPD R . 0.29 -2.14 -29.51
O2 MPD R . 0.67 -2.77 -30.75
CM MPD R . 1.37 -2.40 -28.50
C3 MPD R . -1.09 -2.82 -29.15
C4 MPD R . -1.95 -2.59 -27.84
O4 MPD R . -3.13 -3.34 -27.88
C5 MPD R . -1.29 -3.02 -26.52
N1 PMP S . 11.96 -19.42 0.29
C2 PMP S . 12.92 -19.12 1.22
C2A PMP S . 12.80 -17.78 1.97
C3 PMP S . 13.95 -20.02 1.46
O3 PMP S . 14.93 -19.70 2.37
C4 PMP S . 14.01 -21.21 0.77
C4A PMP S . 15.10 -22.28 1.17
N4A PMP S . 14.69 -23.07 2.23
C5 PMP S . 13.02 -21.47 -0.20
C6 PMP S . 12.02 -20.58 -0.42
C5A PMP S . 13.00 -22.76 -1.03
O4P PMP S . 14.09 -22.67 -1.97
P PMP S . 14.84 -24.01 -2.48
O1P PMP S . 15.55 -24.55 -1.30
O2P PMP S . 15.87 -23.42 -3.55
O3P PMP S . 13.84 -24.84 -3.18
C1 MPD T . 9.61 -40.66 -20.81
C2 MPD T . 10.17 -40.66 -19.39
O2 MPD T . 10.61 -42.02 -19.20
CM MPD T . 11.35 -39.75 -19.23
C3 MPD T . 9.10 -40.44 -18.26
C4 MPD T . 8.01 -39.29 -18.21
O4 MPD T . 7.23 -39.40 -17.05
C5 MPD T . 8.55 -37.85 -18.18
#